data_6GH2
#
_entry.id   6GH2
#
_cell.length_a   146.405
_cell.length_b   146.405
_cell.length_c   221.860
_cell.angle_alpha   90.000
_cell.angle_beta   90.000
_cell.angle_gamma   90.000
#
_symmetry.space_group_name_H-M   'P 41 21 2'
#
loop_
_entity.id
_entity.type
_entity.pdbx_description
1 polymer 'Laminaribiose phosphorylase'
2 non-polymer 'SULFATE ION'
3 non-polymer 1-O-phosphono-alpha-D-glucopyranose
4 non-polymer 1,2-ETHANEDIOL
5 non-polymer 'CHLORIDE ION'
6 water water
#
_entity_poly.entity_id   1
_entity_poly.type   'polypeptide(L)'
_entity_poly.pdbx_seq_one_letter_code
;GPMGQKGWKFQGEQGEFRLEQPEHNSYLYFPLVNEAGMMSAVTPNLHGEITSGHNTFLMEPVSAESLHNSKASRNFWVFI
EGYGAWSVSGNSARQNAARFTGEEERSAVEAGFLWHAVTRENEKAGLKARTVSFVPVTDDKIELMRVTLTNTGNAPLKLT
PTAAIPLYGRSADDLRDHRHVTSLLHRIFTSEYGIEVQPALSFDERGHRVNKVTYGVFGAEAGGTAPAGFFPVTEDFIGE
GGALDWPEAVVANREPDAQAGTAVEGYEAVGALRFAPVELAPGKSVSYVVAMVISGDRIDVGRYAADYLAAGRFDALLEQ
NRAYWRDKLDTVRFSSGDGEQDLWMKWVTLQPILRRLYGNSFLPYHDYGRGGRGWRDLWQDCLALMVMEPAEVRHLLLNN
YAGVRMDGSNATIIGAGPGEFVADRNNIPRVWMDHGAWPLMTTLLYLHQSGDLDLLFQPQSYFRDVFVKRCRERDASWTP
EQGNKLLTADGQIYEGTILEHILLQNIVPFFNVGEHGNIKLEGADWNDGLDLAPERGESVAFTAFYASNLMELSELLLEL
QKRTGKDSLDIAEEMALLLDTLGKPISYDSIQEKRSLLDRYYDAVTPRVSGKKLLLDIRKVAEDLKRKADWAVAHLRGSE
WIQSKEGYAWFNGYYNNDGERVEGDHPDGVRMTLTGQVFAIMGGVATDEQTEKISQAVNRYLKDERIGYRLNSRFGGIQQ
NLGRAFGFAFGHKENGAMFSHMTVMYANALYKRGFVQEGFEVLDSIYRLSADFENSRIYPGVPEYINERGRGMYTYLTGS
ASWLLLTQLTEVYGVKGRFGDLRLEPKLVQAQFDGSGEAAVETLFAGRMLRVVYRNPQAAEHGQYRVDSVSLNGQSVDCQ
NDGAGCLIGRSLIEALPADGVHELIVTLGRNIS
;
_entity_poly.pdbx_strand_id   A,B
#
loop_
_chem_comp.id
_chem_comp.type
_chem_comp.name
_chem_comp.formula
CL non-polymer 'CHLORIDE ION' 'Cl -1'
EDO non-polymer 1,2-ETHANEDIOL 'C2 H6 O2'
G1P D-saccharide 1-O-phosphono-alpha-D-glucopyranose 'C6 H13 O9 P'
SO4 non-polymer 'SULFATE ION' 'O4 S -2'
#
# COMPACT_ATOMS: atom_id res chain seq x y z
N LYS A 6 -2.11 -16.13 33.67
CA LYS A 6 -2.42 -17.40 32.92
C LYS A 6 -3.07 -17.15 31.53
N GLY A 7 -3.20 -18.26 30.81
CA GLY A 7 -3.87 -18.27 29.51
C GLY A 7 -5.37 -18.19 29.59
N TRP A 8 -6.01 -18.50 28.47
CA TRP A 8 -7.46 -18.62 28.42
C TRP A 8 -7.89 -19.91 29.12
N LYS A 9 -9.12 -19.90 29.63
CA LYS A 9 -9.71 -21.05 30.28
C LYS A 9 -11.08 -21.28 29.64
N PHE A 10 -11.33 -22.51 29.17
CA PHE A 10 -12.65 -22.91 28.66
C PHE A 10 -13.74 -22.82 29.74
N GLN A 11 -14.97 -22.53 29.32
CA GLN A 11 -16.12 -22.40 30.22
C GLN A 11 -17.33 -23.07 29.63
N GLY A 12 -17.97 -23.93 30.42
CA GLY A 12 -19.08 -24.73 29.91
C GLY A 12 -18.52 -25.82 29.03
N GLU A 13 -19.38 -26.44 28.23
CA GLU A 13 -19.00 -27.59 27.41
C GLU A 13 -19.22 -27.34 25.91
N GLN A 14 -19.42 -26.09 25.54
CA GLN A 14 -19.72 -25.71 24.17
C GLN A 14 -18.54 -25.00 23.47
N GLY A 15 -17.44 -24.78 24.18
CA GLY A 15 -16.21 -24.24 23.60
C GLY A 15 -16.00 -22.75 23.85
N GLU A 16 -16.90 -22.17 24.64
CA GLU A 16 -16.73 -20.81 25.11
C GLU A 16 -15.46 -20.71 25.99
N PHE A 17 -14.71 -19.62 25.87
CA PHE A 17 -13.54 -19.39 26.72
C PHE A 17 -13.47 -17.97 27.24
N ARG A 18 -12.61 -17.77 28.24
CA ARG A 18 -12.39 -16.49 28.89
C ARG A 18 -10.90 -16.28 29.05
N LEU A 19 -10.45 -15.04 28.86
CA LEU A 19 -9.05 -14.65 29.08
C LEU A 19 -9.01 -13.39 29.94
N GLU A 20 -8.41 -13.47 31.13
CA GLU A 20 -8.24 -12.29 31.98
C GLU A 20 -7.10 -11.41 31.48
N GLN A 21 -7.24 -10.10 31.65
CA GLN A 21 -6.25 -9.10 31.24
C GLN A 21 -5.72 -9.37 29.81
N PRO A 22 -6.63 -9.50 28.84
CA PRO A 22 -6.29 -9.93 27.49
C PRO A 22 -5.36 -9.00 26.75
N GLU A 23 -5.51 -7.69 26.98
CA GLU A 23 -4.64 -6.72 26.35
C GLU A 23 -3.22 -6.65 26.93
N HIS A 24 -2.90 -7.44 27.98
CA HIS A 24 -1.49 -7.69 28.37
C HIS A 24 -0.74 -8.62 27.37
N ASN A 25 -1.31 -8.88 26.20
CA ASN A 25 -0.74 -9.75 25.17
C ASN A 25 -0.75 -9.02 23.83
N SER A 26 0.36 -8.99 23.12
CA SER A 26 0.40 -8.31 21.84
C SER A 26 -0.23 -9.17 20.73
N TYR A 27 -0.78 -8.49 19.73
CA TYR A 27 -1.18 -9.11 18.44
C TYR A 27 -2.39 -10.07 18.47
N LEU A 28 -3.12 -10.14 19.58
CA LEU A 28 -4.31 -10.97 19.67
C LEU A 28 -5.43 -10.42 18.79
N TYR A 29 -6.16 -11.33 18.15
CA TYR A 29 -7.40 -10.97 17.44
C TYR A 29 -8.31 -12.19 17.24
N PHE A 30 -9.61 -11.92 17.12
CA PHE A 30 -10.66 -12.92 17.01
C PHE A 30 -11.51 -12.65 15.76
N PRO A 31 -11.96 -13.70 15.05
CA PRO A 31 -12.68 -13.49 13.79
C PRO A 31 -14.22 -13.46 13.92
N LEU A 32 -14.85 -12.52 13.23
CA LEU A 32 -16.31 -12.47 13.10
C LEU A 32 -16.64 -12.38 11.61
N VAL A 33 -17.49 -13.27 11.12
CA VAL A 33 -17.70 -13.43 9.68
C VAL A 33 -19.04 -14.08 9.33
N ASN A 34 -19.59 -13.74 8.17
CA ASN A 34 -20.78 -14.44 7.65
C ASN A 34 -20.66 -14.79 6.19
N GLU A 35 -21.59 -15.62 5.73
CA GLU A 35 -21.67 -16.05 4.33
C GLU A 35 -21.91 -14.87 3.41
N ALA A 36 -22.70 -13.90 3.86
CA ALA A 36 -23.02 -12.71 3.05
C ALA A 36 -21.79 -11.93 2.60
N GLY A 37 -20.71 -11.99 3.38
CA GLY A 37 -19.44 -11.39 3.01
C GLY A 37 -18.89 -10.32 3.92
N MET A 38 -19.43 -10.12 5.12
CA MET A 38 -18.80 -9.23 6.10
C MET A 38 -17.68 -9.99 6.77
N MET A 39 -16.45 -9.45 6.71
CA MET A 39 -15.29 -10.12 7.27
C MET A 39 -14.62 -9.20 8.26
N SER A 40 -14.57 -9.59 9.54
CA SER A 40 -14.02 -8.75 10.61
C SER A 40 -13.00 -9.44 11.47
N ALA A 41 -12.17 -8.64 12.11
CA ALA A 41 -11.26 -9.06 13.16
C ALA A 41 -11.39 -8.09 14.32
N VAL A 42 -11.40 -8.63 15.53
CA VAL A 42 -11.56 -7.81 16.72
C VAL A 42 -10.49 -8.18 17.78
N THR A 43 -9.76 -7.17 18.27
CA THR A 43 -8.73 -7.35 19.29
C THR A 43 -9.31 -7.13 20.68
N PRO A 44 -8.51 -7.39 21.73
CA PRO A 44 -9.04 -7.09 23.06
C PRO A 44 -9.47 -5.65 23.32
N ASN A 45 -8.89 -4.67 22.60
CA ASN A 45 -9.29 -3.25 22.74
C ASN A 45 -10.22 -2.79 21.60
N LEU A 46 -10.73 -3.75 20.84
CA LEU A 46 -11.70 -3.55 19.76
C LEU A 46 -11.09 -3.00 18.47
N HIS A 47 -9.76 -3.11 18.33
CA HIS A 47 -9.10 -2.82 17.06
C HIS A 47 -9.34 -4.00 16.11
N GLY A 48 -8.80 -3.89 14.91
CA GLY A 48 -8.82 -4.97 13.93
C GLY A 48 -9.19 -4.36 12.61
N GLU A 49 -10.13 -4.98 11.91
CA GLU A 49 -10.56 -4.43 10.65
C GLU A 49 -11.94 -4.97 10.31
N ILE A 50 -12.59 -4.32 9.37
CA ILE A 50 -13.92 -4.67 8.89
C ILE A 50 -13.87 -4.43 7.39
N THR A 51 -14.22 -5.46 6.63
CA THR A 51 -14.19 -5.36 5.19
C THR A 51 -15.11 -6.36 4.52
N SER A 52 -15.49 -6.04 3.29
CA SER A 52 -16.20 -6.96 2.43
C SER A 52 -15.37 -7.33 1.20
N GLY A 53 -14.11 -6.92 1.16
CA GLY A 53 -13.22 -7.27 0.05
C GLY A 53 -12.02 -6.35 -0.02
N HIS A 54 -11.11 -6.66 -0.93
CA HIS A 54 -9.89 -5.86 -1.09
C HIS A 54 -10.18 -4.38 -1.31
N ASN A 55 -11.20 -4.11 -2.14
CA ASN A 55 -11.54 -2.75 -2.54
C ASN A 55 -12.58 -2.06 -1.67
N THR A 56 -13.15 -2.75 -0.68
CA THR A 56 -14.27 -2.22 0.13
C THR A 56 -14.06 -2.37 1.65
N PHE A 57 -13.05 -1.69 2.16
CA PHE A 57 -12.74 -1.67 3.61
C PHE A 57 -13.56 -0.62 4.33
N LEU A 58 -14.31 -1.03 5.34
CA LEU A 58 -15.06 -0.08 6.17
C LEU A 58 -14.12 0.56 7.21
N MET A 59 -13.34 -0.24 7.91
CA MET A 59 -12.28 0.29 8.78
C MET A 59 -10.97 0.16 8.03
N GLU A 60 -9.98 0.93 8.47
CA GLU A 60 -8.67 0.97 7.83
C GLU A 60 -8.07 -0.42 7.74
N PRO A 61 -7.48 -0.76 6.57
CA PRO A 61 -6.68 -2.00 6.45
C PRO A 61 -5.50 -2.02 7.42
N VAL A 62 -5.24 -3.18 8.01
CA VAL A 62 -4.18 -3.32 9.00
C VAL A 62 -3.28 -4.50 8.73
N SER A 63 -2.09 -4.45 9.33
CA SER A 63 -1.25 -5.62 9.53
C SER A 63 -1.10 -5.80 11.05
N ALA A 64 -0.29 -6.76 11.46
CA ALA A 64 -0.01 -7.02 12.87
C ALA A 64 0.40 -5.79 13.69
N GLU A 65 1.35 -5.00 13.19
CA GLU A 65 1.89 -3.88 13.96
C GLU A 65 0.86 -2.79 14.26
N SER A 66 -0.10 -2.63 13.33
CA SER A 66 -1.22 -1.71 13.52
C SER A 66 -2.00 -1.94 14.83
N LEU A 67 -2.08 -3.19 15.27
CA LEU A 67 -2.93 -3.53 16.40
C LEU A 67 -2.46 -2.87 17.68
N HIS A 68 -1.17 -2.57 17.79
CA HIS A 68 -0.68 -1.67 18.83
C HIS A 68 -0.47 -0.24 18.34
N ASN A 69 0.02 -0.04 17.10
CA ASN A 69 0.53 1.28 16.70
C ASN A 69 -0.52 2.27 16.25
N SER A 70 -1.66 1.79 15.74
CA SER A 70 -2.77 2.64 15.32
C SER A 70 -3.76 2.82 16.45
N LYS A 71 -4.21 4.07 16.59
CA LYS A 71 -5.15 4.45 17.63
C LYS A 71 -6.60 4.21 17.21
N ALA A 72 -6.82 3.83 15.96
CA ALA A 72 -8.15 3.81 15.39
C ALA A 72 -8.90 2.48 15.60
N SER A 73 -8.98 2.03 16.83
CA SER A 73 -9.90 0.92 17.16
C SER A 73 -11.37 1.35 17.04
N ARG A 74 -12.26 0.37 16.97
CA ARG A 74 -13.65 0.63 17.32
C ARG A 74 -13.59 1.18 18.75
N ASN A 75 -14.47 2.10 19.09
CA ASN A 75 -14.45 2.62 20.43
C ASN A 75 -15.84 3.00 20.85
N PHE A 76 -16.02 3.10 22.15
CA PHE A 76 -17.23 3.61 22.71
C PHE A 76 -16.80 4.32 23.98
N TRP A 77 -17.18 5.59 24.05
CA TRP A 77 -16.72 6.45 25.10
C TRP A 77 -17.81 6.74 26.09
N VAL A 78 -17.40 6.97 27.33
CA VAL A 78 -18.27 7.48 28.37
C VAL A 78 -17.54 8.64 29.03
N PHE A 79 -18.16 9.81 29.02
CA PHE A 79 -17.68 10.92 29.81
C PHE A 79 -18.37 10.81 31.16
N ILE A 80 -17.60 10.41 32.17
CA ILE A 80 -18.15 10.18 33.50
C ILE A 80 -17.99 11.44 34.34
N GLU A 81 -19.09 11.95 34.87
CA GLU A 81 -19.05 13.14 35.73
C GLU A 81 -18.12 12.89 36.91
N GLY A 82 -17.27 13.87 37.22
CA GLY A 82 -16.26 13.76 38.27
C GLY A 82 -15.03 12.90 37.95
N TYR A 83 -14.92 12.42 36.72
CA TYR A 83 -13.82 11.54 36.29
C TYR A 83 -13.28 11.95 34.91
N GLY A 84 -14.16 12.02 33.91
CA GLY A 84 -13.82 12.48 32.56
C GLY A 84 -14.02 11.40 31.50
N ALA A 85 -13.29 11.51 30.40
CA ALA A 85 -13.37 10.55 29.30
C ALA A 85 -12.85 9.19 29.72
N TRP A 86 -13.49 8.15 29.18
CA TRP A 86 -13.22 6.75 29.51
C TRP A 86 -13.70 5.82 28.38
N SER A 87 -12.83 4.92 27.94
CA SER A 87 -13.12 3.98 26.85
C SER A 87 -13.57 2.66 27.43
N VAL A 88 -14.68 2.13 26.91
CA VAL A 88 -15.16 0.83 27.42
C VAL A 88 -14.24 -0.35 27.12
N SER A 89 -13.32 -0.19 26.16
CA SER A 89 -12.33 -1.21 25.82
C SER A 89 -10.93 -0.90 26.33
N GLY A 90 -10.78 0.21 27.04
CA GLY A 90 -9.48 0.65 27.51
C GLY A 90 -8.61 1.38 26.49
N ASN A 91 -9.11 1.67 25.30
CA ASN A 91 -8.32 2.40 24.32
C ASN A 91 -8.49 3.91 24.45
N SER A 92 -7.92 4.46 25.51
CA SER A 92 -7.71 5.89 25.65
C SER A 92 -6.27 6.14 26.10
N ALA A 93 -5.73 7.28 25.72
CA ALA A 93 -4.45 7.75 26.26
C ALA A 93 -4.34 7.55 27.77
N ARG A 94 -5.36 7.99 28.51
CA ARG A 94 -5.35 7.89 29.99
C ARG A 94 -5.24 6.46 30.46
N GLN A 95 -6.08 5.59 29.92
CA GLN A 95 -6.07 4.18 30.30
C GLN A 95 -4.82 3.42 29.83
N ASN A 96 -4.35 3.71 28.62
CA ASN A 96 -3.14 3.09 28.08
C ASN A 96 -1.91 3.46 28.94
N ALA A 97 -1.88 4.71 29.46
CA ALA A 97 -0.79 5.18 30.32
C ALA A 97 -0.64 4.44 31.67
N ALA A 98 -1.65 3.65 32.02
CA ALA A 98 -1.58 2.78 33.20
C ALA A 98 -0.91 1.45 32.92
N ARG A 99 -0.73 1.07 31.65
CA ARG A 99 -0.08 -0.19 31.32
C ARG A 99 1.37 -0.18 31.86
N PHE A 100 1.75 -1.30 32.46
CA PHE A 100 3.05 -1.55 33.09
C PHE A 100 3.30 -0.77 34.39
N THR A 101 2.27 -0.12 34.95
CA THR A 101 2.38 0.59 36.24
C THR A 101 1.80 -0.22 37.41
N GLY A 102 1.19 -1.38 37.13
CA GLY A 102 0.42 -2.11 38.12
C GLY A 102 -0.80 -1.37 38.63
N GLU A 103 -1.36 -0.47 37.82
CA GLU A 103 -2.61 0.25 38.14
C GLU A 103 -3.63 0.04 37.01
N GLU A 104 -3.48 -1.06 36.25
CA GLU A 104 -4.38 -1.37 35.14
C GLU A 104 -5.75 -1.69 35.70
N GLU A 105 -6.78 -1.37 34.92
CA GLU A 105 -8.14 -1.75 35.25
C GLU A 105 -8.32 -3.24 34.96
N ARG A 106 -9.23 -3.87 35.69
CA ARG A 106 -9.54 -5.28 35.48
C ARG A 106 -10.30 -5.40 34.17
N SER A 107 -9.98 -6.43 33.40
CA SER A 107 -10.59 -6.61 32.09
C SER A 107 -10.56 -8.08 31.66
N ALA A 108 -11.27 -8.38 30.59
CA ALA A 108 -11.45 -9.76 30.16
C ALA A 108 -12.03 -9.83 28.76
N VAL A 109 -11.64 -10.87 28.02
CA VAL A 109 -12.30 -11.28 26.79
C VAL A 109 -13.01 -12.58 27.09
N GLU A 110 -14.28 -12.69 26.70
CA GLU A 110 -14.95 -13.97 26.52
C GLU A 110 -15.28 -14.10 25.08
N ALA A 111 -15.29 -15.32 24.57
CA ALA A 111 -15.71 -15.53 23.20
C ALA A 111 -16.31 -16.91 22.99
N GLY A 112 -17.10 -17.05 21.94
CA GLY A 112 -17.70 -18.32 21.59
C GLY A 112 -17.98 -18.39 20.10
N PHE A 113 -18.94 -19.22 19.73
CA PHE A 113 -19.27 -19.48 18.33
C PHE A 113 -20.56 -18.73 17.91
N LEU A 114 -20.48 -17.63 17.17
CA LEU A 114 -19.28 -16.88 16.81
C LEU A 114 -19.45 -15.44 17.24
N TRP A 115 -18.85 -15.10 18.38
CA TRP A 115 -19.06 -13.83 19.05
C TRP A 115 -17.94 -13.55 20.04
N HIS A 116 -17.86 -12.31 20.52
CA HIS A 116 -16.71 -11.82 21.27
C HIS A 116 -17.20 -10.77 22.26
N ALA A 117 -16.63 -10.75 23.47
CA ALA A 117 -17.07 -9.85 24.54
C ALA A 117 -15.89 -9.30 25.31
N VAL A 118 -15.79 -7.98 25.37
CA VAL A 118 -14.77 -7.28 26.14
C VAL A 118 -15.42 -6.65 27.35
N THR A 119 -14.94 -6.99 28.54
CA THR A 119 -15.40 -6.38 29.79
C THR A 119 -14.32 -5.49 30.40
N ARG A 120 -14.74 -4.48 31.16
CA ARG A 120 -13.83 -3.56 31.81
C ARG A 120 -14.47 -2.92 33.02
N GLU A 121 -13.68 -2.70 34.07
CA GLU A 121 -14.16 -2.12 35.32
C GLU A 121 -13.37 -0.88 35.69
N ASN A 122 -14.07 0.22 35.94
CA ASN A 122 -13.48 1.44 36.48
C ASN A 122 -13.84 1.43 37.97
N GLU A 123 -12.90 1.03 38.83
CA GLU A 123 -13.10 1.04 40.29
C GLU A 123 -13.21 2.46 40.83
N LYS A 124 -12.47 3.42 40.27
CA LYS A 124 -12.54 4.83 40.71
C LYS A 124 -13.97 5.38 40.66
N ALA A 125 -14.60 5.29 39.49
CA ALA A 125 -15.94 5.83 39.26
C ALA A 125 -17.06 4.87 39.67
N GLY A 126 -16.77 3.57 39.72
CA GLY A 126 -17.77 2.54 39.99
C GLY A 126 -18.61 2.24 38.76
N LEU A 127 -17.93 1.95 37.65
CA LEU A 127 -18.60 1.64 36.39
C LEU A 127 -18.01 0.37 35.79
N LYS A 128 -18.87 -0.52 35.30
CA LYS A 128 -18.47 -1.71 34.55
C LYS A 128 -19.06 -1.57 33.15
N ALA A 129 -18.32 -1.97 32.14
CA ALA A 129 -18.80 -2.00 30.77
C ALA A 129 -18.60 -3.41 30.23
N ARG A 130 -19.49 -3.86 29.34
CA ARG A 130 -19.35 -5.14 28.65
C ARG A 130 -19.77 -4.90 27.22
N THR A 131 -18.86 -5.16 26.27
CA THR A 131 -19.10 -4.88 24.88
C THR A 131 -19.05 -6.16 24.08
N VAL A 132 -20.18 -6.54 23.48
CA VAL A 132 -20.34 -7.77 22.70
C VAL A 132 -20.33 -7.44 21.20
N SER A 133 -19.44 -8.09 20.45
CA SER A 133 -19.38 -7.99 18.99
C SER A 133 -19.76 -9.32 18.35
N PHE A 134 -20.57 -9.25 17.29
CA PHE A 134 -20.74 -10.38 16.39
C PHE A 134 -21.27 -9.91 15.05
N VAL A 135 -21.10 -10.78 14.05
CA VAL A 135 -21.64 -10.59 12.73
C VAL A 135 -22.89 -11.49 12.66
N PRO A 136 -24.09 -10.90 12.45
CA PRO A 136 -25.29 -11.71 12.25
C PRO A 136 -25.20 -12.67 11.10
N VAL A 137 -25.97 -13.75 11.16
CA VAL A 137 -26.02 -14.78 10.11
C VAL A 137 -27.12 -14.46 9.06
N THR A 138 -27.46 -13.18 8.91
CA THR A 138 -28.43 -12.69 7.94
C THR A 138 -27.77 -12.42 6.58
N ASP A 139 -28.56 -12.06 5.58
CA ASP A 139 -28.07 -11.77 4.22
C ASP A 139 -27.47 -10.35 4.03
N ASP A 140 -27.14 -9.66 5.12
CA ASP A 140 -26.52 -8.35 5.05
C ASP A 140 -25.07 -8.43 5.45
N LYS A 141 -24.27 -7.51 4.91
CA LYS A 141 -22.89 -7.37 5.33
C LYS A 141 -22.89 -6.37 6.47
N ILE A 142 -22.92 -6.91 7.69
CA ILE A 142 -23.11 -6.10 8.89
C ILE A 142 -22.38 -6.71 10.10
N GLU A 143 -21.79 -5.84 10.93
CA GLU A 143 -21.28 -6.19 12.24
C GLU A 143 -22.10 -5.40 13.28
N LEU A 144 -22.50 -6.06 14.37
CA LEU A 144 -23.19 -5.40 15.49
C LEU A 144 -22.32 -5.29 16.74
N MET A 145 -22.52 -4.22 17.50
CA MET A 145 -21.86 -4.02 18.78
C MET A 145 -22.92 -3.68 19.82
N ARG A 146 -22.86 -4.32 20.99
CA ARG A 146 -23.70 -3.90 22.12
C ARG A 146 -22.80 -3.55 23.29
N VAL A 147 -22.91 -2.32 23.77
CA VAL A 147 -22.22 -1.87 24.99
C VAL A 147 -23.26 -1.77 26.09
N THR A 148 -23.01 -2.46 27.20
CA THR A 148 -23.85 -2.36 28.38
C THR A 148 -23.03 -1.76 29.49
N LEU A 149 -23.50 -0.65 30.05
CA LEU A 149 -22.82 0.05 31.14
C LEU A 149 -23.57 -0.26 32.43
N THR A 150 -22.86 -0.53 33.53
CA THR A 150 -23.50 -0.86 34.81
C THR A 150 -22.87 -0.04 35.95
N ASN A 151 -23.70 0.64 36.74
CA ASN A 151 -23.24 1.35 37.94
C ASN A 151 -23.06 0.30 39.05
N THR A 152 -21.79 0.00 39.37
CA THR A 152 -21.43 -0.92 40.46
C THR A 152 -21.14 -0.21 41.79
N GLY A 153 -21.35 1.11 41.87
CA GLY A 153 -21.05 1.91 43.06
C GLY A 153 -22.29 2.23 43.89
N ASN A 154 -22.12 3.09 44.90
CA ASN A 154 -23.14 3.31 45.94
C ASN A 154 -24.03 4.55 45.70
N ALA A 155 -23.70 5.37 44.71
CA ALA A 155 -24.49 6.57 44.36
C ALA A 155 -24.72 6.65 42.84
N PRO A 156 -25.67 7.52 42.40
CA PRO A 156 -25.91 7.66 40.95
C PRO A 156 -24.71 8.17 40.14
N LEU A 157 -24.56 7.69 38.91
CA LEU A 157 -23.58 8.23 37.97
C LEU A 157 -24.27 8.98 36.84
N LYS A 158 -23.66 10.08 36.40
CA LYS A 158 -24.14 10.80 35.22
C LYS A 158 -23.11 10.60 34.10
N LEU A 159 -23.56 10.01 32.99
CA LEU A 159 -22.70 9.58 31.88
C LEU A 159 -23.16 10.21 30.58
N THR A 160 -22.21 10.52 29.71
CA THR A 160 -22.51 10.93 28.34
C THR A 160 -21.81 9.96 27.40
N PRO A 161 -22.58 9.11 26.69
CA PRO A 161 -21.97 8.10 25.82
C PRO A 161 -21.73 8.61 24.41
N THR A 162 -20.63 8.18 23.79
CA THR A 162 -20.32 8.48 22.40
C THR A 162 -19.73 7.24 21.75
N ALA A 163 -20.43 6.65 20.79
CA ALA A 163 -19.83 5.58 19.98
C ALA A 163 -18.92 6.25 18.96
N ALA A 164 -17.85 5.57 18.56
CA ALA A 164 -16.93 6.07 17.52
C ALA A 164 -16.25 4.91 16.78
N ILE A 165 -16.72 4.65 15.55
CA ILE A 165 -16.14 3.68 14.65
C ILE A 165 -15.42 4.49 13.57
N PRO A 166 -14.07 4.49 13.57
CA PRO A 166 -13.36 5.24 12.54
C PRO A 166 -13.58 4.60 11.20
N LEU A 167 -13.91 5.40 10.19
CA LEU A 167 -14.22 4.89 8.85
C LEU A 167 -13.06 5.14 7.88
N TYR A 168 -12.99 4.26 6.89
CA TYR A 168 -12.05 4.35 5.79
C TYR A 168 -12.85 4.36 4.50
N GLY A 169 -13.63 3.31 4.25
CA GLY A 169 -14.62 3.32 3.17
C GLY A 169 -14.07 3.40 1.76
N ARG A 170 -13.00 2.65 1.49
CA ARG A 170 -12.45 2.53 0.14
C ARG A 170 -11.46 1.35 0.04
N SER A 171 -10.73 1.27 -1.07
CA SER A 171 -9.79 0.20 -1.32
C SER A 171 -8.53 0.28 -0.47
N ALA A 172 -8.02 -0.89 -0.09
CA ALA A 172 -6.72 -1.00 0.55
C ALA A 172 -5.58 -0.45 -0.31
N ASP A 173 -5.78 -0.37 -1.63
CA ASP A 173 -4.83 0.30 -2.53
C ASP A 173 -4.55 1.75 -2.07
N ASP A 174 -5.57 2.41 -1.50
CA ASP A 174 -5.45 3.81 -1.05
C ASP A 174 -4.81 4.00 0.33
N LEU A 175 -4.30 2.94 0.97
CA LEU A 175 -3.83 3.04 2.36
C LEU A 175 -2.90 4.24 2.59
N ARG A 176 -1.88 4.33 1.74
CA ARG A 176 -1.00 5.51 1.69
C ARG A 176 -1.05 6.15 0.31
N ASP A 177 -0.86 5.33 -0.72
CA ASP A 177 -0.85 5.77 -2.12
C ASP A 177 -2.18 6.50 -2.40
N HIS A 178 -2.12 7.82 -2.64
CA HIS A 178 -3.30 8.67 -2.86
C HIS A 178 -4.30 8.63 -1.69
N ARG A 179 -3.80 8.39 -0.48
CA ARG A 179 -4.65 8.31 0.71
C ARG A 179 -5.41 9.62 0.91
N HIS A 180 -4.67 10.73 0.88
CA HIS A 180 -5.30 12.01 1.12
C HIS A 180 -6.21 12.50 -0.01
N VAL A 181 -5.71 12.40 -1.25
CA VAL A 181 -6.50 12.73 -2.42
C VAL A 181 -7.83 11.98 -2.41
N THR A 182 -7.81 10.69 -2.07
CA THR A 182 -9.05 9.92 -2.09
C THR A 182 -10.00 10.33 -0.96
N SER A 183 -9.49 10.94 0.10
CA SER A 183 -10.37 11.47 1.16
C SER A 183 -11.25 12.60 0.63
N LEU A 184 -10.77 13.31 -0.39
CA LEU A 184 -11.54 14.37 -1.01
C LEU A 184 -12.80 13.86 -1.76
N LEU A 185 -12.83 12.57 -2.10
CA LEU A 185 -13.96 11.96 -2.78
C LEU A 185 -15.08 11.53 -1.81
N HIS A 186 -14.78 11.53 -0.50
CA HIS A 186 -15.79 11.20 0.52
C HIS A 186 -17.03 12.11 0.45
N ARG A 187 -18.19 11.47 0.62
CA ARG A 187 -19.46 12.14 0.81
C ARG A 187 -20.09 11.51 2.06
N ILE A 188 -20.31 12.32 3.07
CA ILE A 188 -20.90 11.87 4.32
C ILE A 188 -22.34 12.35 4.42
N PHE A 189 -23.26 11.44 4.76
CA PHE A 189 -24.69 11.78 4.90
C PHE A 189 -25.12 11.35 6.28
N THR A 190 -25.63 12.26 7.08
CA THR A 190 -26.20 11.90 8.37
C THR A 190 -27.70 11.76 8.24
N SER A 191 -28.25 10.86 9.04
CA SER A 191 -29.68 10.65 9.18
C SER A 191 -29.99 10.32 10.66
N GLU A 192 -31.26 10.03 10.96
CA GLU A 192 -31.70 9.87 12.34
C GLU A 192 -30.84 8.92 13.13
N TYR A 193 -30.52 7.77 12.57
CA TYR A 193 -29.79 6.73 13.33
C TYR A 193 -28.25 6.72 13.12
N GLY A 194 -27.72 7.52 12.18
CA GLY A 194 -26.27 7.51 11.96
C GLY A 194 -25.75 8.15 10.69
N ILE A 195 -24.67 7.56 10.18
CA ILE A 195 -23.76 8.20 9.23
C ILE A 195 -23.50 7.24 8.08
N GLU A 196 -23.71 7.71 6.85
CA GLU A 196 -23.35 6.95 5.66
C GLU A 196 -22.18 7.65 4.98
N VAL A 197 -21.23 6.86 4.47
CA VAL A 197 -20.16 7.38 3.63
C VAL A 197 -20.23 6.70 2.27
N GLN A 198 -20.41 7.49 1.22
CA GLN A 198 -20.46 6.99 -0.15
C GLN A 198 -19.54 7.87 -1.00
N PRO A 199 -18.30 7.42 -1.23
CA PRO A 199 -17.42 8.19 -2.10
C PRO A 199 -18.06 8.41 -3.46
N ALA A 200 -17.80 9.58 -4.03
CA ALA A 200 -18.31 9.91 -5.36
C ALA A 200 -17.64 9.04 -6.45
N LEU A 201 -16.34 8.81 -6.27
CA LEU A 201 -15.53 7.99 -7.15
C LEU A 201 -14.63 7.09 -6.32
N SER A 202 -14.10 6.05 -6.96
CA SER A 202 -13.04 5.23 -6.43
C SER A 202 -11.81 5.44 -7.32
N PHE A 203 -10.66 5.72 -6.70
CA PHE A 203 -9.33 5.67 -7.36
C PHE A 203 -8.59 4.49 -6.72
N ASP A 204 -8.35 3.43 -7.48
CA ASP A 204 -7.56 2.27 -7.01
C ASP A 204 -6.97 1.53 -8.21
N GLU A 205 -6.47 0.31 -8.04
CA GLU A 205 -5.88 -0.44 -9.17
C GLU A 205 -6.89 -0.81 -10.28
N ARG A 206 -8.20 -0.69 -10.02
CA ARG A 206 -9.21 -0.89 -11.07
C ARG A 206 -9.31 0.33 -11.99
N GLY A 207 -8.73 1.46 -11.59
CA GLY A 207 -8.82 2.70 -12.33
C GLY A 207 -9.62 3.75 -11.57
N HIS A 208 -10.06 4.76 -12.30
CA HIS A 208 -10.91 5.81 -11.76
C HIS A 208 -12.34 5.54 -12.20
N ARG A 209 -13.22 5.31 -11.25
CA ARG A 209 -14.60 4.91 -11.52
C ARG A 209 -15.63 5.55 -10.61
N VAL A 210 -16.87 5.58 -11.08
CA VAL A 210 -17.99 5.95 -10.22
C VAL A 210 -18.13 4.89 -9.12
N ASN A 211 -18.35 5.34 -7.89
CA ASN A 211 -18.62 4.46 -6.77
C ASN A 211 -20.06 4.66 -6.31
N LYS A 212 -20.72 3.56 -5.98
CA LYS A 212 -22.01 3.61 -5.28
C LYS A 212 -21.94 2.97 -3.90
N VAL A 213 -20.87 2.25 -3.59
CA VAL A 213 -20.76 1.55 -2.33
C VAL A 213 -20.81 2.50 -1.14
N THR A 214 -21.59 2.10 -0.13
CA THR A 214 -21.87 2.91 1.02
C THR A 214 -21.49 2.17 2.28
N TYR A 215 -20.81 2.90 3.17
CA TYR A 215 -20.34 2.39 4.42
C TYR A 215 -21.14 3.14 5.47
N GLY A 216 -21.79 2.41 6.39
CA GLY A 216 -22.71 2.98 7.37
C GLY A 216 -22.38 2.64 8.83
N VAL A 217 -22.48 3.63 9.72
CA VAL A 217 -22.42 3.39 11.17
C VAL A 217 -23.70 3.97 11.77
N PHE A 218 -24.48 3.12 12.44
CA PHE A 218 -25.75 3.53 13.01
C PHE A 218 -25.85 3.03 14.44
N GLY A 219 -26.69 3.68 15.24
CA GLY A 219 -26.81 3.38 16.65
C GLY A 219 -28.14 3.71 17.27
N ALA A 220 -28.41 3.10 18.41
CA ALA A 220 -29.60 3.40 19.20
C ALA A 220 -29.40 2.96 20.63
N GLU A 221 -30.12 3.59 21.55
CA GLU A 221 -30.21 3.06 22.90
C GLU A 221 -30.99 1.76 22.84
N ALA A 222 -30.92 1.00 23.93
CA ALA A 222 -31.67 -0.26 24.06
C ALA A 222 -33.16 -0.13 23.74
N GLY A 223 -33.78 0.96 24.19
CA GLY A 223 -35.21 1.20 23.94
C GLY A 223 -35.58 1.66 22.54
N GLY A 224 -34.60 1.92 21.68
CA GLY A 224 -34.83 2.30 20.29
C GLY A 224 -34.63 3.77 20.00
N THR A 225 -34.18 4.52 21.02
CA THR A 225 -34.03 5.98 20.94
C THR A 225 -32.76 6.29 20.16
N ALA A 226 -32.90 7.19 19.20
CA ALA A 226 -31.80 7.55 18.31
C ALA A 226 -30.71 8.36 19.03
N PRO A 227 -29.54 8.50 18.38
CA PRO A 227 -28.53 9.37 18.95
C PRO A 227 -28.98 10.82 19.02
N ALA A 228 -28.47 11.57 20.00
CA ALA A 228 -28.72 13.01 20.10
C ALA A 228 -28.00 13.77 19.00
N GLY A 229 -26.93 13.20 18.46
CA GLY A 229 -26.27 13.84 17.33
C GLY A 229 -24.98 13.16 16.97
N PHE A 230 -24.23 13.82 16.08
CA PHE A 230 -23.09 13.21 15.41
C PHE A 230 -21.85 14.10 15.28
N PHE A 231 -20.69 13.46 15.18
CA PHE A 231 -19.45 14.11 14.78
C PHE A 231 -18.92 13.34 13.58
N PRO A 232 -19.47 13.58 12.39
CA PRO A 232 -19.14 12.69 11.26
C PRO A 232 -17.76 12.89 10.64
N VAL A 233 -17.11 14.03 10.93
CA VAL A 233 -15.84 14.42 10.33
C VAL A 233 -14.71 14.16 11.31
N THR A 234 -13.74 13.33 10.91
CA THR A 234 -12.75 12.82 11.82
C THR A 234 -11.94 13.93 12.44
N GLU A 235 -11.44 14.87 11.64
CA GLU A 235 -10.60 15.94 12.22
C GLU A 235 -11.36 16.88 13.22
N ASP A 236 -12.68 16.98 13.04
CA ASP A 236 -13.53 17.73 13.97
C ASP A 236 -13.81 16.96 15.25
N PHE A 237 -14.01 15.66 15.11
CA PHE A 237 -14.21 14.78 16.26
C PHE A 237 -12.98 14.77 17.16
N ILE A 238 -11.80 14.54 16.59
CA ILE A 238 -10.55 14.46 17.39
C ILE A 238 -10.09 15.83 17.88
N GLY A 239 -10.39 16.87 17.11
CA GLY A 239 -9.95 18.22 17.44
C GLY A 239 -8.55 18.52 16.92
N GLU A 240 -8.23 19.80 16.85
CA GLU A 240 -6.88 20.23 16.42
C GLU A 240 -5.80 19.68 17.38
N GLY A 241 -4.92 18.86 16.84
CA GLY A 241 -3.92 18.18 17.64
C GLY A 241 -4.42 17.01 18.45
N GLY A 242 -5.62 16.53 18.17
CA GLY A 242 -6.18 15.39 18.86
C GLY A 242 -5.94 14.09 18.12
N ALA A 243 -6.50 13.02 18.67
CA ALA A 243 -6.34 11.67 18.11
C ALA A 243 -7.54 10.79 18.49
N LEU A 244 -7.73 9.70 17.78
CA LEU A 244 -8.89 8.85 18.01
C LEU A 244 -8.90 8.17 19.39
N ASP A 245 -7.74 8.07 20.06
CA ASP A 245 -7.70 7.58 21.45
C ASP A 245 -7.72 8.68 22.51
N TRP A 246 -7.89 9.94 22.10
CA TRP A 246 -8.12 11.05 23.01
C TRP A 246 -8.76 12.21 22.25
N PRO A 247 -10.00 12.02 21.78
CA PRO A 247 -10.62 13.02 20.92
C PRO A 247 -11.29 14.16 21.69
N GLU A 248 -11.08 15.39 21.25
CA GLU A 248 -11.63 16.58 21.90
C GLU A 248 -13.15 16.50 22.10
N ALA A 249 -13.86 16.05 21.07
CA ALA A 249 -15.31 15.96 21.14
C ALA A 249 -15.78 15.21 22.38
N VAL A 250 -15.05 14.16 22.75
CA VAL A 250 -15.34 13.37 23.94
C VAL A 250 -14.66 13.97 25.16
N VAL A 251 -13.37 14.27 25.08
CA VAL A 251 -12.59 14.72 26.26
C VAL A 251 -13.13 16.04 26.84
N ALA A 252 -13.45 17.01 25.98
CA ALA A 252 -14.04 18.29 26.40
C ALA A 252 -15.58 18.27 26.40
N ASN A 253 -16.17 17.12 26.09
CA ASN A 253 -17.64 16.93 26.12
C ASN A 253 -18.37 18.01 25.32
N ARG A 254 -17.98 18.19 24.06
CA ARG A 254 -18.56 19.19 23.17
C ARG A 254 -19.94 18.77 22.71
N GLU A 255 -20.75 19.75 22.31
CA GLU A 255 -22.06 19.48 21.69
C GLU A 255 -21.83 18.93 20.28
N PRO A 256 -22.73 18.04 19.80
CA PRO A 256 -22.67 17.48 18.46
C PRO A 256 -22.46 18.49 17.33
N ASP A 257 -21.63 18.12 16.35
CA ASP A 257 -21.39 18.95 15.17
C ASP A 257 -22.56 18.93 14.20
N ALA A 258 -23.29 17.82 14.12
CA ALA A 258 -24.31 17.61 13.12
C ALA A 258 -25.52 16.88 13.66
N GLN A 259 -26.65 17.17 13.05
CA GLN A 259 -27.88 16.45 13.31
C GLN A 259 -28.26 15.71 12.03
N ALA A 260 -29.35 14.95 12.08
CA ALA A 260 -29.92 14.31 10.88
C ALA A 260 -30.14 15.28 9.70
N GLY A 261 -29.82 14.82 8.49
CA GLY A 261 -29.99 15.61 7.25
C GLY A 261 -28.81 16.44 6.77
N THR A 262 -27.74 16.46 7.55
CA THR A 262 -26.49 17.14 7.20
C THR A 262 -25.72 16.33 6.13
N ALA A 263 -25.21 17.00 5.11
CA ALA A 263 -24.23 16.38 4.21
C ALA A 263 -22.89 17.09 4.38
N VAL A 264 -21.79 16.34 4.39
CA VAL A 264 -20.45 16.93 4.42
C VAL A 264 -19.60 16.23 3.39
N GLU A 265 -18.86 17.00 2.58
N GLU A 265 -18.86 17.00 2.58
CA GLU A 265 -18.04 16.45 1.52
CA GLU A 265 -18.05 16.43 1.51
C GLU A 265 -16.56 16.68 1.74
C GLU A 265 -16.56 16.68 1.74
N GLY A 266 -15.74 15.71 1.33
CA GLY A 266 -14.27 15.88 1.23
C GLY A 266 -13.37 15.55 2.40
N TYR A 267 -13.92 14.94 3.46
CA TYR A 267 -13.17 14.66 4.68
C TYR A 267 -13.21 13.19 5.09
N GLU A 268 -12.14 12.74 5.75
CA GLU A 268 -12.12 11.44 6.38
C GLU A 268 -13.23 11.42 7.42
N ALA A 269 -13.87 10.26 7.56
CA ALA A 269 -15.11 10.16 8.30
C ALA A 269 -14.96 9.28 9.51
N VAL A 270 -15.77 9.55 10.53
CA VAL A 270 -15.88 8.68 11.68
C VAL A 270 -17.36 8.54 12.07
N GLY A 271 -17.78 7.31 12.33
CA GLY A 271 -19.12 7.04 12.83
C GLY A 271 -19.17 7.36 14.31
N ALA A 272 -19.20 8.65 14.63
CA ALA A 272 -19.23 9.12 16.01
C ALA A 272 -20.66 9.52 16.36
N LEU A 273 -21.30 8.70 17.18
CA LEU A 273 -22.69 8.84 17.53
C LEU A 273 -22.73 9.26 18.99
N ARG A 274 -23.22 10.46 19.25
CA ARG A 274 -23.40 10.96 20.61
C ARG A 274 -24.79 10.61 21.09
N PHE A 275 -24.90 9.90 22.20
CA PHE A 275 -26.19 9.55 22.80
C PHE A 275 -26.56 10.55 23.88
N ALA A 276 -27.85 10.57 24.24
CA ALA A 276 -28.35 11.42 25.33
C ALA A 276 -27.60 11.12 26.63
N PRO A 277 -27.32 12.18 27.42
CA PRO A 277 -26.82 11.93 28.76
C PRO A 277 -27.83 11.15 29.58
N VAL A 278 -27.32 10.35 30.52
CA VAL A 278 -28.16 9.41 31.24
C VAL A 278 -27.70 9.33 32.68
N GLU A 279 -28.67 9.27 33.59
CA GLU A 279 -28.40 9.02 35.00
C GLU A 279 -28.68 7.55 35.28
N LEU A 280 -27.67 6.90 35.83
CA LEU A 280 -27.66 5.46 36.02
C LEU A 280 -27.73 5.16 37.52
N ALA A 281 -28.81 4.50 37.95
CA ALA A 281 -28.98 4.19 39.39
C ALA A 281 -27.97 3.12 39.84
N PRO A 282 -27.64 3.08 41.16
CA PRO A 282 -26.78 2.00 41.68
C PRO A 282 -27.37 0.64 41.33
N GLY A 283 -26.56 -0.24 40.73
CA GLY A 283 -27.01 -1.58 40.35
C GLY A 283 -27.62 -1.73 38.97
N LYS A 284 -28.04 -0.64 38.34
CA LYS A 284 -28.83 -0.72 37.11
C LYS A 284 -27.93 -0.52 35.88
N SER A 285 -28.45 -0.91 34.73
CA SER A 285 -27.70 -0.89 33.47
C SER A 285 -28.35 -0.02 32.40
N VAL A 286 -27.54 0.39 31.42
CA VAL A 286 -28.01 0.98 30.16
C VAL A 286 -27.21 0.38 29.04
N SER A 287 -27.85 0.14 27.91
CA SER A 287 -27.18 -0.49 26.78
C SER A 287 -27.36 0.30 25.49
N TYR A 288 -26.42 0.11 24.56
CA TYR A 288 -26.42 0.80 23.27
C TYR A 288 -26.09 -0.22 22.20
N VAL A 289 -26.75 -0.12 21.05
CA VAL A 289 -26.47 -1.00 19.92
C VAL A 289 -25.97 -0.18 18.76
N VAL A 290 -24.80 -0.57 18.22
CA VAL A 290 -24.18 0.06 17.07
C VAL A 290 -24.08 -0.96 15.95
N ALA A 291 -24.33 -0.51 14.73
CA ALA A 291 -24.30 -1.37 13.55
C ALA A 291 -23.36 -0.76 12.51
N MET A 292 -22.55 -1.60 11.90
CA MET A 292 -21.56 -1.20 10.89
C MET A 292 -21.92 -1.95 9.62
N VAL A 293 -22.22 -1.22 8.56
CA VAL A 293 -22.86 -1.79 7.40
C VAL A 293 -22.10 -1.44 6.15
N ILE A 294 -21.95 -2.43 5.26
CA ILE A 294 -21.43 -2.21 3.93
C ILE A 294 -22.50 -2.64 2.93
N SER A 295 -22.86 -1.75 2.01
CA SER A 295 -23.88 -2.04 1.00
C SER A 295 -23.46 -1.53 -0.37
N GLY A 296 -23.99 -2.15 -1.43
CA GLY A 296 -23.68 -1.76 -2.81
C GLY A 296 -24.22 -0.42 -3.26
N ASP A 297 -25.18 0.13 -2.53
CA ASP A 297 -25.71 1.48 -2.79
C ASP A 297 -26.08 2.15 -1.46
N ARG A 298 -26.70 3.31 -1.52
CA ARG A 298 -27.20 3.98 -0.32
C ARG A 298 -28.10 3.03 0.50
N ILE A 299 -27.94 3.10 1.81
CA ILE A 299 -28.54 2.15 2.71
C ILE A 299 -29.98 2.59 3.07
N ASP A 300 -30.92 1.64 3.04
CA ASP A 300 -32.25 1.86 3.58
C ASP A 300 -32.15 1.88 5.11
N VAL A 301 -31.88 3.04 5.69
CA VAL A 301 -31.52 3.15 7.10
C VAL A 301 -32.70 2.80 8.01
N GLY A 302 -33.92 3.12 7.55
CA GLY A 302 -35.13 2.66 8.20
C GLY A 302 -35.20 1.16 8.37
N ARG A 303 -34.94 0.41 7.29
CA ARG A 303 -35.00 -1.06 7.37
C ARG A 303 -33.94 -1.60 8.36
N TYR A 304 -32.71 -1.10 8.25
CA TYR A 304 -31.64 -1.53 9.16
C TYR A 304 -31.98 -1.20 10.63
N ALA A 305 -32.58 -0.04 10.86
CA ALA A 305 -32.97 0.36 12.22
C ALA A 305 -34.01 -0.59 12.79
N ALA A 306 -34.99 -0.95 11.96
CA ALA A 306 -36.01 -1.92 12.35
C ALA A 306 -35.45 -3.32 12.58
N ASP A 307 -34.54 -3.77 11.72
CA ASP A 307 -34.00 -5.13 11.82
C ASP A 307 -32.90 -5.34 12.86
N TYR A 308 -32.14 -4.30 13.18
CA TYR A 308 -30.95 -4.43 14.02
C TYR A 308 -30.93 -3.57 15.29
N LEU A 309 -31.53 -2.37 15.26
CA LEU A 309 -31.49 -1.43 16.39
C LEU A 309 -32.75 -1.39 17.29
N ALA A 310 -33.87 -1.91 16.81
CA ALA A 310 -35.10 -1.95 17.61
C ALA A 310 -34.88 -2.84 18.85
N ALA A 311 -35.69 -2.63 19.88
CA ALA A 311 -35.50 -3.32 21.17
C ALA A 311 -35.52 -4.85 21.03
N GLY A 312 -34.48 -5.50 21.58
CA GLY A 312 -34.36 -6.94 21.55
C GLY A 312 -33.95 -7.60 20.23
N ARG A 313 -33.60 -6.81 19.22
CA ARG A 313 -33.12 -7.34 17.94
C ARG A 313 -31.70 -7.90 18.08
N PHE A 314 -30.81 -7.16 18.73
CA PHE A 314 -29.44 -7.61 19.02
C PHE A 314 -29.47 -8.99 19.67
N ASP A 315 -30.22 -9.10 20.77
CA ASP A 315 -30.26 -10.32 21.57
C ASP A 315 -30.81 -11.49 20.77
N ALA A 316 -31.82 -11.22 19.93
CA ALA A 316 -32.44 -12.27 19.12
C ALA A 316 -31.50 -12.77 18.04
N LEU A 317 -30.81 -11.83 17.39
CA LEU A 317 -29.87 -12.13 16.31
C LEU A 317 -28.64 -12.87 16.81
N LEU A 318 -28.22 -12.54 18.04
CA LEU A 318 -27.13 -13.24 18.71
C LEU A 318 -27.49 -14.69 18.99
N GLU A 319 -28.71 -14.95 19.47
CA GLU A 319 -29.23 -16.32 19.61
C GLU A 319 -29.24 -17.03 18.24
N GLN A 320 -29.71 -16.36 17.20
CA GLN A 320 -29.71 -16.93 15.86
C GLN A 320 -28.29 -17.31 15.41
N ASN A 321 -27.32 -16.41 15.68
CA ASN A 321 -25.90 -16.63 15.38
C ASN A 321 -25.36 -17.88 16.12
N ARG A 322 -25.57 -17.90 17.44
CA ARG A 322 -25.17 -19.05 18.27
C ARG A 322 -25.74 -20.38 17.75
N ALA A 323 -27.02 -20.41 17.41
CA ALA A 323 -27.65 -21.62 16.86
C ALA A 323 -27.08 -22.04 15.50
N TYR A 324 -26.83 -21.08 14.61
CA TYR A 324 -26.33 -21.40 13.27
C TYR A 324 -24.96 -22.06 13.36
N TRP A 325 -24.09 -21.48 14.18
CA TRP A 325 -22.74 -22.00 14.36
C TRP A 325 -22.74 -23.32 15.12
N ARG A 326 -23.57 -23.45 16.15
CA ARG A 326 -23.74 -24.75 16.84
C ARG A 326 -24.14 -25.83 15.83
N ASP A 327 -25.06 -25.50 14.92
CA ASP A 327 -25.48 -26.44 13.88
C ASP A 327 -24.36 -26.80 12.88
N LYS A 328 -23.55 -25.83 12.48
CA LYS A 328 -22.40 -26.12 11.61
C LYS A 328 -21.37 -27.03 12.26
N LEU A 329 -21.07 -26.76 13.52
CA LEU A 329 -19.97 -27.44 14.23
C LEU A 329 -20.34 -28.79 14.87
N ASP A 330 -21.62 -29.02 15.14
CA ASP A 330 -22.09 -30.31 15.69
C ASP A 330 -22.01 -31.52 14.74
N THR A 331 -21.68 -31.28 13.48
CA THR A 331 -21.40 -32.33 12.50
C THR A 331 -20.17 -33.22 12.85
N VAL A 332 -19.24 -32.68 13.63
CA VAL A 332 -18.08 -33.41 14.13
C VAL A 332 -17.86 -33.02 15.58
N ARG A 333 -18.00 -34.00 16.48
CA ARG A 333 -17.75 -33.78 17.90
C ARG A 333 -16.91 -34.93 18.44
N PHE A 334 -15.81 -34.57 19.09
CA PHE A 334 -14.92 -35.53 19.70
C PHE A 334 -15.13 -35.53 21.20
N SER A 335 -14.92 -36.69 21.81
CA SER A 335 -15.14 -36.85 23.23
C SER A 335 -14.16 -37.90 23.76
N SER A 336 -13.36 -37.52 24.75
CA SER A 336 -12.21 -38.32 25.19
C SER A 336 -11.81 -37.96 26.62
N GLY A 337 -10.71 -38.55 27.08
CA GLY A 337 -10.14 -38.25 28.39
C GLY A 337 -9.41 -36.94 28.46
N ASP A 338 -9.23 -36.29 27.32
CA ASP A 338 -8.64 -34.96 27.22
C ASP A 338 -9.77 -33.97 26.84
N GLY A 339 -10.49 -33.52 27.86
CA GLY A 339 -11.63 -32.61 27.71
C GLY A 339 -11.24 -31.27 27.12
N GLU A 340 -10.13 -30.71 27.61
CA GLU A 340 -9.57 -29.47 27.06
C GLU A 340 -9.26 -29.62 25.55
N GLN A 341 -8.68 -30.75 25.13
CA GLN A 341 -8.39 -30.96 23.70
C GLN A 341 -9.65 -31.17 22.85
N ASP A 342 -10.67 -31.85 23.38
CA ASP A 342 -11.95 -32.03 22.66
C ASP A 342 -12.58 -30.69 22.30
N LEU A 343 -12.49 -29.72 23.21
CA LEU A 343 -13.06 -28.38 23.03
C LEU A 343 -12.15 -27.53 22.15
N TRP A 344 -10.84 -27.69 22.30
CA TRP A 344 -9.88 -27.07 21.40
C TRP A 344 -10.16 -27.52 19.97
N MET A 345 -10.45 -28.81 19.78
CA MET A 345 -10.75 -29.34 18.44
C MET A 345 -12.02 -28.79 17.81
N LYS A 346 -12.96 -28.34 18.64
CA LYS A 346 -14.17 -27.68 18.13
C LYS A 346 -13.77 -26.37 17.42
N TRP A 347 -12.83 -25.63 17.99
CA TRP A 347 -12.28 -24.46 17.33
C TRP A 347 -11.49 -24.82 16.05
N VAL A 348 -10.75 -25.91 16.07
CA VAL A 348 -10.08 -26.42 14.87
C VAL A 348 -11.12 -26.73 13.79
N THR A 349 -12.24 -27.30 14.22
CA THR A 349 -13.33 -27.66 13.31
C THR A 349 -13.97 -26.44 12.64
N LEU A 350 -13.96 -25.29 13.33
CA LEU A 350 -14.45 -24.03 12.76
C LEU A 350 -13.56 -23.52 11.61
N GLN A 351 -12.27 -23.78 11.70
CA GLN A 351 -11.29 -23.09 10.86
C GLN A 351 -11.46 -23.30 9.36
N PRO A 352 -11.81 -24.51 8.90
CA PRO A 352 -11.98 -24.67 7.45
C PRO A 352 -13.08 -23.78 6.86
N ILE A 353 -14.13 -23.52 7.65
CA ILE A 353 -15.23 -22.65 7.26
C ILE A 353 -14.72 -21.22 7.12
N LEU A 354 -13.91 -20.79 8.10
CA LEU A 354 -13.30 -19.45 8.09
C LEU A 354 -12.42 -19.22 6.86
N ARG A 355 -11.61 -20.21 6.49
CA ARG A 355 -10.77 -20.09 5.31
C ARG A 355 -11.61 -19.85 4.05
N ARG A 356 -12.73 -20.54 3.92
CA ARG A 356 -13.66 -20.33 2.81
C ARG A 356 -14.24 -18.93 2.86
N LEU A 357 -14.72 -18.52 4.02
CA LEU A 357 -15.45 -17.26 4.14
C LEU A 357 -14.56 -16.03 4.11
N TYR A 358 -13.29 -16.17 4.46
CA TYR A 358 -12.32 -15.07 4.38
C TYR A 358 -11.48 -15.11 3.09
N GLY A 359 -11.56 -16.22 2.36
CA GLY A 359 -10.69 -16.43 1.20
C GLY A 359 -9.22 -16.28 1.57
N ASN A 360 -8.84 -16.89 2.70
CA ASN A 360 -7.46 -16.87 3.21
C ASN A 360 -6.86 -15.45 3.31
N SER A 361 -7.69 -14.47 3.67
CA SER A 361 -7.34 -13.04 3.66
C SER A 361 -8.06 -12.23 4.74
N PHE A 362 -7.72 -10.94 4.84
CA PHE A 362 -8.45 -9.97 5.66
C PHE A 362 -8.51 -10.31 7.16
N LEU A 363 -7.45 -10.95 7.67
CA LEU A 363 -7.16 -10.89 9.09
C LEU A 363 -5.76 -10.27 9.23
N PRO A 364 -5.47 -9.64 10.37
CA PRO A 364 -4.23 -8.83 10.46
C PRO A 364 -2.93 -9.46 9.95
N TYR A 365 -2.64 -10.73 10.28
CA TYR A 365 -1.39 -11.36 9.79
C TYR A 365 -1.46 -11.59 8.28
N HIS A 366 -2.64 -12.03 7.80
CA HIS A 366 -2.84 -12.31 6.38
C HIS A 366 -3.02 -10.99 5.61
N ASP A 367 -1.97 -10.19 5.60
CA ASP A 367 -2.01 -8.83 5.11
C ASP A 367 -1.78 -8.69 3.59
N TYR A 368 -1.44 -9.79 2.92
CA TYR A 368 -1.18 -9.82 1.47
C TYR A 368 -2.41 -10.32 0.70
N GLY A 369 -3.30 -11.06 1.35
CA GLY A 369 -4.42 -11.68 0.65
C GLY A 369 -5.46 -10.71 0.13
N ARG A 370 -6.03 -11.04 -1.04
CA ARG A 370 -7.06 -10.23 -1.72
C ARG A 370 -8.41 -10.89 -1.89
N GLY A 371 -8.63 -12.02 -1.21
CA GLY A 371 -9.94 -12.63 -1.13
C GLY A 371 -10.21 -13.80 -2.05
N GLY A 372 -9.36 -14.00 -3.06
CA GLY A 372 -9.54 -15.10 -4.02
C GLY A 372 -9.25 -16.49 -3.49
N ARG A 373 -9.39 -17.49 -4.34
CA ARG A 373 -9.03 -18.87 -4.02
C ARG A 373 -7.94 -19.30 -4.99
N GLY A 374 -7.06 -20.18 -4.53
CA GLY A 374 -6.03 -20.78 -5.37
C GLY A 374 -6.44 -22.20 -5.72
N TRP A 375 -5.68 -22.80 -6.64
CA TRP A 375 -5.94 -24.18 -7.08
C TRP A 375 -6.02 -25.18 -5.93
N ARG A 376 -5.08 -25.10 -4.97
CA ARG A 376 -5.03 -26.01 -3.84
C ARG A 376 -6.29 -25.93 -2.97
N ASP A 377 -6.84 -24.73 -2.81
CA ASP A 377 -8.03 -24.47 -1.99
C ASP A 377 -9.26 -25.20 -2.57
N LEU A 378 -9.34 -25.31 -3.88
CA LEU A 378 -10.47 -26.00 -4.51
C LEU A 378 -10.56 -27.45 -4.06
N TRP A 379 -9.39 -28.05 -3.79
CA TRP A 379 -9.30 -29.43 -3.31
C TRP A 379 -9.35 -29.47 -1.80
N GLN A 380 -8.57 -28.63 -1.14
CA GLN A 380 -8.49 -28.67 0.31
C GLN A 380 -9.84 -28.37 0.95
N ASP A 381 -10.58 -27.39 0.43
CA ASP A 381 -11.91 -27.05 0.98
C ASP A 381 -12.88 -28.24 0.90
N CYS A 382 -12.70 -29.16 -0.05
CA CYS A 382 -13.50 -30.39 -0.06
C CYS A 382 -13.29 -31.35 1.11
N LEU A 383 -12.14 -31.28 1.78
CA LEU A 383 -11.84 -32.20 2.89
C LEU A 383 -12.75 -31.95 4.07
N ALA A 384 -12.81 -30.71 4.53
CA ALA A 384 -13.75 -30.34 5.62
C ALA A 384 -15.20 -30.58 5.21
N LEU A 385 -15.51 -30.29 3.96
CA LEU A 385 -16.88 -30.44 3.45
C LEU A 385 -17.31 -31.90 3.43
N MET A 386 -16.45 -32.82 3.00
CA MET A 386 -16.76 -34.26 3.02
C MET A 386 -17.20 -34.82 4.38
N VAL A 387 -16.68 -34.21 5.43
CA VAL A 387 -16.93 -34.54 6.83
C VAL A 387 -18.07 -33.72 7.45
N MET A 388 -18.24 -32.46 7.03
CA MET A 388 -19.19 -31.50 7.64
C MET A 388 -20.43 -31.12 6.81
N GLU A 389 -20.33 -31.22 5.49
CA GLU A 389 -21.39 -30.80 4.56
C GLU A 389 -21.23 -31.54 3.24
N PRO A 390 -21.33 -32.88 3.25
CA PRO A 390 -20.92 -33.68 2.06
C PRO A 390 -21.67 -33.36 0.76
N ALA A 391 -22.96 -33.06 0.86
CA ALA A 391 -23.81 -32.75 -0.31
C ALA A 391 -23.18 -31.87 -1.40
N GLU A 392 -22.42 -30.84 -1.00
CA GLU A 392 -21.86 -29.89 -1.97
C GLU A 392 -20.63 -30.42 -2.77
N VAL A 393 -19.96 -31.45 -2.24
CA VAL A 393 -18.63 -31.89 -2.71
C VAL A 393 -18.58 -32.40 -4.16
N ARG A 394 -19.51 -33.26 -4.55
CA ARG A 394 -19.54 -33.82 -5.91
C ARG A 394 -19.52 -32.74 -6.99
N HIS A 395 -20.45 -31.77 -6.88
CA HIS A 395 -20.49 -30.61 -7.78
C HIS A 395 -19.14 -29.88 -7.82
N LEU A 396 -18.54 -29.64 -6.66
CA LEU A 396 -17.27 -28.90 -6.57
C LEU A 396 -16.11 -29.61 -7.27
N LEU A 397 -16.00 -30.93 -7.08
CA LEU A 397 -14.95 -31.70 -7.74
C LEU A 397 -15.10 -31.69 -9.25
N LEU A 398 -16.31 -31.95 -9.76
CA LEU A 398 -16.54 -31.97 -11.21
C LEU A 398 -16.06 -30.65 -11.83
N ASN A 399 -16.55 -29.56 -11.27
CA ASN A 399 -16.20 -28.21 -11.73
C ASN A 399 -14.69 -27.99 -11.67
N ASN A 400 -14.05 -28.40 -10.57
CA ASN A 400 -12.61 -28.19 -10.39
C ASN A 400 -11.77 -28.73 -11.55
N TYR A 401 -12.15 -29.89 -12.09
CA TYR A 401 -11.38 -30.54 -13.16
C TYR A 401 -11.41 -29.79 -14.49
N ALA A 402 -12.35 -28.85 -14.65
CA ALA A 402 -12.37 -27.95 -15.80
C ALA A 402 -11.07 -27.13 -15.94
N GLY A 403 -10.42 -26.86 -14.81
CA GLY A 403 -9.18 -26.09 -14.78
C GLY A 403 -7.89 -26.78 -15.22
N VAL A 404 -7.93 -28.10 -15.43
CA VAL A 404 -6.75 -28.83 -15.86
C VAL A 404 -6.46 -28.53 -17.35
N ARG A 405 -5.18 -28.31 -17.67
CA ARG A 405 -4.73 -28.19 -19.07
C ARG A 405 -4.36 -29.56 -19.61
N MET A 406 -4.31 -29.64 -20.94
CA MET A 406 -3.98 -30.88 -21.64
C MET A 406 -2.51 -31.31 -21.50
N ASP A 407 -1.68 -30.49 -20.87
CA ASP A 407 -0.33 -30.91 -20.45
C ASP A 407 -0.21 -31.27 -18.96
N GLY A 408 -1.32 -31.41 -18.24
CA GLY A 408 -1.30 -31.83 -16.83
C GLY A 408 -1.24 -30.69 -15.82
N SER A 409 -0.74 -29.52 -16.25
CA SER A 409 -0.73 -28.32 -15.44
C SER A 409 -2.16 -27.80 -15.27
N ASN A 410 -2.32 -26.61 -14.71
CA ASN A 410 -3.65 -26.12 -14.43
C ASN A 410 -3.70 -24.62 -14.30
N ALA A 411 -4.89 -24.09 -14.54
CA ALA A 411 -5.19 -22.70 -14.24
C ALA A 411 -4.82 -22.43 -12.79
N THR A 412 -4.20 -21.28 -12.56
CA THR A 412 -3.81 -20.85 -11.23
C THR A 412 -4.64 -19.67 -10.71
N ILE A 413 -5.47 -19.04 -11.54
CA ILE A 413 -6.37 -17.97 -11.09
C ILE A 413 -7.82 -18.47 -11.19
N ILE A 414 -8.54 -18.46 -10.06
CA ILE A 414 -9.92 -18.95 -9.94
C ILE A 414 -10.91 -17.79 -10.12
N GLY A 415 -12.04 -18.08 -10.78
CA GLY A 415 -13.01 -17.04 -11.15
C GLY A 415 -14.26 -17.00 -10.29
N ALA A 416 -15.21 -16.17 -10.75
CA ALA A 416 -16.54 -16.05 -10.13
C ALA A 416 -17.33 -17.37 -10.22
N GLY A 417 -17.71 -17.76 -11.44
CA GLY A 417 -18.65 -18.88 -11.66
C GLY A 417 -18.18 -20.27 -11.27
N PRO A 418 -19.10 -21.26 -11.33
CA PRO A 418 -18.73 -22.65 -11.04
C PRO A 418 -17.91 -23.21 -12.20
N GLY A 419 -16.69 -23.65 -11.91
CA GLY A 419 -15.77 -24.11 -12.97
C GLY A 419 -15.24 -23.02 -13.91
N GLU A 420 -15.38 -21.74 -13.52
CA GLU A 420 -14.79 -20.61 -14.25
C GLU A 420 -13.33 -20.45 -13.79
N PHE A 421 -12.42 -20.39 -14.75
CA PHE A 421 -11.00 -20.14 -14.48
C PHE A 421 -10.56 -18.98 -15.39
N VAL A 422 -9.54 -18.23 -14.96
CA VAL A 422 -9.11 -17.02 -15.68
C VAL A 422 -7.70 -17.18 -16.26
N ALA A 423 -7.55 -16.78 -17.52
CA ALA A 423 -6.24 -16.71 -18.19
C ALA A 423 -5.57 -15.40 -17.84
N ASP A 424 -4.28 -15.43 -17.48
CA ASP A 424 -3.46 -14.18 -17.40
C ASP A 424 -2.49 -14.15 -18.59
N ARG A 425 -2.91 -13.52 -19.69
CA ARG A 425 -2.15 -13.54 -20.97
C ARG A 425 -0.86 -12.69 -20.97
N ASN A 426 -0.71 -11.77 -20.01
CA ASN A 426 0.46 -10.87 -19.92
C ASN A 426 1.53 -11.32 -18.92
N ASN A 427 1.13 -11.71 -17.71
CA ASN A 427 2.08 -12.11 -16.65
C ASN A 427 2.93 -13.33 -17.04
N ILE A 428 4.22 -13.29 -16.64
CA ILE A 428 5.13 -14.45 -16.66
C ILE A 428 4.65 -15.46 -15.58
N PRO A 429 3.99 -16.57 -15.99
CA PRO A 429 3.18 -17.37 -15.10
C PRO A 429 3.92 -18.56 -14.48
N ARG A 430 3.45 -18.99 -13.33
CA ARG A 430 4.19 -19.93 -12.49
C ARG A 430 3.48 -21.28 -12.44
N VAL A 431 4.22 -22.37 -12.57
CA VAL A 431 3.68 -23.71 -12.37
C VAL A 431 4.19 -24.26 -11.05
N TRP A 432 3.27 -24.77 -10.24
CA TRP A 432 3.61 -25.50 -9.02
C TRP A 432 3.46 -27.00 -9.32
N MET A 433 4.57 -27.74 -9.26
CA MET A 433 4.60 -29.18 -9.62
C MET A 433 3.73 -30.07 -8.76
N ASP A 434 3.45 -29.69 -7.52
CA ASP A 434 2.53 -30.45 -6.66
C ASP A 434 1.06 -30.30 -7.01
N HIS A 435 0.68 -29.34 -7.84
CA HIS A 435 -0.73 -29.07 -8.16
C HIS A 435 -1.47 -30.26 -8.78
N GLY A 436 -0.77 -31.09 -9.57
CA GLY A 436 -1.37 -32.32 -10.11
C GLY A 436 -1.59 -33.47 -9.12
N ALA A 437 -1.03 -33.39 -7.92
CA ALA A 437 -1.05 -34.52 -6.98
C ALA A 437 -2.26 -34.55 -6.06
N TRP A 438 -2.66 -33.37 -5.58
CA TRP A 438 -3.73 -33.23 -4.59
C TRP A 438 -5.13 -33.62 -5.09
N PRO A 439 -5.44 -33.36 -6.39
CA PRO A 439 -6.79 -33.71 -6.87
C PRO A 439 -7.14 -35.19 -6.67
N LEU A 440 -6.26 -36.09 -7.10
CA LEU A 440 -6.48 -37.54 -6.89
C LEU A 440 -6.66 -37.88 -5.41
N MET A 441 -5.83 -37.31 -4.55
CA MET A 441 -5.91 -37.65 -3.13
C MET A 441 -7.28 -37.27 -2.57
N THR A 442 -7.75 -36.08 -2.91
CA THR A 442 -9.06 -35.59 -2.51
C THR A 442 -10.20 -36.40 -3.15
N THR A 443 -10.06 -36.70 -4.44
CA THR A 443 -11.08 -37.44 -5.19
C THR A 443 -11.24 -38.87 -4.66
N LEU A 444 -10.12 -39.54 -4.41
CA LEU A 444 -10.12 -40.87 -3.77
C LEU A 444 -10.86 -40.88 -2.45
N LEU A 445 -10.61 -39.86 -1.63
CA LEU A 445 -11.32 -39.74 -0.37
C LEU A 445 -12.84 -39.65 -0.59
N TYR A 446 -13.26 -38.87 -1.59
CA TYR A 446 -14.68 -38.75 -1.95
C TYR A 446 -15.25 -40.10 -2.40
N LEU A 447 -14.50 -40.83 -3.22
CA LEU A 447 -14.94 -42.14 -3.70
C LEU A 447 -15.15 -43.10 -2.54
N HIS A 448 -14.24 -43.07 -1.57
CA HIS A 448 -14.31 -43.98 -0.43
C HIS A 448 -15.41 -43.59 0.57
N GLN A 449 -15.63 -42.30 0.82
CA GLN A 449 -16.72 -41.84 1.71
C GLN A 449 -18.12 -42.05 1.11
N SER A 450 -18.26 -41.79 -0.18
CA SER A 450 -19.57 -41.78 -0.87
C SER A 450 -19.92 -43.09 -1.55
N GLY A 451 -18.92 -43.74 -2.15
CA GLY A 451 -19.14 -44.93 -2.97
C GLY A 451 -19.51 -44.59 -4.41
N ASP A 452 -19.38 -43.32 -4.80
CA ASP A 452 -19.87 -42.82 -6.10
C ASP A 452 -18.75 -42.97 -7.15
N LEU A 453 -18.48 -44.22 -7.52
CA LEU A 453 -17.45 -44.54 -8.52
C LEU A 453 -17.75 -43.96 -9.90
N ASP A 454 -19.03 -43.70 -10.18
CA ASP A 454 -19.47 -43.14 -11.45
C ASP A 454 -18.96 -41.73 -11.73
N LEU A 455 -18.58 -40.98 -10.70
CA LEU A 455 -17.96 -39.66 -10.89
C LEU A 455 -16.76 -39.68 -11.84
N LEU A 456 -15.98 -40.74 -11.79
CA LEU A 456 -14.79 -40.86 -12.64
C LEU A 456 -15.05 -40.89 -14.15
N PHE A 457 -16.30 -41.16 -14.55
CA PHE A 457 -16.67 -41.23 -15.97
C PHE A 457 -17.54 -40.07 -16.43
N GLN A 458 -17.63 -39.01 -15.63
CA GLN A 458 -18.30 -37.79 -16.08
C GLN A 458 -17.43 -37.07 -17.11
N PRO A 459 -18.06 -36.44 -18.11
CA PRO A 459 -17.29 -35.63 -19.05
C PRO A 459 -16.86 -34.28 -18.44
N GLN A 460 -15.73 -33.76 -18.88
CA GLN A 460 -15.33 -32.41 -18.52
C GLN A 460 -14.32 -31.84 -19.51
N SER A 461 -14.42 -30.53 -19.75
CA SER A 461 -13.46 -29.82 -20.61
C SER A 461 -12.07 -29.70 -19.99
N TYR A 462 -11.14 -29.17 -20.77
CA TYR A 462 -9.80 -28.83 -20.31
C TYR A 462 -9.56 -27.35 -20.53
N PHE A 463 -8.88 -26.73 -19.58
CA PHE A 463 -8.53 -25.32 -19.65
C PHE A 463 -7.46 -25.10 -20.72
N ARG A 464 -7.54 -23.93 -21.35
CA ARG A 464 -6.64 -23.54 -22.42
C ARG A 464 -6.44 -22.03 -22.36
N ASP A 465 -5.19 -21.60 -22.35
CA ASP A 465 -4.86 -20.19 -22.47
C ASP A 465 -3.63 -20.05 -23.37
N VAL A 466 -2.98 -18.89 -23.40
CA VAL A 466 -1.79 -18.68 -24.24
C VAL A 466 -0.60 -19.61 -23.91
N PHE A 467 -0.52 -20.10 -22.68
CA PHE A 467 0.64 -20.86 -22.19
C PHE A 467 0.54 -22.36 -22.43
N VAL A 468 1.59 -22.91 -23.03
CA VAL A 468 1.69 -24.34 -23.39
C VAL A 468 3.02 -24.96 -22.94
N LYS A 469 3.13 -26.29 -23.07
CA LYS A 469 4.29 -27.07 -22.62
C LYS A 469 4.63 -26.76 -21.16
N ARG A 470 3.58 -26.78 -20.33
CA ARG A 470 3.63 -26.43 -18.90
C ARG A 470 4.20 -25.03 -18.68
N CYS A 471 3.67 -24.07 -19.45
CA CYS A 471 4.07 -22.66 -19.42
C CYS A 471 5.55 -22.40 -19.74
N ARG A 472 6.16 -23.26 -20.56
CA ARG A 472 7.52 -23.04 -21.04
C ARG A 472 7.51 -22.11 -22.25
N GLU A 473 6.57 -22.35 -23.18
CA GLU A 473 6.40 -21.58 -24.42
C GLU A 473 5.08 -20.82 -24.41
N ARG A 474 5.04 -19.75 -25.24
CA ARG A 474 3.80 -19.03 -25.61
C ARG A 474 3.29 -19.61 -26.93
N ASP A 475 1.98 -19.69 -27.09
CA ASP A 475 1.40 -20.22 -28.34
C ASP A 475 1.10 -19.09 -29.33
N ALA A 476 1.61 -19.21 -30.55
CA ALA A 476 1.42 -18.18 -31.59
C ALA A 476 -0.02 -18.15 -32.07
N SER A 477 -0.54 -19.31 -32.45
CA SER A 477 -1.90 -19.45 -32.98
C SER A 477 -2.94 -19.53 -31.86
N TRP A 478 -3.07 -18.47 -31.06
CA TRP A 478 -4.17 -18.35 -30.09
C TRP A 478 -4.72 -16.95 -30.13
N THR A 479 -6.04 -16.85 -30.21
CA THR A 479 -6.74 -15.56 -30.17
C THR A 479 -7.87 -15.61 -29.13
N PRO A 480 -8.41 -14.42 -28.76
CA PRO A 480 -9.52 -14.42 -27.80
C PRO A 480 -10.78 -15.10 -28.34
N GLU A 481 -10.96 -15.06 -29.67
CA GLU A 481 -12.11 -15.70 -30.35
C GLU A 481 -12.22 -17.24 -30.18
N GLN A 482 -11.13 -17.94 -29.88
CA GLN A 482 -11.19 -19.40 -29.65
C GLN A 482 -11.73 -19.79 -28.26
N GLY A 483 -11.70 -18.89 -27.28
CA GLY A 483 -12.23 -19.18 -25.95
C GLY A 483 -11.22 -19.91 -25.09
N ASN A 484 -11.60 -20.12 -23.83
CA ASN A 484 -10.68 -20.65 -22.79
C ASN A 484 -10.74 -22.16 -22.55
N LYS A 485 -11.06 -22.92 -23.60
CA LYS A 485 -11.18 -24.36 -23.56
C LYS A 485 -10.48 -25.02 -24.74
N LEU A 486 -9.99 -26.23 -24.50
CA LEU A 486 -9.23 -26.98 -25.48
C LEU A 486 -10.13 -27.38 -26.63
N LEU A 487 -9.69 -27.09 -27.85
CA LEU A 487 -10.47 -27.40 -29.04
C LEU A 487 -9.96 -28.66 -29.73
N THR A 488 -10.84 -29.29 -30.49
CA THR A 488 -10.49 -30.41 -31.35
C THR A 488 -10.07 -29.91 -32.74
N ALA A 489 -9.67 -30.82 -33.62
CA ALA A 489 -9.37 -30.49 -35.01
C ALA A 489 -10.54 -29.78 -35.69
N ASP A 490 -11.75 -30.28 -35.51
CA ASP A 490 -12.96 -29.68 -36.11
C ASP A 490 -13.43 -28.36 -35.47
N GLY A 491 -12.85 -27.97 -34.34
CA GLY A 491 -13.19 -26.73 -33.67
C GLY A 491 -14.20 -26.87 -32.53
N GLN A 492 -14.44 -28.10 -32.08
CA GLN A 492 -15.35 -28.40 -30.96
C GLN A 492 -14.58 -28.46 -29.65
N ILE A 493 -15.31 -28.23 -28.56
CA ILE A 493 -14.76 -28.30 -27.21
C ILE A 493 -14.51 -29.77 -26.87
N TYR A 494 -13.26 -30.12 -26.59
CA TYR A 494 -12.93 -31.49 -26.20
C TYR A 494 -13.42 -31.77 -24.77
N GLU A 495 -13.99 -32.96 -24.57
CA GLU A 495 -14.38 -33.44 -23.24
C GLU A 495 -13.79 -34.82 -23.00
N GLY A 496 -13.14 -34.98 -21.85
CA GLY A 496 -12.59 -36.25 -21.43
C GLY A 496 -13.24 -36.65 -20.13
N THR A 497 -13.09 -37.92 -19.76
CA THR A 497 -13.55 -38.41 -18.47
C THR A 497 -12.82 -37.64 -17.37
N ILE A 498 -13.44 -37.59 -16.18
CA ILE A 498 -12.77 -37.09 -15.00
C ILE A 498 -11.50 -37.91 -14.80
N LEU A 499 -11.59 -39.23 -15.03
CA LEU A 499 -10.46 -40.15 -14.91
C LEU A 499 -9.33 -39.86 -15.89
N GLU A 500 -9.66 -39.43 -17.11
CA GLU A 500 -8.67 -39.02 -18.09
C GLU A 500 -7.88 -37.84 -17.60
N HIS A 501 -8.56 -36.92 -16.92
CA HIS A 501 -7.92 -35.74 -16.31
C HIS A 501 -6.92 -36.17 -15.25
N ILE A 502 -7.35 -37.12 -14.41
CA ILE A 502 -6.55 -37.61 -13.31
C ILE A 502 -5.31 -38.32 -13.84
N LEU A 503 -5.50 -39.22 -14.80
CA LEU A 503 -4.38 -39.90 -15.46
C LEU A 503 -3.34 -38.90 -15.94
N LEU A 504 -3.81 -37.88 -16.64
CA LEU A 504 -2.95 -36.87 -17.22
C LEU A 504 -2.15 -36.08 -16.19
N GLN A 505 -2.80 -35.74 -15.09
CA GLN A 505 -2.15 -34.99 -14.01
C GLN A 505 -1.00 -35.74 -13.33
N ASN A 506 -1.07 -37.08 -13.33
CA ASN A 506 -0.08 -37.91 -12.65
C ASN A 506 0.95 -38.52 -13.59
N ILE A 507 0.54 -38.83 -14.82
CA ILE A 507 1.45 -39.36 -15.83
C ILE A 507 2.43 -38.33 -16.39
N VAL A 508 2.00 -37.09 -16.60
CA VAL A 508 2.89 -36.09 -17.18
C VAL A 508 4.12 -35.84 -16.28
N PRO A 509 3.90 -35.55 -14.99
CA PRO A 509 5.04 -35.37 -14.07
C PRO A 509 6.02 -36.52 -14.03
N PHE A 510 5.55 -37.75 -14.21
CA PHE A 510 6.41 -38.92 -14.26
C PHE A 510 7.54 -38.79 -15.30
N PHE A 511 7.22 -38.25 -16.47
CA PHE A 511 8.22 -38.06 -17.51
C PHE A 511 9.00 -36.76 -17.37
N ASN A 512 8.54 -35.83 -16.52
CA ASN A 512 9.11 -34.48 -16.43
C ASN A 512 10.24 -34.44 -15.40
N VAL A 513 11.35 -35.08 -15.76
CA VAL A 513 12.43 -35.34 -14.82
C VAL A 513 13.64 -34.45 -15.03
N GLY A 514 14.39 -34.24 -13.94
CA GLY A 514 15.61 -33.47 -13.96
C GLY A 514 16.80 -34.35 -14.25
N GLU A 515 17.99 -33.79 -14.13
CA GLU A 515 19.22 -34.50 -14.45
C GLU A 515 19.54 -35.65 -13.49
N HIS A 516 18.97 -35.61 -12.27
CA HIS A 516 19.07 -36.71 -11.29
C HIS A 516 17.87 -37.68 -11.28
N GLY A 517 16.95 -37.54 -12.22
CA GLY A 517 15.89 -38.55 -12.46
C GLY A 517 14.59 -38.44 -11.69
N ASN A 518 14.50 -37.45 -10.79
CA ASN A 518 13.29 -37.22 -10.00
C ASN A 518 12.51 -36.14 -10.70
N ILE A 519 11.29 -35.91 -10.25
CA ILE A 519 10.37 -34.99 -10.94
C ILE A 519 10.76 -33.54 -10.67
N LYS A 520 10.74 -32.71 -11.71
CA LYS A 520 11.17 -31.32 -11.63
C LYS A 520 10.37 -30.49 -10.65
N LEU A 521 11.08 -29.57 -9.99
CA LEU A 521 10.50 -28.68 -9.00
C LEU A 521 9.59 -27.64 -9.65
N GLU A 522 9.93 -27.25 -10.88
CA GLU A 522 9.23 -26.19 -11.57
C GLU A 522 9.22 -24.93 -10.66
N GLY A 523 8.09 -24.24 -10.53
CA GLY A 523 8.03 -22.97 -9.80
C GLY A 523 8.07 -23.07 -8.29
N ALA A 524 7.80 -24.27 -7.78
CA ALA A 524 7.76 -24.65 -6.35
C ALA A 524 6.92 -25.93 -6.22
N ASP A 525 6.99 -26.59 -5.07
CA ASP A 525 6.04 -27.66 -4.72
C ASP A 525 5.08 -27.10 -3.65
N TRP A 526 4.57 -27.94 -2.75
CA TRP A 526 3.80 -27.47 -1.60
C TRP A 526 4.44 -26.25 -0.95
N ASN A 527 5.76 -26.32 -0.76
CA ASN A 527 6.49 -25.20 -0.19
C ASN A 527 6.60 -24.06 -1.21
N ASP A 528 5.77 -23.04 -1.03
CA ASP A 528 5.76 -21.85 -1.89
C ASP A 528 7.10 -21.10 -1.91
N GLY A 529 7.88 -21.27 -0.84
CA GLY A 529 9.19 -20.64 -0.70
C GLY A 529 10.33 -21.30 -1.44
N LEU A 530 10.12 -22.48 -2.02
CA LEU A 530 11.13 -23.12 -2.87
C LEU A 530 10.89 -22.73 -4.32
N ASP A 531 11.10 -21.44 -4.59
CA ASP A 531 10.75 -20.80 -5.86
C ASP A 531 11.94 -20.42 -6.75
N LEU A 532 13.15 -20.83 -6.40
CA LEU A 532 14.35 -20.38 -7.10
C LEU A 532 15.14 -21.49 -7.81
N ALA A 533 14.47 -22.61 -8.09
CA ALA A 533 15.10 -23.68 -8.84
C ALA A 533 14.21 -24.25 -9.97
N PRO A 534 13.60 -23.37 -10.78
CA PRO A 534 12.78 -23.88 -11.90
C PRO A 534 13.59 -24.50 -13.02
N GLU A 535 14.84 -24.09 -13.24
CA GLU A 535 15.65 -24.68 -14.32
C GLU A 535 16.13 -26.11 -14.01
N ARG A 536 16.82 -26.31 -12.87
CA ARG A 536 17.40 -27.63 -12.54
C ARG A 536 16.91 -28.28 -11.25
N GLY A 537 16.04 -27.61 -10.51
CA GLY A 537 15.54 -28.14 -9.25
C GLY A 537 14.69 -29.39 -9.43
N GLU A 538 14.70 -30.22 -8.40
CA GLU A 538 13.86 -31.41 -8.37
C GLU A 538 13.21 -31.53 -7.00
N SER A 539 11.92 -31.86 -6.99
CA SER A 539 11.22 -32.20 -5.75
C SER A 539 11.14 -33.71 -5.66
N VAL A 540 12.17 -34.30 -5.05
CA VAL A 540 12.15 -35.72 -4.74
C VAL A 540 10.94 -35.97 -3.81
N ALA A 541 10.71 -35.03 -2.89
CA ALA A 541 9.61 -35.12 -1.94
C ALA A 541 8.29 -35.46 -2.60
N PHE A 542 7.98 -34.76 -3.69
CA PHE A 542 6.71 -34.94 -4.38
C PHE A 542 6.75 -35.98 -5.48
N THR A 543 7.94 -36.45 -5.84
CA THR A 543 8.10 -37.64 -6.66
C THR A 543 7.54 -38.88 -5.96
N ALA A 544 7.77 -38.98 -4.65
CA ALA A 544 7.21 -40.06 -3.84
C ALA A 544 5.69 -40.01 -3.79
N PHE A 545 5.14 -38.78 -3.78
CA PHE A 545 3.69 -38.56 -3.86
C PHE A 545 3.16 -39.04 -5.23
N TYR A 546 3.78 -38.60 -6.32
CA TYR A 546 3.35 -39.02 -7.66
C TYR A 546 3.52 -40.54 -7.86
N ALA A 547 4.56 -41.11 -7.28
CA ALA A 547 4.78 -42.57 -7.36
C ALA A 547 3.62 -43.31 -6.70
N SER A 548 3.30 -42.88 -5.50
CA SER A 548 2.18 -43.40 -4.74
C SER A 548 0.81 -43.21 -5.42
N ASN A 549 0.61 -42.04 -6.02
CA ASN A 549 -0.60 -41.77 -6.79
C ASN A 549 -0.75 -42.76 -7.96
N LEU A 550 0.34 -43.00 -8.68
CA LEU A 550 0.30 -43.92 -9.82
C LEU A 550 -0.10 -45.33 -9.40
N MET A 551 0.41 -45.77 -8.25
CA MET A 551 0.11 -47.11 -7.69
C MET A 551 -1.34 -47.22 -7.24
N GLU A 552 -1.83 -46.19 -6.55
CA GLU A 552 -3.23 -46.14 -6.16
C GLU A 552 -4.14 -46.12 -7.37
N LEU A 553 -3.72 -45.42 -8.41
CA LEU A 553 -4.46 -45.39 -9.67
C LEU A 553 -4.57 -46.77 -10.29
N SER A 554 -3.44 -47.48 -10.29
CA SER A 554 -3.40 -48.88 -10.74
C SER A 554 -4.35 -49.75 -9.93
N GLU A 555 -4.25 -49.72 -8.61
CA GLU A 555 -5.19 -50.45 -7.74
C GLU A 555 -6.65 -50.02 -7.96
N LEU A 556 -6.87 -48.73 -8.18
CA LEU A 556 -8.22 -48.20 -8.41
C LEU A 556 -8.87 -48.76 -9.66
N LEU A 557 -8.14 -48.72 -10.79
CA LEU A 557 -8.64 -49.26 -12.06
C LEU A 557 -9.01 -50.74 -11.95
N LEU A 558 -8.14 -51.52 -11.33
CA LEU A 558 -8.40 -52.95 -11.11
C LEU A 558 -9.63 -53.15 -10.24
N GLU A 559 -9.78 -52.33 -9.21
CA GLU A 559 -10.94 -52.43 -8.34
C GLU A 559 -12.24 -51.93 -9.00
N LEU A 560 -12.14 -50.99 -9.96
CA LEU A 560 -13.30 -50.61 -10.79
C LEU A 560 -13.83 -51.77 -11.63
N GLN A 561 -12.93 -52.57 -12.18
CA GLN A 561 -13.31 -53.73 -12.97
C GLN A 561 -14.09 -54.69 -12.07
N LYS A 562 -13.48 -55.10 -10.95
CA LYS A 562 -14.10 -56.05 -10.03
C LYS A 562 -15.36 -55.55 -9.28
N ARG A 563 -15.68 -54.25 -9.35
CA ARG A 563 -16.88 -53.70 -8.71
C ARG A 563 -17.90 -53.16 -9.70
N THR A 564 -17.48 -52.26 -10.59
CA THR A 564 -18.35 -51.75 -11.65
C THR A 564 -18.61 -52.85 -12.71
N GLY A 565 -17.59 -53.66 -13.04
CA GLY A 565 -17.63 -54.58 -14.19
C GLY A 565 -16.95 -54.05 -15.45
N LYS A 566 -16.60 -52.76 -15.47
CA LYS A 566 -16.09 -52.07 -16.66
C LYS A 566 -14.69 -52.52 -17.07
N ASP A 567 -14.51 -52.74 -18.37
CA ASP A 567 -13.27 -53.31 -18.93
C ASP A 567 -12.44 -52.26 -19.70
N SER A 568 -13.03 -51.10 -19.96
CA SER A 568 -12.53 -50.14 -20.93
C SER A 568 -12.37 -48.74 -20.32
N LEU A 569 -11.44 -47.97 -20.89
CA LEU A 569 -11.30 -46.57 -20.55
C LEU A 569 -11.27 -45.76 -21.84
N ASP A 570 -12.17 -44.77 -21.95
CA ASP A 570 -12.11 -43.78 -23.03
C ASP A 570 -11.03 -42.75 -22.67
N ILE A 571 -9.95 -42.70 -23.47
CA ILE A 571 -8.80 -41.80 -23.28
C ILE A 571 -8.44 -41.22 -24.65
N ALA A 572 -7.97 -39.97 -24.69
CA ALA A 572 -7.65 -39.31 -25.98
C ALA A 572 -6.47 -39.99 -26.66
N GLU A 573 -6.52 -40.11 -27.99
CA GLU A 573 -5.52 -40.88 -28.76
C GLU A 573 -4.08 -40.43 -28.45
N GLU A 574 -3.89 -39.12 -28.31
CA GLU A 574 -2.56 -38.56 -28.06
C GLU A 574 -1.96 -38.99 -26.71
N MET A 575 -2.82 -39.24 -25.71
CA MET A 575 -2.36 -39.76 -24.41
C MET A 575 -1.77 -41.16 -24.48
N ALA A 576 -2.11 -41.95 -25.49
CA ALA A 576 -1.49 -43.27 -25.68
C ALA A 576 0.04 -43.23 -25.77
N LEU A 577 0.60 -42.14 -26.28
CA LEU A 577 2.05 -41.96 -26.29
C LEU A 577 2.64 -42.09 -24.90
N LEU A 578 1.95 -41.46 -23.94
CA LEU A 578 2.36 -41.48 -22.53
C LEU A 578 2.15 -42.83 -21.82
N LEU A 579 1.26 -43.67 -22.35
CA LEU A 579 1.10 -45.04 -21.87
C LEU A 579 1.90 -46.00 -22.76
N ASP A 580 3.22 -45.78 -22.79
CA ASP A 580 4.13 -46.48 -23.73
C ASP A 580 4.19 -48.00 -23.57
N THR A 581 3.84 -48.51 -22.40
CA THR A 581 3.78 -49.96 -22.18
C THR A 581 2.78 -50.66 -23.11
N LEU A 582 1.74 -49.95 -23.55
CA LEU A 582 0.75 -50.49 -24.48
C LEU A 582 1.20 -50.55 -25.95
N GLY A 583 2.16 -49.69 -26.33
CA GLY A 583 2.75 -49.66 -27.68
C GLY A 583 4.19 -50.13 -27.64
N LYS A 584 5.13 -49.30 -28.14
CA LYS A 584 6.58 -49.58 -28.06
C LYS A 584 7.15 -48.98 -26.76
N PRO A 585 7.44 -49.82 -25.75
CA PRO A 585 7.92 -49.24 -24.48
C PRO A 585 9.26 -48.51 -24.64
N ILE A 586 9.42 -47.38 -23.95
CA ILE A 586 10.71 -46.72 -23.81
C ILE A 586 11.37 -47.20 -22.52
N SER A 587 12.67 -46.93 -22.38
CA SER A 587 13.39 -47.23 -21.13
C SER A 587 13.15 -46.11 -20.15
N TYR A 588 12.49 -46.41 -19.03
CA TYR A 588 12.29 -45.45 -17.95
C TYR A 588 13.59 -45.11 -17.19
N ASP A 589 14.66 -45.88 -17.40
CA ASP A 589 15.98 -45.51 -16.86
C ASP A 589 16.63 -44.34 -17.63
N SER A 590 16.17 -44.07 -18.86
CA SER A 590 16.70 -42.96 -19.64
C SER A 590 15.92 -41.67 -19.40
N ILE A 591 16.66 -40.66 -18.95
CA ILE A 591 16.11 -39.32 -18.80
C ILE A 591 15.80 -38.74 -20.16
N GLN A 592 16.77 -38.79 -21.07
CA GLN A 592 16.62 -38.30 -22.46
C GLN A 592 15.34 -38.84 -23.12
N GLU A 593 15.13 -40.16 -23.02
CA GLU A 593 13.95 -40.81 -23.61
C GLU A 593 12.63 -40.38 -22.97
N LYS A 594 12.60 -40.24 -21.65
CA LYS A 594 11.38 -39.76 -20.99
C LYS A 594 11.07 -38.32 -21.42
N ARG A 595 12.08 -37.45 -21.44
CA ARG A 595 11.93 -36.07 -21.89
C ARG A 595 11.43 -36.01 -23.34
N SER A 596 12.05 -36.77 -24.23
CA SER A 596 11.66 -36.81 -25.65
C SER A 596 10.23 -37.27 -25.89
N LEU A 597 9.79 -38.25 -25.11
CA LEU A 597 8.42 -38.75 -25.22
C LEU A 597 7.41 -37.71 -24.76
N LEU A 598 7.77 -36.98 -23.70
CA LEU A 598 6.94 -35.87 -23.24
C LEU A 598 6.88 -34.71 -24.24
N ASP A 599 7.98 -34.42 -24.93
CA ASP A 599 8.01 -33.38 -25.97
C ASP A 599 7.13 -33.77 -27.16
N ARG A 600 7.15 -35.05 -27.54
CA ARG A 600 6.25 -35.59 -28.54
C ARG A 600 4.80 -35.36 -28.11
N TYR A 601 4.48 -35.68 -26.85
CA TYR A 601 3.10 -35.51 -26.35
C TYR A 601 2.64 -34.06 -26.44
N TYR A 602 3.48 -33.14 -25.97
CA TYR A 602 3.17 -31.72 -26.06
C TYR A 602 2.88 -31.27 -27.50
N ASP A 603 3.71 -31.71 -28.46
CA ASP A 603 3.53 -31.38 -29.89
C ASP A 603 2.23 -31.94 -30.46
N ALA A 604 1.88 -33.16 -30.06
CA ALA A 604 0.65 -33.81 -30.51
C ALA A 604 -0.62 -33.07 -30.06
N VAL A 605 -0.57 -32.43 -28.89
CA VAL A 605 -1.74 -31.76 -28.31
C VAL A 605 -1.75 -30.22 -28.37
N THR A 606 -0.71 -29.61 -28.96
CA THR A 606 -0.66 -28.13 -29.08
C THR A 606 -0.60 -27.76 -30.57
N PRO A 607 -1.50 -26.91 -31.06
CA PRO A 607 -2.50 -26.17 -30.28
C PRO A 607 -3.81 -26.90 -29.93
N ARG A 608 -4.12 -27.98 -30.67
CA ARG A 608 -5.39 -28.68 -30.56
C ARG A 608 -5.16 -30.19 -30.46
N VAL A 609 -6.21 -30.91 -30.09
CA VAL A 609 -6.23 -32.38 -30.16
C VAL A 609 -7.02 -32.79 -31.38
N SER A 610 -6.89 -34.05 -31.77
CA SER A 610 -7.60 -34.58 -32.93
C SER A 610 -9.09 -34.72 -32.64
N GLY A 611 -9.42 -35.05 -31.39
CA GLY A 611 -10.79 -35.32 -30.98
C GLY A 611 -11.06 -36.81 -30.88
N LYS A 612 -10.31 -37.62 -31.67
CA LYS A 612 -10.47 -39.07 -31.68
C LYS A 612 -9.94 -39.66 -30.37
N LYS A 613 -10.69 -40.61 -29.83
CA LYS A 613 -10.36 -41.29 -28.57
C LYS A 613 -10.05 -42.74 -28.85
N LEU A 614 -9.15 -43.30 -28.05
CA LEU A 614 -8.81 -44.72 -28.07
C LEU A 614 -9.50 -45.39 -26.88
N LEU A 615 -9.89 -46.64 -27.08
CA LEU A 615 -10.59 -47.41 -26.06
C LEU A 615 -9.62 -48.49 -25.60
N LEU A 616 -9.13 -48.38 -24.36
CA LEU A 616 -8.01 -49.18 -23.86
C LEU A 616 -8.41 -50.09 -22.72
N ASP A 617 -7.80 -51.28 -22.70
CA ASP A 617 -8.04 -52.28 -21.66
C ASP A 617 -7.66 -51.70 -20.27
N ILE A 618 -8.61 -51.75 -19.35
CA ILE A 618 -8.46 -51.19 -18.00
C ILE A 618 -7.34 -51.88 -17.23
N ARG A 619 -7.17 -53.19 -17.48
CA ARG A 619 -6.09 -54.00 -16.89
C ARG A 619 -4.73 -53.65 -17.49
N LYS A 620 -4.67 -53.41 -18.80
CA LYS A 620 -3.42 -53.03 -19.45
C LYS A 620 -2.97 -51.60 -19.07
N VAL A 621 -3.93 -50.72 -18.78
CA VAL A 621 -3.62 -49.35 -18.36
C VAL A 621 -3.11 -49.40 -16.93
N ALA A 622 -3.77 -50.21 -16.09
CA ALA A 622 -3.30 -50.45 -14.71
C ALA A 622 -1.90 -51.02 -14.66
N GLU A 623 -1.58 -51.90 -15.61
CA GLU A 623 -0.23 -52.45 -15.77
C GLU A 623 0.80 -51.35 -16.08
N ASP A 624 0.44 -50.42 -16.97
CA ASP A 624 1.32 -49.28 -17.31
C ASP A 624 1.56 -48.40 -16.09
N LEU A 625 0.49 -48.12 -15.36
CA LEU A 625 0.55 -47.29 -14.16
C LEU A 625 1.38 -47.95 -13.06
N LYS A 626 1.21 -49.26 -12.87
CA LYS A 626 2.01 -50.04 -11.93
C LYS A 626 3.49 -50.08 -12.28
N ARG A 627 3.79 -50.18 -13.57
CA ARG A 627 5.17 -50.21 -14.06
C ARG A 627 5.91 -48.92 -13.70
N LYS A 628 5.27 -47.79 -14.00
CA LYS A 628 5.77 -46.46 -13.65
C LYS A 628 5.98 -46.33 -12.16
N ALA A 629 4.96 -46.71 -11.38
CA ALA A 629 5.02 -46.63 -9.94
C ALA A 629 6.17 -47.47 -9.40
N ASP A 630 6.26 -48.72 -9.86
CA ASP A 630 7.36 -49.61 -9.45
C ASP A 630 8.73 -49.02 -9.80
N TRP A 631 8.83 -48.38 -10.96
CA TRP A 631 10.09 -47.77 -11.36
C TRP A 631 10.47 -46.67 -10.38
N ALA A 632 9.53 -45.79 -10.08
CA ALA A 632 9.76 -44.65 -9.19
C ALA A 632 10.08 -45.10 -7.78
N VAL A 633 9.36 -46.12 -7.30
CA VAL A 633 9.62 -46.70 -5.97
C VAL A 633 11.04 -47.26 -5.92
N ALA A 634 11.46 -47.99 -6.95
CA ALA A 634 12.82 -48.56 -6.99
C ALA A 634 13.91 -47.50 -7.05
N HIS A 635 13.68 -46.44 -7.81
CA HIS A 635 14.69 -45.38 -8.02
C HIS A 635 14.90 -44.56 -6.77
N LEU A 636 13.79 -44.20 -6.13
CA LEU A 636 13.83 -43.44 -4.88
C LEU A 636 14.58 -44.21 -3.79
N ARG A 637 14.24 -45.49 -3.62
CA ARG A 637 14.90 -46.34 -2.63
C ARG A 637 16.36 -46.60 -2.95
N GLY A 638 16.67 -46.73 -4.24
CA GLY A 638 18.02 -47.02 -4.69
C GLY A 638 18.93 -45.82 -4.76
N SER A 639 18.37 -44.62 -5.01
CA SER A 639 19.17 -43.42 -5.30
C SER A 639 18.99 -42.22 -4.38
N GLU A 640 17.88 -42.14 -3.65
CA GLU A 640 17.60 -40.98 -2.81
C GLU A 640 17.47 -41.28 -1.34
N TRP A 641 17.76 -42.52 -0.96
CA TRP A 641 17.89 -42.89 0.44
C TRP A 641 19.29 -42.48 0.86
N ILE A 642 19.40 -41.66 1.91
CA ILE A 642 20.70 -41.11 2.31
C ILE A 642 20.96 -41.33 3.78
N GLN A 643 22.23 -41.23 4.16
CA GLN A 643 22.70 -41.46 5.54
C GLN A 643 23.70 -40.37 5.95
N SER A 644 23.57 -39.81 7.15
CA SER A 644 24.64 -38.95 7.68
C SER A 644 25.77 -39.80 8.27
N LYS A 645 26.94 -39.19 8.48
CA LYS A 645 28.07 -39.86 9.14
C LYS A 645 27.74 -40.29 10.57
N GLU A 646 26.91 -39.51 11.25
CA GLU A 646 26.43 -39.90 12.56
C GLU A 646 25.54 -41.18 12.56
N GLY A 647 25.04 -41.60 11.38
CA GLY A 647 24.32 -42.89 11.24
C GLY A 647 22.80 -42.82 11.05
N TYR A 648 22.24 -41.62 11.05
CA TYR A 648 20.81 -41.42 10.79
C TYR A 648 20.57 -41.52 9.28
N ALA A 649 19.39 -41.98 8.88
CA ALA A 649 19.08 -42.15 7.46
C ALA A 649 17.66 -41.73 7.16
N TRP A 650 17.48 -41.15 5.97
CA TRP A 650 16.20 -40.59 5.57
C TRP A 650 16.18 -40.37 4.05
N PHE A 651 15.10 -39.80 3.51
CA PHE A 651 15.04 -39.50 2.07
C PHE A 651 15.45 -38.05 1.77
N ASN A 652 16.40 -37.88 0.85
CA ASN A 652 16.64 -36.58 0.26
C ASN A 652 15.37 -36.11 -0.40
N GLY A 653 15.01 -34.85 -0.14
CA GLY A 653 13.77 -34.27 -0.64
C GLY A 653 13.92 -33.36 -1.87
N TYR A 654 15.15 -32.85 -2.11
CA TYR A 654 15.35 -31.81 -3.13
C TYR A 654 16.71 -31.86 -3.83
N TYR A 655 16.72 -31.39 -5.07
CA TYR A 655 17.93 -30.95 -5.76
C TYR A 655 17.75 -29.47 -6.07
N ASN A 656 18.83 -28.71 -5.91
CA ASN A 656 18.79 -27.27 -6.09
C ASN A 656 19.09 -26.89 -7.55
N ASN A 657 19.10 -25.59 -7.83
CA ASN A 657 19.21 -25.07 -9.19
C ASN A 657 20.62 -25.20 -9.79
N ASP A 658 21.59 -25.67 -9.00
CA ASP A 658 22.89 -26.12 -9.52
C ASP A 658 23.00 -27.64 -9.71
N GLY A 659 21.88 -28.34 -9.62
CA GLY A 659 21.85 -29.81 -9.74
C GLY A 659 22.45 -30.57 -8.56
N GLU A 660 22.58 -29.89 -7.42
CA GLU A 660 23.22 -30.45 -6.23
C GLU A 660 22.14 -30.95 -5.28
N ARG A 661 22.41 -32.11 -4.69
CA ARG A 661 21.57 -32.69 -3.64
C ARG A 661 21.52 -31.79 -2.43
N VAL A 662 20.32 -31.55 -1.93
CA VAL A 662 20.12 -30.54 -0.90
C VAL A 662 20.43 -31.11 0.46
N GLU A 663 19.97 -32.34 0.73
CA GLU A 663 20.00 -32.89 2.07
C GLU A 663 21.23 -33.77 2.34
N GLY A 664 21.54 -33.94 3.62
CA GLY A 664 22.67 -34.72 4.09
C GLY A 664 23.68 -33.87 4.85
N ASP A 665 24.87 -34.42 5.04
CA ASP A 665 25.94 -33.70 5.71
C ASP A 665 26.33 -32.44 4.98
N HIS A 666 26.71 -31.45 5.77
CA HIS A 666 27.04 -30.13 5.28
C HIS A 666 27.83 -29.36 6.35
N PRO A 667 28.81 -28.52 5.92
CA PRO A 667 29.41 -27.53 6.81
C PRO A 667 28.36 -26.74 7.59
N ASP A 668 28.56 -26.62 8.89
CA ASP A 668 27.60 -25.94 9.78
C ASP A 668 26.35 -26.74 10.12
N GLY A 669 26.24 -28.00 9.67
CA GLY A 669 25.21 -28.90 10.15
C GLY A 669 24.41 -29.61 9.08
N VAL A 670 23.86 -30.75 9.46
CA VAL A 670 23.05 -31.58 8.57
C VAL A 670 21.86 -30.80 8.05
N ARG A 671 21.56 -30.98 6.77
CA ARG A 671 20.39 -30.40 6.14
C ARG A 671 19.35 -31.47 5.93
N MET A 672 18.16 -31.26 6.46
CA MET A 672 17.07 -32.21 6.37
C MET A 672 15.76 -31.44 6.30
N THR A 673 14.80 -31.96 5.53
CA THR A 673 13.48 -31.38 5.42
C THR A 673 12.44 -32.42 5.81
N LEU A 674 11.36 -31.95 6.43
CA LEU A 674 10.23 -32.79 6.80
C LEU A 674 9.43 -33.19 5.56
N THR A 675 9.29 -32.26 4.61
CA THR A 675 8.53 -32.49 3.38
C THR A 675 9.03 -33.69 2.59
N GLY A 676 10.35 -33.88 2.60
CA GLY A 676 10.99 -35.03 1.94
C GLY A 676 10.67 -36.39 2.52
N GLN A 677 10.10 -36.43 3.71
CA GLN A 677 9.76 -37.65 4.40
C GLN A 677 8.26 -37.97 4.31
N VAL A 678 7.42 -36.94 4.34
CA VAL A 678 5.99 -37.12 4.61
C VAL A 678 5.29 -38.01 3.59
N PHE A 679 5.51 -37.73 2.32
CA PHE A 679 4.78 -38.46 1.27
C PHE A 679 5.45 -39.78 0.96
N ALA A 680 6.75 -39.89 1.19
CA ALA A 680 7.44 -41.18 1.15
C ALA A 680 6.78 -42.17 2.12
N ILE A 681 6.54 -41.72 3.35
CA ILE A 681 5.86 -42.51 4.37
C ILE A 681 4.41 -42.78 3.98
N MET A 682 3.67 -41.72 3.67
CA MET A 682 2.20 -41.80 3.48
C MET A 682 1.82 -42.78 2.37
N GLY A 683 2.58 -42.74 1.29
CA GLY A 683 2.26 -43.44 0.07
C GLY A 683 2.96 -44.77 -0.14
N GLY A 684 3.91 -45.11 0.73
CA GLY A 684 4.54 -46.42 0.72
C GLY A 684 5.90 -46.54 0.06
N VAL A 685 6.42 -45.46 -0.49
CA VAL A 685 7.79 -45.45 -1.02
C VAL A 685 8.79 -45.89 0.06
N ALA A 686 8.65 -45.32 1.25
CA ALA A 686 9.40 -45.78 2.41
C ALA A 686 8.83 -47.10 2.88
N THR A 687 9.70 -48.10 3.05
CA THR A 687 9.33 -49.36 3.73
C THR A 687 9.09 -49.09 5.21
N ASP A 688 8.61 -50.10 5.93
CA ASP A 688 8.43 -49.98 7.38
C ASP A 688 9.76 -49.70 8.09
N GLU A 689 10.82 -50.38 7.65
CA GLU A 689 12.16 -50.18 8.21
C GLU A 689 12.67 -48.76 7.91
N GLN A 690 12.48 -48.29 6.68
CA GLN A 690 12.85 -46.91 6.32
C GLN A 690 12.00 -45.87 7.09
N THR A 691 10.74 -46.19 7.36
CA THR A 691 9.87 -45.35 8.16
C THR A 691 10.32 -45.27 9.64
N GLU A 692 10.73 -46.40 10.23
CA GLU A 692 11.32 -46.38 11.59
C GLU A 692 12.56 -45.46 11.57
N LYS A 693 13.43 -45.61 10.58
CA LYS A 693 14.63 -44.81 10.47
C LYS A 693 14.33 -43.33 10.22
N ILE A 694 13.36 -43.05 9.36
CA ILE A 694 12.98 -41.67 9.08
C ILE A 694 12.53 -40.96 10.36
N SER A 695 11.66 -41.62 11.14
N SER A 695 11.66 -41.62 11.14
CA SER A 695 11.15 -41.04 12.38
CA SER A 695 11.15 -41.04 12.37
C SER A 695 12.26 -40.71 13.37
C SER A 695 12.26 -40.71 13.37
N GLN A 696 13.28 -41.55 13.44
CA GLN A 696 14.44 -41.32 14.28
C GLN A 696 15.28 -40.14 13.82
N ALA A 697 15.44 -39.99 12.50
CA ALA A 697 16.16 -38.87 11.93
C ALA A 697 15.40 -37.56 12.13
N VAL A 698 14.10 -37.58 11.87
CA VAL A 698 13.22 -36.45 12.17
C VAL A 698 13.37 -36.06 13.65
N ASN A 699 13.26 -37.04 14.55
CA ASN A 699 13.34 -36.75 15.98
C ASN A 699 14.71 -36.19 16.36
N ARG A 700 15.74 -36.66 15.66
CA ARG A 700 17.11 -36.21 15.90
C ARG A 700 17.40 -34.79 15.38
N TYR A 701 16.98 -34.50 14.15
CA TYR A 701 17.38 -33.27 13.44
C TYR A 701 16.33 -32.19 13.40
N LEU A 702 15.05 -32.57 13.46
CA LEU A 702 13.95 -31.62 13.28
C LEU A 702 13.15 -31.30 14.53
N LYS A 703 13.08 -32.23 15.48
CA LYS A 703 12.22 -32.07 16.64
C LYS A 703 12.89 -31.16 17.66
N ASP A 704 12.35 -29.97 17.79
CA ASP A 704 12.82 -29.00 18.76
C ASP A 704 12.09 -29.22 20.09
N GLU A 705 12.84 -29.10 21.17
CA GLU A 705 12.28 -29.26 22.50
C GLU A 705 11.32 -28.12 22.90
N ARG A 706 11.52 -26.91 22.36
CA ARG A 706 10.67 -25.74 22.63
C ARG A 706 9.51 -25.58 21.61
N ILE A 707 9.78 -25.82 20.33
CA ILE A 707 8.80 -25.53 19.28
C ILE A 707 8.32 -26.71 18.41
N GLY A 708 8.75 -27.93 18.71
CA GLY A 708 8.22 -29.10 18.02
C GLY A 708 8.88 -29.41 16.69
N TYR A 709 8.14 -30.01 15.78
CA TYR A 709 8.72 -30.60 14.58
C TYR A 709 8.91 -29.53 13.50
N ARG A 710 10.16 -29.12 13.31
CA ARG A 710 10.50 -28.08 12.33
C ARG A 710 10.32 -28.59 10.92
N LEU A 711 9.95 -27.68 10.02
CA LEU A 711 9.83 -28.01 8.59
C LEU A 711 11.17 -28.33 7.93
N ASN A 712 12.25 -27.82 8.48
CA ASN A 712 13.60 -28.09 7.98
C ASN A 712 14.60 -27.69 9.05
N SER A 713 15.80 -28.24 8.97
CA SER A 713 16.90 -27.85 9.85
C SER A 713 17.52 -26.60 9.25
N ARG A 714 18.46 -26.00 9.99
CA ARG A 714 19.06 -24.72 9.61
C ARG A 714 20.05 -24.84 8.43
N PHE A 715 19.83 -24.04 7.40
CA PHE A 715 20.77 -23.81 6.29
C PHE A 715 21.30 -22.41 6.57
N GLY A 716 22.60 -22.24 6.62
CA GLY A 716 23.16 -20.91 6.97
C GLY A 716 22.95 -19.88 5.86
N GLY A 717 22.22 -18.82 6.17
CA GLY A 717 22.06 -17.71 5.23
C GLY A 717 21.11 -18.01 4.07
N ILE A 718 21.02 -17.04 3.15
CA ILE A 718 20.13 -17.13 1.99
C ILE A 718 20.61 -18.21 1.04
N GLN A 719 19.65 -18.76 0.29
CA GLN A 719 19.87 -19.93 -0.54
C GLN A 719 19.27 -19.63 -1.90
N GLN A 720 19.98 -18.76 -2.63
CA GLN A 720 19.47 -18.16 -3.88
C GLN A 720 19.39 -19.10 -5.10
N ASN A 721 19.94 -20.30 -4.97
CA ASN A 721 19.74 -21.39 -5.92
C ASN A 721 18.64 -22.37 -5.46
N LEU A 722 17.84 -22.01 -4.46
CA LEU A 722 16.79 -22.92 -3.99
C LEU A 722 15.45 -22.22 -3.70
N GLY A 723 15.44 -21.25 -2.80
CA GLY A 723 14.20 -20.54 -2.52
C GLY A 723 14.33 -19.29 -1.66
N ARG A 724 13.37 -18.37 -1.85
CA ARG A 724 13.29 -17.13 -1.09
C ARG A 724 12.97 -17.40 0.39
N ALA A 725 12.37 -18.56 0.68
CA ALA A 725 12.11 -18.95 2.08
C ALA A 725 13.35 -18.84 2.98
N PHE A 726 14.52 -19.13 2.44
CA PHE A 726 15.75 -19.07 3.25
C PHE A 726 16.21 -17.63 3.57
N GLY A 727 15.56 -16.63 2.98
CA GLY A 727 15.68 -15.24 3.41
C GLY A 727 14.97 -14.97 4.73
N PHE A 728 13.98 -15.78 5.07
CA PHE A 728 13.32 -15.66 6.37
C PHE A 728 14.30 -16.09 7.47
N ALA A 729 14.23 -15.41 8.61
CA ALA A 729 14.85 -15.86 9.83
C ALA A 729 14.45 -17.31 10.12
N PHE A 730 15.43 -18.10 10.57
CA PHE A 730 15.22 -19.49 10.90
C PHE A 730 14.15 -19.60 12.00
N GLY A 731 13.22 -20.51 11.80
CA GLY A 731 12.08 -20.67 12.71
C GLY A 731 10.87 -19.81 12.39
N HIS A 732 10.82 -19.26 11.17
CA HIS A 732 9.67 -18.47 10.74
C HIS A 732 9.20 -18.88 9.36
N LYS A 733 7.89 -19.07 9.22
CA LYS A 733 7.24 -19.33 7.93
C LYS A 733 7.81 -20.63 7.37
N GLU A 734 8.20 -20.69 6.10
CA GLU A 734 8.65 -21.96 5.53
C GLU A 734 10.14 -22.25 5.79
N ASN A 735 10.84 -21.41 6.55
CA ASN A 735 12.21 -21.69 6.98
C ASN A 735 12.27 -22.15 8.42
N GLY A 736 11.99 -23.43 8.61
CA GLY A 736 12.26 -24.08 9.90
C GLY A 736 11.32 -23.81 11.06
N ALA A 737 10.22 -23.12 10.83
CA ALA A 737 9.17 -23.04 11.84
C ALA A 737 8.52 -24.41 11.98
N MET A 738 7.72 -24.55 13.02
CA MET A 738 6.84 -25.70 13.15
C MET A 738 5.66 -25.36 12.27
N PHE A 739 5.65 -25.87 11.04
CA PHE A 739 4.66 -25.48 10.07
C PHE A 739 3.53 -26.51 10.09
N SER A 740 2.42 -26.11 10.73
CA SER A 740 1.37 -27.03 11.17
C SER A 740 0.88 -27.99 10.11
N HIS A 741 0.74 -27.51 8.87
CA HIS A 741 0.16 -28.30 7.78
C HIS A 741 1.03 -29.51 7.47
N MET A 742 2.32 -29.26 7.29
CA MET A 742 3.23 -30.34 6.97
C MET A 742 3.35 -31.30 8.16
N THR A 743 3.36 -30.75 9.37
CA THR A 743 3.52 -31.54 10.58
C THR A 743 2.32 -32.44 10.81
N VAL A 744 1.12 -31.92 10.57
CA VAL A 744 -0.08 -32.73 10.64
C VAL A 744 -0.04 -33.85 9.61
N MET A 745 0.42 -33.56 8.40
CA MET A 745 0.49 -34.59 7.34
C MET A 745 1.52 -35.66 7.65
N TYR A 746 2.59 -35.29 8.34
CA TYR A 746 3.57 -36.24 8.84
C TYR A 746 2.88 -37.19 9.81
N ALA A 747 2.14 -36.63 10.76
CA ALA A 747 1.38 -37.42 11.73
C ALA A 747 0.38 -38.33 11.03
N ASN A 748 -0.36 -37.76 10.08
CA ASN A 748 -1.29 -38.53 9.28
C ASN A 748 -0.61 -39.74 8.64
N ALA A 749 0.55 -39.51 8.02
CA ALA A 749 1.32 -40.57 7.36
C ALA A 749 1.75 -41.68 8.36
N LEU A 750 2.24 -41.25 9.52
CA LEU A 750 2.63 -42.19 10.57
C LEU A 750 1.46 -43.08 10.99
N TYR A 751 0.32 -42.45 11.26
CA TYR A 751 -0.89 -43.19 11.63
C TYR A 751 -1.28 -44.19 10.51
N LYS A 752 -1.29 -43.71 9.26
CA LYS A 752 -1.61 -44.55 8.11
C LYS A 752 -0.77 -45.82 8.09
N ARG A 753 0.52 -45.71 8.40
CA ARG A 753 1.46 -46.83 8.30
C ARG A 753 1.60 -47.68 9.57
N GLY A 754 0.85 -47.33 10.62
CA GLY A 754 0.80 -48.11 11.86
C GLY A 754 1.72 -47.62 12.95
N PHE A 755 2.42 -46.51 12.72
CA PHE A 755 3.31 -45.92 13.73
C PHE A 755 2.49 -44.98 14.63
N VAL A 756 1.65 -45.60 15.46
CA VAL A 756 0.62 -44.90 16.23
C VAL A 756 1.15 -44.08 17.40
N GLN A 757 2.08 -44.63 18.18
CA GLN A 757 2.69 -43.86 19.27
C GLN A 757 3.45 -42.63 18.75
N GLU A 758 4.09 -42.77 17.58
CA GLU A 758 4.89 -41.68 17.00
C GLU A 758 3.93 -40.66 16.47
N GLY A 759 2.89 -41.11 15.77
CA GLY A 759 1.84 -40.24 15.28
C GLY A 759 1.12 -39.47 16.38
N PHE A 760 0.83 -40.15 17.49
CA PHE A 760 0.20 -39.50 18.65
C PHE A 760 1.08 -38.37 19.21
N GLU A 761 2.38 -38.67 19.40
CA GLU A 761 3.34 -37.69 19.89
C GLU A 761 3.30 -36.44 19.01
N VAL A 762 3.21 -36.64 17.69
CA VAL A 762 3.20 -35.50 16.76
C VAL A 762 1.93 -34.67 16.92
N LEU A 763 0.76 -35.31 16.82
CA LEU A 763 -0.50 -34.59 17.01
C LEU A 763 -0.60 -33.89 18.37
N ASP A 764 -0.18 -34.58 19.43
CA ASP A 764 -0.18 -34.00 20.79
C ASP A 764 0.76 -32.78 20.93
N SER A 765 1.89 -32.79 20.21
N SER A 765 1.89 -32.79 20.21
CA SER A 765 2.81 -31.66 20.15
CA SER A 765 2.82 -31.67 20.13
C SER A 765 2.14 -30.39 19.61
C SER A 765 2.14 -30.39 19.61
N ILE A 766 1.34 -30.54 18.56
CA ILE A 766 0.64 -29.40 17.96
C ILE A 766 -0.35 -28.78 18.95
N TYR A 767 -1.16 -29.61 19.58
CA TYR A 767 -2.09 -29.15 20.62
C TYR A 767 -1.33 -28.47 21.77
N ARG A 768 -0.30 -29.10 22.30
CA ARG A 768 0.42 -28.57 23.47
C ARG A 768 1.05 -27.22 23.18
N LEU A 769 1.71 -27.09 22.03
CA LEU A 769 2.32 -25.84 21.58
C LEU A 769 1.27 -24.76 21.39
N SER A 770 0.20 -25.09 20.66
CA SER A 770 -0.88 -24.15 20.37
C SER A 770 -1.55 -23.63 21.64
N ALA A 771 -1.79 -24.53 22.60
CA ALA A 771 -2.50 -24.19 23.86
C ALA A 771 -1.62 -23.68 25.01
N ASP A 772 -0.30 -23.73 24.87
CA ASP A 772 0.62 -23.17 25.88
C ASP A 772 0.67 -21.63 25.74
N PHE A 773 -0.40 -20.98 26.19
CA PHE A 773 -0.63 -19.57 25.91
C PHE A 773 0.53 -18.64 26.28
N GLU A 774 1.19 -18.90 27.41
CA GLU A 774 2.39 -18.15 27.81
C GLU A 774 3.34 -17.86 26.62
N ASN A 775 3.54 -18.87 25.78
CA ASN A 775 4.40 -18.77 24.61
C ASN A 775 3.62 -18.53 23.31
N SER A 776 2.51 -19.24 23.09
CA SER A 776 1.78 -19.17 21.84
C SER A 776 1.02 -17.86 21.64
N ARG A 777 0.43 -17.32 22.72
CA ARG A 777 -0.29 -16.06 22.70
C ARG A 777 -1.39 -16.02 21.65
N ILE A 778 -2.10 -17.14 21.52
CA ILE A 778 -3.24 -17.24 20.62
C ILE A 778 -4.44 -17.83 21.32
N TYR A 779 -5.60 -17.52 20.77
CA TYR A 779 -6.84 -18.09 21.23
C TYR A 779 -6.91 -19.56 20.73
N PRO A 780 -7.89 -20.34 21.23
CA PRO A 780 -8.05 -21.71 20.73
C PRO A 780 -8.10 -21.81 19.22
N GLY A 781 -7.43 -22.82 18.69
CA GLY A 781 -7.22 -22.97 17.26
C GLY A 781 -5.81 -23.43 17.01
N VAL A 782 -5.57 -23.96 15.82
CA VAL A 782 -4.21 -24.31 15.36
C VAL A 782 -3.72 -23.21 14.43
N PRO A 783 -2.52 -22.67 14.67
CA PRO A 783 -1.97 -21.65 13.80
C PRO A 783 -1.30 -22.24 12.57
N GLU A 784 -1.05 -21.41 11.56
CA GLU A 784 -0.23 -21.82 10.42
C GLU A 784 1.14 -22.31 10.86
N TYR A 785 1.77 -21.57 11.77
CA TYR A 785 3.02 -22.02 12.33
C TYR A 785 3.29 -21.56 13.75
N ILE A 786 4.08 -22.35 14.45
CA ILE A 786 4.69 -21.95 15.72
C ILE A 786 6.10 -21.51 15.38
N ASN A 787 6.49 -20.32 15.84
CA ASN A 787 7.74 -19.70 15.39
C ASN A 787 8.88 -19.92 16.38
N GLU A 788 10.02 -19.29 16.12
CA GLU A 788 11.23 -19.56 16.87
C GLU A 788 11.09 -19.28 18.36
N ARG A 789 10.21 -18.34 18.73
CA ARG A 789 9.95 -18.02 20.13
C ARG A 789 8.70 -18.68 20.68
N GLY A 790 8.16 -19.67 19.98
CA GLY A 790 6.99 -20.39 20.43
C GLY A 790 5.67 -19.73 20.19
N ARG A 791 5.64 -18.63 19.45
CA ARG A 791 4.40 -17.87 19.22
C ARG A 791 3.59 -18.47 18.07
N GLY A 792 2.27 -18.46 18.24
CA GLY A 792 1.35 -18.88 17.18
C GLY A 792 1.20 -17.77 16.14
N MET A 793 1.43 -18.12 14.88
CA MET A 793 1.38 -17.14 13.80
C MET A 793 0.38 -17.54 12.74
N TYR A 794 -0.23 -16.52 12.11
CA TYR A 794 -1.18 -16.67 11.02
C TYR A 794 -2.31 -17.60 11.46
N THR A 795 -3.12 -17.06 12.36
CA THR A 795 -4.14 -17.80 13.04
C THR A 795 -5.35 -18.05 12.13
N TYR A 796 -6.15 -19.04 12.50
CA TYR A 796 -7.50 -19.29 11.95
C TYR A 796 -7.59 -19.83 10.53
N LEU A 797 -6.96 -19.17 9.55
CA LEU A 797 -7.20 -19.48 8.15
C LEU A 797 -6.36 -20.67 7.60
N THR A 798 -5.28 -21.04 8.26
CA THR A 798 -4.45 -22.20 7.87
C THR A 798 -5.18 -23.48 7.46
N GLY A 799 -4.76 -24.05 6.33
CA GLY A 799 -5.24 -25.35 5.86
C GLY A 799 -4.91 -26.54 6.74
N SER A 800 -3.98 -26.38 7.68
CA SER A 800 -3.65 -27.44 8.62
C SER A 800 -4.86 -27.95 9.41
N ALA A 801 -5.79 -27.06 9.71
CA ALA A 801 -7.00 -27.41 10.45
C ALA A 801 -7.82 -28.47 9.72
N SER A 802 -7.95 -28.34 8.41
CA SER A 802 -8.69 -29.35 7.63
C SER A 802 -8.07 -30.74 7.81
N TRP A 803 -6.76 -30.78 7.70
CA TRP A 803 -6.01 -32.00 7.88
C TRP A 803 -6.00 -32.53 9.30
N LEU A 804 -5.97 -31.62 10.27
CA LEU A 804 -6.04 -32.02 11.66
C LEU A 804 -7.39 -32.68 11.93
N LEU A 805 -8.47 -32.01 11.50
CA LEU A 805 -9.84 -32.54 11.62
C LEU A 805 -9.97 -33.91 10.96
N LEU A 806 -9.49 -34.00 9.72
CA LEU A 806 -9.55 -35.23 8.95
C LEU A 806 -8.70 -36.35 9.55
N THR A 807 -7.55 -36.02 10.09
CA THR A 807 -6.67 -37.03 10.67
C THR A 807 -7.25 -37.56 11.98
N GLN A 808 -7.82 -36.69 12.81
CA GLN A 808 -8.46 -37.13 14.06
C GLN A 808 -9.64 -38.07 13.77
N LEU A 809 -10.43 -37.71 12.77
CA LEU A 809 -11.62 -38.47 12.42
C LEU A 809 -11.28 -39.81 11.76
N THR A 810 -10.44 -39.75 10.71
CA THR A 810 -10.27 -40.91 9.80
C THR A 810 -9.13 -41.83 10.17
N GLU A 811 -8.15 -41.33 10.93
CA GLU A 811 -7.02 -42.13 11.37
C GLU A 811 -7.03 -42.43 12.86
N VAL A 812 -7.11 -41.38 13.68
CA VAL A 812 -7.02 -41.57 15.13
C VAL A 812 -8.23 -42.34 15.67
N TYR A 813 -9.44 -41.83 15.45
CA TYR A 813 -10.68 -42.56 15.78
C TYR A 813 -11.02 -43.63 14.72
N GLY A 814 -10.44 -43.50 13.53
CA GLY A 814 -10.48 -44.56 12.52
C GLY A 814 -11.83 -44.76 11.86
N VAL A 815 -12.62 -43.69 11.77
CA VAL A 815 -13.93 -43.74 11.15
C VAL A 815 -13.79 -43.18 9.74
N LYS A 816 -13.79 -44.08 8.75
CA LYS A 816 -13.52 -43.70 7.36
C LYS A 816 -14.28 -44.62 6.41
N GLY A 817 -14.45 -44.17 5.18
CA GLY A 817 -15.08 -44.95 4.14
C GLY A 817 -14.14 -45.93 3.46
N ARG A 818 -14.71 -47.00 2.91
CA ARG A 818 -14.04 -47.91 1.98
C ARG A 818 -15.07 -48.25 0.89
N PHE A 819 -14.91 -47.64 -0.28
CA PHE A 819 -15.88 -47.70 -1.39
C PHE A 819 -17.32 -47.53 -0.91
N GLY A 820 -17.52 -46.57 -0.02
CA GLY A 820 -18.84 -46.28 0.53
C GLY A 820 -19.24 -47.09 1.76
N ASP A 821 -18.58 -48.23 2.01
CA ASP A 821 -18.80 -49.00 3.24
C ASP A 821 -18.04 -48.33 4.37
N LEU A 822 -18.55 -48.46 5.60
CA LEU A 822 -17.95 -47.80 6.76
C LEU A 822 -16.90 -48.71 7.37
N ARG A 823 -15.64 -48.26 7.41
CA ARG A 823 -14.57 -48.99 8.12
C ARG A 823 -14.32 -48.32 9.47
N LEU A 824 -14.20 -49.16 10.50
CA LEU A 824 -13.84 -48.75 11.86
C LEU A 824 -12.49 -49.36 12.20
N GLU A 825 -11.48 -48.53 12.41
CA GLU A 825 -10.13 -49.01 12.74
C GLU A 825 -9.45 -48.10 13.75
N PRO A 826 -9.85 -48.21 15.03
CA PRO A 826 -9.33 -47.29 16.04
C PRO A 826 -7.81 -47.35 16.19
N LYS A 827 -7.17 -46.18 16.21
CA LYS A 827 -5.76 -46.09 16.54
C LYS A 827 -5.62 -45.15 17.73
N LEU A 828 -6.52 -45.31 18.70
CA LEU A 828 -6.52 -44.52 19.91
C LEU A 828 -5.57 -45.16 20.89
N VAL A 829 -4.75 -44.36 21.55
CA VAL A 829 -3.92 -44.85 22.67
C VAL A 829 -4.71 -44.85 23.99
N GLN A 830 -4.31 -45.72 24.91
CA GLN A 830 -4.92 -45.87 26.25
C GLN A 830 -5.19 -44.54 26.96
N ALA A 831 -4.21 -43.64 26.95
CA ALA A 831 -4.37 -42.36 27.63
C ALA A 831 -5.51 -41.49 27.09
N GLN A 832 -6.05 -41.80 25.91
CA GLN A 832 -7.16 -41.02 25.34
C GLN A 832 -8.53 -41.45 25.85
N PHE A 833 -8.61 -42.57 26.54
CA PHE A 833 -9.91 -43.03 27.04
C PHE A 833 -10.28 -42.32 28.33
N ASP A 834 -11.56 -41.98 28.49
CA ASP A 834 -12.02 -41.22 29.67
C ASP A 834 -12.18 -42.11 30.89
N GLY A 835 -12.65 -41.52 32.00
CA GLY A 835 -12.86 -42.21 33.27
C GLY A 835 -13.75 -43.43 33.26
N SER A 836 -14.62 -43.57 32.25
CA SER A 836 -15.41 -44.81 32.02
C SER A 836 -14.83 -45.69 30.89
N GLY A 837 -13.55 -45.49 30.56
CA GLY A 837 -12.89 -46.24 29.48
C GLY A 837 -13.52 -46.08 28.11
N GLU A 838 -14.05 -44.89 27.83
CA GLU A 838 -14.76 -44.61 26.59
C GLU A 838 -14.06 -43.46 25.88
N ALA A 839 -14.08 -43.52 24.55
CA ALA A 839 -13.78 -42.36 23.71
C ALA A 839 -14.70 -42.43 22.50
N ALA A 840 -15.25 -41.29 22.10
CA ALA A 840 -16.28 -41.29 21.05
C ALA A 840 -16.13 -40.19 20.02
N VAL A 841 -16.75 -40.38 18.87
CA VAL A 841 -16.85 -39.33 17.87
C VAL A 841 -18.21 -39.37 17.19
N GLU A 842 -18.88 -38.21 17.16
CA GLU A 842 -20.12 -38.04 16.39
C GLU A 842 -19.76 -37.49 15.02
N THR A 843 -20.28 -38.09 13.96
CA THR A 843 -19.86 -37.75 12.61
C THR A 843 -20.96 -38.11 11.62
N LEU A 844 -20.92 -37.49 10.46
CA LEU A 844 -21.88 -37.75 9.38
C LEU A 844 -21.31 -38.85 8.46
N PHE A 845 -22.13 -39.85 8.12
CA PHE A 845 -21.75 -40.88 7.15
C PHE A 845 -22.98 -41.46 6.46
N ALA A 846 -22.93 -41.52 5.12
CA ALA A 846 -24.07 -41.91 4.30
C ALA A 846 -25.34 -41.15 4.71
N GLY A 847 -25.19 -39.85 4.92
CA GLY A 847 -26.28 -38.97 5.32
C GLY A 847 -26.92 -39.22 6.67
N ARG A 848 -26.21 -39.86 7.61
CA ARG A 848 -26.75 -40.09 8.97
C ARG A 848 -25.72 -39.70 10.02
N MET A 849 -26.17 -39.08 11.12
CA MET A 849 -25.29 -38.81 12.27
C MET A 849 -25.10 -40.10 13.07
N LEU A 850 -23.83 -40.49 13.25
CA LEU A 850 -23.44 -41.66 14.02
C LEU A 850 -22.61 -41.21 15.21
N ARG A 851 -22.88 -41.78 16.38
CA ARG A 851 -22.02 -41.62 17.55
C ARG A 851 -21.22 -42.91 17.71
N VAL A 852 -20.00 -42.92 17.18
CA VAL A 852 -19.14 -44.10 17.31
C VAL A 852 -18.44 -44.03 18.67
N VAL A 853 -18.87 -44.91 19.58
CA VAL A 853 -18.30 -45.02 20.93
C VAL A 853 -17.39 -46.25 21.01
N TYR A 854 -16.11 -46.01 21.33
CA TYR A 854 -15.17 -47.09 21.57
C TYR A 854 -15.07 -47.34 23.08
N ARG A 855 -15.38 -48.57 23.49
CA ARG A 855 -15.26 -49.00 24.89
C ARG A 855 -14.01 -49.84 25.07
N ASN A 856 -13.17 -49.46 26.03
CA ASN A 856 -11.93 -50.14 26.34
C ASN A 856 -11.94 -50.43 27.85
N PRO A 857 -12.82 -51.34 28.29
CA PRO A 857 -12.89 -51.62 29.73
C PRO A 857 -11.59 -52.26 30.25
N GLN A 858 -11.00 -53.14 29.44
CA GLN A 858 -9.72 -53.77 29.77
C GLN A 858 -8.51 -52.80 29.85
N ALA A 859 -8.71 -51.55 29.44
CA ALA A 859 -7.66 -50.52 29.52
C ALA A 859 -6.40 -50.87 28.71
N ALA A 860 -6.60 -51.61 27.61
CA ALA A 860 -5.49 -52.07 26.77
C ALA A 860 -4.90 -50.92 25.96
N GLU A 861 -3.60 -50.96 25.75
CA GLU A 861 -2.90 -50.03 24.86
C GLU A 861 -3.17 -50.44 23.41
N HIS A 862 -3.00 -49.50 22.47
CA HIS A 862 -3.07 -49.85 21.04
C HIS A 862 -2.02 -50.91 20.68
N GLY A 863 -2.41 -51.84 19.81
CA GLY A 863 -1.54 -52.99 19.51
C GLY A 863 -1.85 -54.18 20.38
N GLN A 864 -2.24 -53.95 21.64
CA GLN A 864 -2.78 -54.98 22.51
C GLN A 864 -4.31 -55.20 22.42
N TYR A 865 -5.06 -54.34 21.70
CA TYR A 865 -6.52 -54.52 21.58
C TYR A 865 -7.04 -54.89 20.18
N ARG A 866 -8.19 -55.56 20.16
CA ARG A 866 -8.92 -55.90 18.93
C ARG A 866 -10.38 -55.51 19.11
N VAL A 867 -11.18 -55.69 18.06
CA VAL A 867 -12.63 -55.47 18.11
C VAL A 867 -13.30 -56.78 18.58
N ASP A 868 -14.02 -56.74 19.70
CA ASP A 868 -14.74 -57.94 20.22
C ASP A 868 -16.22 -57.99 19.84
N SER A 869 -16.89 -56.83 19.75
CA SER A 869 -18.26 -56.76 19.24
C SER A 869 -18.66 -55.33 18.89
N VAL A 870 -19.70 -55.22 18.05
CA VAL A 870 -20.24 -53.95 17.57
C VAL A 870 -21.76 -54.01 17.51
N SER A 871 -22.43 -53.10 18.23
CA SER A 871 -23.89 -53.01 18.20
C SER A 871 -24.37 -51.64 17.71
N LEU A 872 -25.32 -51.65 16.78
CA LEU A 872 -25.83 -50.44 16.12
C LEU A 872 -27.23 -50.11 16.61
N ASN A 873 -27.32 -49.02 17.37
CA ASN A 873 -28.58 -48.49 17.94
C ASN A 873 -29.39 -49.51 18.77
N GLY A 874 -28.74 -50.56 19.27
CA GLY A 874 -29.41 -51.65 20.00
C GLY A 874 -29.03 -53.05 19.56
N GLN A 875 -29.35 -53.39 18.31
CA GLN A 875 -29.12 -54.75 17.74
C GLN A 875 -27.65 -54.94 17.30
N SER A 876 -27.29 -56.20 17.04
CA SER A 876 -25.91 -56.60 16.77
C SER A 876 -25.55 -56.34 15.31
N VAL A 877 -24.26 -56.25 15.00
CA VAL A 877 -23.77 -56.05 13.62
C VAL A 877 -22.63 -57.01 13.24
N ASP A 878 -22.76 -57.63 12.07
CA ASP A 878 -21.69 -58.45 11.48
C ASP A 878 -20.64 -57.50 10.90
N CYS A 879 -19.38 -57.72 11.24
CA CYS A 879 -18.24 -56.96 10.70
C CYS A 879 -17.43 -57.84 9.78
N GLN A 880 -17.83 -57.91 8.51
CA GLN A 880 -17.09 -58.67 7.48
C GLN A 880 -15.67 -58.12 7.28
N ASN A 881 -14.79 -58.42 8.25
CA ASN A 881 -13.49 -57.72 8.45
C ASN A 881 -12.40 -57.86 7.37
N ASP A 882 -12.27 -56.81 6.57
CA ASP A 882 -11.21 -56.69 5.56
C ASP A 882 -9.96 -56.09 6.22
N GLY A 883 -8.98 -56.95 6.51
CA GLY A 883 -7.72 -56.58 7.18
C GLY A 883 -7.83 -56.29 8.69
N ALA A 884 -7.08 -55.28 9.12
CA ALA A 884 -6.85 -54.97 10.53
C ALA A 884 -8.07 -54.38 11.25
N GLY A 885 -9.08 -53.90 10.50
CA GLY A 885 -10.29 -53.32 11.08
C GLY A 885 -11.62 -53.92 10.60
N CYS A 886 -12.67 -53.52 11.31
CA CYS A 886 -14.03 -54.01 11.09
C CYS A 886 -14.72 -53.18 10.00
N LEU A 887 -15.42 -53.84 9.09
CA LEU A 887 -16.02 -53.22 7.90
C LEU A 887 -17.54 -53.40 7.88
N ILE A 888 -18.30 -52.32 7.96
CA ILE A 888 -19.77 -52.34 7.97
C ILE A 888 -20.32 -51.90 6.61
N GLY A 889 -21.26 -52.68 6.07
CA GLY A 889 -21.86 -52.39 4.76
C GLY A 889 -22.74 -51.15 4.76
N ARG A 890 -22.68 -50.39 3.68
CA ARG A 890 -23.35 -49.08 3.59
C ARG A 890 -24.86 -49.11 3.86
N SER A 891 -25.53 -50.15 3.38
CA SER A 891 -26.99 -50.31 3.50
C SER A 891 -27.50 -50.26 4.94
N LEU A 892 -26.78 -50.90 5.86
CA LEU A 892 -27.15 -50.93 7.29
C LEU A 892 -27.21 -49.52 7.88
N ILE A 893 -26.33 -48.64 7.41
CA ILE A 893 -26.33 -47.24 7.86
C ILE A 893 -27.46 -46.50 7.17
N GLU A 894 -27.60 -46.70 5.85
CA GLU A 894 -28.66 -46.07 5.07
C GLU A 894 -30.07 -46.45 5.54
N ALA A 895 -30.24 -47.67 6.04
CA ALA A 895 -31.51 -48.14 6.61
C ALA A 895 -31.95 -47.44 7.91
N LEU A 896 -31.03 -46.72 8.58
CA LEU A 896 -31.34 -45.97 9.81
C LEU A 896 -32.31 -44.80 9.56
N PRO A 897 -33.06 -44.35 10.59
CA PRO A 897 -33.83 -43.10 10.50
C PRO A 897 -32.97 -41.87 10.17
N ALA A 898 -33.53 -40.94 9.39
CA ALA A 898 -32.83 -39.72 9.00
C ALA A 898 -32.57 -38.83 10.22
N ASP A 899 -33.63 -38.51 10.96
CA ASP A 899 -33.51 -37.71 12.18
C ASP A 899 -32.80 -38.51 13.29
N GLY A 900 -32.26 -37.78 14.26
CA GLY A 900 -31.62 -38.37 15.44
C GLY A 900 -30.16 -38.72 15.25
N VAL A 901 -29.49 -38.97 16.38
CA VAL A 901 -28.11 -39.45 16.42
C VAL A 901 -28.12 -40.95 16.76
N HIS A 902 -27.61 -41.78 15.86
CA HIS A 902 -27.59 -43.23 16.05
C HIS A 902 -26.28 -43.74 16.67
N GLU A 903 -26.39 -44.42 17.81
CA GLU A 903 -25.21 -44.87 18.56
C GLU A 903 -24.68 -46.18 17.99
N LEU A 904 -23.36 -46.25 17.78
CA LEU A 904 -22.69 -47.46 17.29
C LEU A 904 -21.55 -47.78 18.28
N ILE A 905 -21.80 -48.78 19.12
CA ILE A 905 -20.89 -49.12 20.24
C ILE A 905 -19.93 -50.23 19.81
N VAL A 906 -18.64 -49.90 19.80
CA VAL A 906 -17.57 -50.84 19.45
C VAL A 906 -16.83 -51.22 20.72
N THR A 907 -16.92 -52.49 21.11
CA THR A 907 -16.30 -52.99 22.33
C THR A 907 -14.94 -53.62 21.99
N LEU A 908 -13.90 -53.15 22.68
CA LEU A 908 -12.53 -53.61 22.48
C LEU A 908 -12.04 -54.48 23.63
N GLY A 909 -11.37 -55.58 23.30
CA GLY A 909 -10.74 -56.45 24.30
C GLY A 909 -9.37 -56.91 23.88
N ARG A 910 -8.72 -57.64 24.78
CA ARG A 910 -7.30 -57.95 24.63
C ARG A 910 -7.04 -59.02 23.59
N ASN A 911 -5.79 -59.11 23.16
CA ASN A 911 -5.35 -60.13 22.20
C ASN A 911 -5.15 -61.48 22.86
N ILE A 912 -5.07 -62.51 22.04
CA ILE A 912 -4.82 -63.89 22.46
C ILE A 912 -3.31 -64.15 22.39
N SER A 913 -2.88 -65.23 23.04
CA SER A 913 -1.60 -65.90 22.79
C SER A 913 -0.47 -65.32 23.63
N LYS B 6 -3.25 32.00 18.01
CA LYS B 6 -1.89 32.57 18.06
C LYS B 6 -1.03 31.82 17.06
N GLY B 7 -0.72 32.45 15.93
CA GLY B 7 0.13 31.82 14.93
C GLY B 7 1.61 31.81 15.29
N TRP B 8 2.43 31.48 14.30
CA TRP B 8 3.87 31.61 14.44
C TRP B 8 4.26 33.07 14.37
N LYS B 9 5.39 33.41 14.98
CA LYS B 9 5.94 34.76 14.98
C LYS B 9 7.39 34.67 14.53
N PHE B 10 7.76 35.47 13.52
CA PHE B 10 9.16 35.58 13.08
C PHE B 10 10.07 36.11 14.20
N GLN B 11 11.34 35.71 14.18
CA GLN B 11 12.33 36.14 15.17
C GLN B 11 13.66 36.42 14.51
N GLY B 12 14.23 37.58 14.79
CA GLY B 12 15.43 38.01 14.10
C GLY B 12 15.08 38.42 12.69
N GLU B 13 16.09 38.53 11.83
CA GLU B 13 15.88 39.05 10.47
C GLU B 13 16.27 38.07 9.37
N GLN B 14 16.46 36.81 9.75
CA GLN B 14 16.89 35.76 8.85
C GLN B 14 15.77 34.77 8.47
N GLY B 15 14.58 34.93 9.05
CA GLY B 15 13.43 34.10 8.72
C GLY B 15 13.16 32.98 9.71
N GLU B 16 13.91 32.97 10.80
CA GLU B 16 13.62 32.06 11.90
C GLU B 16 12.23 32.39 12.50
N PHE B 17 11.48 31.37 12.90
CA PHE B 17 10.17 31.59 13.55
C PHE B 17 9.94 30.68 14.74
N ARG B 18 8.94 31.04 15.54
CA ARG B 18 8.57 30.31 16.73
C ARG B 18 7.06 30.16 16.78
N LEU B 19 6.59 28.99 17.22
CA LEU B 19 5.17 28.71 17.40
C LEU B 19 4.93 28.09 18.78
N GLU B 20 4.15 28.77 19.63
CA GLU B 20 3.78 28.23 20.95
C GLU B 20 2.70 27.16 20.81
N GLN B 21 2.76 26.16 21.70
CA GLN B 21 1.80 25.05 21.73
C GLN B 21 1.52 24.48 20.34
N PRO B 22 2.59 24.10 19.61
CA PRO B 22 2.48 23.71 18.21
C PRO B 22 1.64 22.47 17.96
N GLU B 23 1.69 21.52 18.89
CA GLU B 23 0.90 20.30 18.75
C GLU B 23 -0.59 20.49 19.06
N HIS B 24 -1.05 21.70 19.44
CA HIS B 24 -2.49 22.04 19.41
C HIS B 24 -3.04 22.26 17.96
N ASN B 25 -2.27 21.87 16.94
CA ASN B 25 -2.63 22.01 15.53
C ASN B 25 -2.44 20.68 14.84
N SER B 26 -3.42 20.20 14.09
CA SER B 26 -3.29 18.94 13.38
C SER B 26 -2.47 19.11 12.10
N TYR B 27 -1.79 18.02 11.72
CA TYR B 27 -1.18 17.87 10.38
C TYR B 27 0.06 18.76 10.09
N LEU B 28 0.61 19.43 11.11
CA LEU B 28 1.81 20.23 10.93
C LEU B 28 3.02 19.36 10.66
N TYR B 29 3.89 19.80 9.74
CA TYR B 29 5.19 19.20 9.51
C TYR B 29 6.18 20.14 8.84
N PHE B 30 7.46 19.90 9.09
CA PHE B 30 8.57 20.74 8.62
C PHE B 30 9.59 19.86 7.85
N PRO B 31 10.20 20.37 6.78
CA PRO B 31 11.08 19.55 5.96
C PRO B 31 12.58 19.68 6.31
N LEU B 32 13.29 18.54 6.36
CA LEU B 32 14.73 18.51 6.51
C LEU B 32 15.29 17.63 5.39
N VAL B 33 16.25 18.16 4.63
CA VAL B 33 16.70 17.51 3.39
C VAL B 33 18.11 17.95 2.96
N ASN B 34 18.82 17.06 2.27
CA ASN B 34 20.12 17.42 1.66
C ASN B 34 20.27 16.92 0.24
N GLU B 35 21.30 17.41 -0.42
CA GLU B 35 21.63 17.01 -1.81
C GLU B 35 21.95 15.55 -1.89
N ALA B 36 22.60 15.01 -0.87
CA ALA B 36 22.98 13.59 -0.85
C ALA B 36 21.80 12.63 -1.00
N GLY B 37 20.61 13.06 -0.56
CA GLY B 37 19.39 12.30 -0.76
C GLY B 37 18.63 11.87 0.48
N MET B 38 18.98 12.38 1.67
CA MET B 38 18.15 12.10 2.85
C MET B 38 16.96 13.06 2.83
N MET B 39 15.75 12.53 2.89
CA MET B 39 14.55 13.33 2.81
C MET B 39 13.69 13.05 4.04
N SER B 40 13.46 14.07 4.88
CA SER B 40 12.71 13.92 6.12
C SER B 40 11.60 14.92 6.30
N ALA B 41 10.64 14.54 7.14
CA ALA B 41 9.61 15.43 7.63
C ALA B 41 9.51 15.26 9.13
N VAL B 42 9.35 16.38 9.84
CA VAL B 42 9.27 16.36 11.29
C VAL B 42 8.07 17.18 11.80
N THR B 43 7.23 16.56 12.64
CA THR B 43 6.07 17.22 13.23
C THR B 43 6.40 17.81 14.60
N PRO B 44 5.48 18.56 15.21
CA PRO B 44 5.78 19.07 16.53
C PRO B 44 6.09 18.02 17.61
N ASN B 45 5.60 16.78 17.46
CA ASN B 45 5.91 15.69 18.40
C ASN B 45 6.99 14.73 17.87
N LEU B 46 7.65 15.14 16.78
CA LEU B 46 8.77 14.44 16.13
C LEU B 46 8.34 13.26 15.29
N HIS B 47 7.05 13.20 14.91
CA HIS B 47 6.59 12.24 13.91
C HIS B 47 7.02 12.72 12.53
N GLY B 48 6.68 11.95 11.51
CA GLY B 48 6.89 12.31 10.12
C GLY B 48 7.45 11.10 9.43
N GLU B 49 8.51 11.27 8.67
CA GLU B 49 9.10 10.15 7.97
C GLU B 49 10.53 10.49 7.62
N ILE B 50 11.29 9.45 7.29
CA ILE B 50 12.70 9.58 6.90
C ILE B 50 12.87 8.56 5.78
N THR B 51 13.37 9.02 4.64
CA THR B 51 13.55 8.16 3.51
C THR B 51 14.61 8.68 2.55
N SER B 52 15.16 7.77 1.75
CA SER B 52 16.02 8.12 0.64
C SER B 52 15.39 7.73 -0.68
N GLY B 53 14.14 7.28 -0.68
CA GLY B 53 13.45 6.90 -1.92
C GLY B 53 12.24 6.03 -1.67
N HIS B 54 11.49 5.75 -2.72
CA HIS B 54 10.28 4.95 -2.60
C HIS B 54 10.53 3.59 -1.94
N ASN B 55 11.63 2.97 -2.32
CA ASN B 55 11.97 1.63 -1.86
C ASN B 55 12.84 1.57 -0.61
N THR B 56 13.30 2.72 -0.09
CA THR B 56 14.24 2.78 1.03
C THR B 56 13.82 3.72 2.17
N PHE B 57 12.71 3.38 2.82
CA PHE B 57 12.18 4.14 3.97
C PHE B 57 12.84 3.67 5.26
N LEU B 58 13.44 4.60 5.99
CA LEU B 58 14.03 4.30 7.30
C LEU B 58 12.92 4.27 8.37
N MET B 59 12.07 5.29 8.40
CA MET B 59 10.87 5.27 9.22
C MET B 59 9.69 4.92 8.34
N GLU B 60 8.62 4.48 8.98
CA GLU B 60 7.43 4.02 8.27
C GLU B 60 6.91 5.12 7.35
N PRO B 61 6.52 4.76 6.12
CA PRO B 61 5.81 5.69 5.23
C PRO B 61 4.48 6.18 5.85
N VAL B 62 4.19 7.47 5.67
CA VAL B 62 3.00 8.06 6.24
C VAL B 62 2.21 8.87 5.23
N SER B 63 0.94 9.09 5.57
CA SER B 63 0.12 10.12 4.96
C SER B 63 -0.27 11.07 6.08
N ALA B 64 -1.11 12.06 5.76
CA ALA B 64 -1.62 13.02 6.74
C ALA B 64 -2.18 12.40 8.02
N GLU B 65 -3.06 11.42 7.90
CA GLU B 65 -3.76 10.89 9.09
C GLU B 65 -2.81 10.20 10.07
N SER B 66 -1.75 9.61 9.55
CA SER B 66 -0.70 9.00 10.37
C SER B 66 -0.12 9.95 11.44
N LEU B 67 -0.06 11.25 11.14
CA LEU B 67 0.63 12.18 12.00
C LEU B 67 -0.04 12.30 13.37
N HIS B 68 -1.34 12.04 13.43
CA HIS B 68 -2.03 11.84 14.70
C HIS B 68 -2.24 10.35 15.04
N ASN B 69 -2.55 9.50 14.05
CA ASN B 69 -3.05 8.15 14.33
C ASN B 69 -1.99 7.11 14.68
N SER B 70 -0.75 7.31 14.17
CA SER B 70 0.37 6.42 14.47
C SER B 70 1.17 6.94 15.65
N LYS B 71 1.54 6.00 16.51
CA LYS B 71 2.29 6.28 17.70
C LYS B 71 3.79 6.32 17.45
N ALA B 72 4.23 5.96 16.25
CA ALA B 72 5.63 5.73 15.96
C ALA B 72 6.41 6.98 15.53
N SER B 73 6.32 8.04 16.31
CA SER B 73 7.22 9.19 16.11
C SER B 73 8.66 8.83 16.45
N ARG B 74 9.60 9.67 16.02
CA ARG B 74 10.92 9.69 16.67
C ARG B 74 10.60 10.01 18.14
N ASN B 75 11.35 9.45 19.05
CA ASN B 75 11.11 9.76 20.44
C ASN B 75 12.40 9.73 21.20
N PHE B 76 12.37 10.38 22.35
CA PHE B 76 13.46 10.30 23.29
C PHE B 76 12.81 10.38 24.64
N TRP B 77 13.11 9.37 25.45
CA TRP B 77 12.46 9.20 26.73
C TRP B 77 13.37 9.55 27.86
N VAL B 78 12.78 10.02 28.95
CA VAL B 78 13.45 10.19 30.22
C VAL B 78 12.58 9.54 31.29
N PHE B 79 13.14 8.57 32.01
CA PHE B 79 12.49 8.05 33.17
C PHE B 79 12.98 8.91 34.33
N ILE B 80 12.08 9.76 34.83
CA ILE B 80 12.41 10.70 35.88
C ILE B 80 12.07 10.09 37.25
N GLU B 81 13.06 10.01 38.14
CA GLU B 81 12.82 9.51 39.48
C GLU B 81 11.72 10.32 40.18
N GLY B 82 10.80 9.61 40.83
CA GLY B 82 9.64 10.24 41.49
C GLY B 82 8.53 10.70 40.56
N TYR B 83 8.62 10.42 39.27
CA TYR B 83 7.65 10.85 38.27
C TYR B 83 7.32 9.73 37.28
N GLY B 84 8.34 9.16 36.62
CA GLY B 84 8.19 8.05 35.70
C GLY B 84 8.61 8.40 34.28
N ALA B 85 8.05 7.66 33.30
CA ALA B 85 8.34 7.87 31.90
C ALA B 85 7.82 9.22 31.42
N TRP B 86 8.58 9.84 30.51
CA TRP B 86 8.31 11.17 29.99
C TRP B 86 9.00 11.36 28.63
N SER B 87 8.25 11.84 27.64
CA SER B 87 8.75 12.05 26.29
C SER B 87 9.16 13.48 26.11
N VAL B 88 10.35 13.71 25.57
CA VAL B 88 10.81 15.08 25.36
C VAL B 88 9.99 15.88 24.35
N SER B 89 9.23 15.18 23.49
CA SER B 89 8.35 15.81 22.51
C SER B 89 6.88 15.76 22.89
N GLY B 90 6.57 15.20 24.06
CA GLY B 90 5.19 15.02 24.47
C GLY B 90 4.45 13.81 23.90
N ASN B 91 5.13 12.95 23.14
CA ASN B 91 4.46 11.77 22.61
C ASN B 91 4.55 10.56 23.56
N SER B 92 3.80 10.66 24.65
CA SER B 92 3.53 9.51 25.51
C SER B 92 2.02 9.49 25.81
N ALA B 93 1.49 8.29 26.03
CA ALA B 93 0.12 8.12 26.53
C ALA B 93 -0.21 9.09 27.67
N ARG B 94 0.67 9.18 28.67
CA ARG B 94 0.43 10.05 29.83
C ARG B 94 0.30 11.52 29.44
N GLN B 95 1.25 12.00 28.65
CA GLN B 95 1.23 13.39 28.20
C GLN B 95 0.11 13.71 27.20
N ASN B 96 -0.18 12.78 26.30
CA ASN B 96 -1.28 12.93 25.34
C ASN B 96 -2.63 13.02 26.05
N ALA B 97 -2.79 12.26 27.14
CA ALA B 97 -4.04 12.28 27.96
C ALA B 97 -4.35 13.62 28.64
N ALA B 98 -3.38 14.53 28.66
CA ALA B 98 -3.58 15.89 29.14
C ALA B 98 -4.14 16.83 28.07
N ARG B 99 -4.09 16.45 26.80
CA ARG B 99 -4.64 17.29 25.74
C ARG B 99 -6.15 17.49 25.96
N PHE B 100 -6.56 18.75 25.79
CA PHE B 100 -7.93 19.23 25.98
C PHE B 100 -8.40 19.32 27.43
N THR B 101 -7.51 19.12 28.41
CA THR B 101 -7.88 19.23 29.84
C THR B 101 -7.45 20.56 30.46
N GLY B 102 -6.74 21.41 29.71
CA GLY B 102 -6.10 22.60 30.28
C GLY B 102 -5.01 22.29 31.30
N GLU B 103 -4.39 21.12 31.18
CA GLU B 103 -3.23 20.74 32.01
C GLU B 103 -2.04 20.37 31.11
N GLU B 104 -2.03 20.89 29.89
CA GLU B 104 -0.97 20.60 28.92
C GLU B 104 0.32 21.22 29.41
N GLU B 105 1.44 20.58 29.09
CA GLU B 105 2.74 21.14 29.35
C GLU B 105 3.02 22.25 28.34
N ARG B 106 3.83 23.23 28.74
CA ARG B 106 4.22 24.33 27.85
C ARG B 106 5.19 23.76 26.80
N SER B 107 5.03 24.18 25.56
CA SER B 107 5.85 23.65 24.47
C SER B 107 5.94 24.64 23.33
N ALA B 108 6.84 24.35 22.40
CA ALA B 108 7.14 25.28 21.32
C ALA B 108 7.93 24.63 20.21
N VAL B 109 7.72 25.09 18.98
CA VAL B 109 8.59 24.78 17.85
C VAL B 109 9.29 26.07 17.48
N GLU B 110 10.60 26.01 17.31
CA GLU B 110 11.34 27.04 16.56
C GLU B 110 11.92 26.37 15.35
N ALA B 111 12.06 27.12 14.26
CA ALA B 111 12.70 26.58 13.09
C ALA B 111 13.38 27.64 12.26
N GLY B 112 14.33 27.22 11.45
CA GLY B 112 15.02 28.11 10.55
C GLY B 112 15.53 27.35 9.34
N PHE B 113 16.58 27.90 8.74
CA PHE B 113 17.15 27.37 7.49
C PHE B 113 18.45 26.58 7.76
N LEU B 114 18.45 25.24 7.75
CA LEU B 114 17.27 24.36 7.65
C LEU B 114 17.31 23.40 8.82
N TRP B 115 16.53 23.72 9.85
CA TRP B 115 16.58 23.03 11.13
C TRP B 115 15.28 23.29 11.92
N HIS B 116 15.09 22.50 12.97
CA HIS B 116 13.82 22.43 13.67
C HIS B 116 14.10 22.12 15.14
N ALA B 117 13.34 22.74 16.03
CA ALA B 117 13.57 22.61 17.48
C ALA B 117 12.27 22.51 18.26
N VAL B 118 12.09 21.43 18.99
CA VAL B 118 10.93 21.22 19.85
C VAL B 118 11.36 21.36 21.30
N THR B 119 10.73 22.27 22.02
CA THR B 119 10.95 22.45 23.46
C THR B 119 9.75 21.96 24.27
N ARG B 120 10.00 21.54 25.51
CA ARG B 120 8.95 21.11 26.41
C ARG B 120 9.38 21.26 27.86
N GLU B 121 8.43 21.62 28.73
CA GLU B 121 8.68 21.81 30.16
C GLU B 121 7.79 20.90 31.00
N ASN B 122 8.40 20.14 31.90
CA ASN B 122 7.69 19.40 32.93
C ASN B 122 7.80 20.22 34.23
N GLU B 123 6.75 20.97 34.57
CA GLU B 123 6.72 21.77 35.80
C GLU B 123 6.71 20.89 37.05
N LYS B 124 6.03 19.74 37.01
CA LYS B 124 5.97 18.81 38.14
C LYS B 124 7.38 18.38 38.59
N ALA B 125 8.19 17.87 37.66
CA ALA B 125 9.52 17.37 37.96
C ALA B 125 10.60 18.46 37.97
N GLY B 126 10.35 19.56 37.28
CA GLY B 126 11.33 20.61 37.09
C GLY B 126 12.36 20.24 36.02
N LEU B 127 11.87 19.84 34.85
CA LEU B 127 12.72 19.41 33.75
C LEU B 127 12.30 20.11 32.46
N LYS B 128 13.26 20.64 31.72
CA LYS B 128 13.04 21.24 30.40
C LYS B 128 13.83 20.39 29.41
N ALA B 129 13.26 20.14 28.24
CA ALA B 129 13.95 19.47 27.16
C ALA B 129 13.90 20.34 25.92
N ARG B 130 14.93 20.27 25.08
CA ARG B 130 14.96 20.96 23.79
C ARG B 130 15.58 20.01 22.80
N THR B 131 14.86 19.67 21.75
CA THR B 131 15.31 18.69 20.78
C THR B 131 15.44 19.34 19.42
N VAL B 132 16.68 19.40 18.90
CA VAL B 132 17.01 20.01 17.62
C VAL B 132 17.22 18.93 16.56
N SER B 133 16.50 19.02 15.44
CA SER B 133 16.65 18.13 14.28
C SER B 133 17.18 18.91 13.09
N PHE B 134 18.13 18.31 12.38
CA PHE B 134 18.50 18.78 11.04
C PHE B 134 19.21 17.69 10.26
N VAL B 135 19.26 17.88 8.96
CA VAL B 135 20.00 17.00 8.06
C VAL B 135 21.30 17.76 7.71
N PRO B 136 22.47 17.20 8.05
CA PRO B 136 23.74 17.83 7.65
C PRO B 136 23.88 17.99 6.15
N VAL B 137 24.69 18.96 5.73
CA VAL B 137 24.94 19.22 4.30
C VAL B 137 26.20 18.49 3.82
N THR B 138 26.49 17.35 4.43
CA THR B 138 27.59 16.45 4.06
C THR B 138 27.12 15.46 2.97
N ASP B 139 28.02 14.64 2.46
CA ASP B 139 27.71 13.63 1.42
C ASP B 139 27.07 12.33 1.94
N ASP B 140 26.54 12.33 3.15
CA ASP B 140 25.88 11.16 3.72
C ASP B 140 24.39 11.38 3.78
N LYS B 141 23.65 10.29 3.70
CA LYS B 141 22.22 10.32 3.90
C LYS B 141 22.00 10.12 5.38
N ILE B 142 21.86 11.22 6.09
CA ILE B 142 21.83 11.21 7.54
C ILE B 142 20.96 12.35 8.09
N GLU B 143 20.20 12.04 9.16
CA GLU B 143 19.51 13.02 9.97
C GLU B 143 20.10 12.97 11.38
N LEU B 144 20.37 14.14 11.98
CA LEU B 144 20.84 14.23 13.37
C LEU B 144 19.79 14.78 14.32
N MET B 145 19.80 14.29 15.56
CA MET B 145 18.92 14.81 16.64
C MET B 145 19.81 15.13 17.84
N ARG B 146 19.60 16.30 18.46
CA ARG B 146 20.22 16.60 19.75
C ARG B 146 19.15 16.90 20.77
N VAL B 147 19.12 16.13 21.84
CA VAL B 147 18.25 16.38 22.98
C VAL B 147 19.10 16.96 24.11
N THR B 148 18.71 18.13 24.61
CA THR B 148 19.34 18.76 25.76
C THR B 148 18.33 18.80 26.88
N LEU B 149 18.66 18.20 28.02
CA LEU B 149 17.79 18.16 29.20
C LEU B 149 18.34 19.15 30.21
N THR B 150 17.48 19.93 30.88
CA THR B 150 17.91 20.95 31.84
C THR B 150 17.08 20.84 33.13
N ASN B 151 17.76 20.73 34.27
CA ASN B 151 17.10 20.78 35.58
C ASN B 151 16.77 22.23 35.91
N THR B 152 15.48 22.59 35.82
CA THR B 152 14.97 23.93 36.18
C THR B 152 14.44 24.02 37.64
N GLY B 153 14.59 22.95 38.42
CA GLY B 153 14.12 22.89 39.81
C GLY B 153 15.20 23.15 40.84
N ASN B 154 14.85 22.97 42.13
CA ASN B 154 15.71 23.38 43.25
C ASN B 154 16.56 22.27 43.85
N ALA B 155 16.36 21.02 43.43
CA ALA B 155 17.14 19.86 43.91
C ALA B 155 17.61 18.99 42.73
N PRO B 156 18.61 18.11 42.95
CA PRO B 156 19.06 17.23 41.87
C PRO B 156 17.98 16.28 41.31
N LEU B 157 18.03 16.01 40.01
CA LEU B 157 17.17 15.01 39.36
C LEU B 157 17.99 13.79 38.94
N LYS B 158 17.41 12.61 39.08
CA LYS B 158 18.03 11.39 38.55
C LYS B 158 17.21 10.92 37.35
N LEU B 159 17.85 10.83 36.20
CA LEU B 159 17.19 10.56 34.92
C LEU B 159 17.81 9.37 34.24
N THR B 160 17.00 8.59 33.55
CA THR B 160 17.49 7.51 32.70
C THR B 160 16.98 7.76 31.29
N PRO B 161 17.89 8.16 30.36
CA PRO B 161 17.46 8.50 29.00
C PRO B 161 17.44 7.29 28.07
N THR B 162 16.46 7.25 27.17
CA THR B 162 16.35 6.22 26.15
C THR B 162 15.90 6.85 24.85
N ALA B 163 16.77 6.87 23.84
CA ALA B 163 16.36 7.31 22.51
C ALA B 163 15.59 6.14 21.89
N ALA B 164 14.61 6.43 21.03
CA ALA B 164 13.86 5.41 20.31
C ALA B 164 13.32 5.93 18.97
N ILE B 165 13.99 5.50 17.88
CA ILE B 165 13.61 5.81 16.52
C ILE B 165 13.04 4.51 15.95
N PRO B 166 11.72 4.43 15.73
CA PRO B 166 11.15 3.19 15.18
C PRO B 166 11.61 3.03 13.77
N LEU B 167 12.05 1.81 13.42
CA LEU B 167 12.59 1.51 12.09
C LEU B 167 11.59 0.73 11.26
N TYR B 168 11.70 0.93 9.95
CA TYR B 168 10.90 0.24 8.94
C TYR B 168 11.89 -0.44 8.00
N GLY B 169 12.75 0.35 7.33
CA GLY B 169 13.88 -0.20 6.60
C GLY B 169 13.55 -1.06 5.39
N ARG B 170 12.58 -0.62 4.60
CA ARG B 170 12.23 -1.29 3.34
C ARG B 170 11.32 -0.41 2.48
N SER B 171 10.77 -0.97 1.40
CA SER B 171 9.92 -0.26 0.48
C SER B 171 8.55 0.09 1.04
N ALA B 172 8.05 1.25 0.65
CA ALA B 172 6.65 1.62 0.93
C ALA B 172 5.63 0.64 0.32
N ASP B 173 6.03 -0.12 -0.69
CA ASP B 173 5.20 -1.23 -1.21
C ASP B 173 4.80 -2.22 -0.10
N ASP B 174 5.67 -2.41 0.90
CA ASP B 174 5.44 -3.34 2.01
C ASP B 174 4.58 -2.77 3.16
N LEU B 175 4.03 -1.57 3.03
CA LEU B 175 3.34 -0.90 4.17
C LEU B 175 2.35 -1.82 4.87
N ARG B 176 1.45 -2.41 4.07
CA ARG B 176 0.56 -3.48 4.52
C ARG B 176 0.80 -4.75 3.73
N ASP B 177 0.83 -4.64 2.40
CA ASP B 177 1.02 -5.80 1.51
C ASP B 177 2.32 -6.50 1.88
N HIS B 178 2.24 -7.73 2.40
CA HIS B 178 3.41 -8.50 2.87
C HIS B 178 4.21 -7.76 3.94
N ARG B 179 3.55 -6.92 4.73
CA ARG B 179 4.20 -6.16 5.80
C ARG B 179 4.85 -7.14 6.79
N HIS B 180 4.08 -8.12 7.25
CA HIS B 180 4.60 -9.03 8.23
C HIS B 180 5.65 -10.01 7.69
N VAL B 181 5.35 -10.62 6.55
CA VAL B 181 6.29 -11.50 5.85
C VAL B 181 7.64 -10.81 5.68
N THR B 182 7.64 -9.54 5.27
CA THR B 182 8.89 -8.84 5.02
C THR B 182 9.64 -8.53 6.31
N SER B 183 8.95 -8.49 7.45
CA SER B 183 9.62 -8.33 8.75
C SER B 183 10.53 -9.52 9.04
N LEU B 184 10.18 -10.70 8.50
CA LEU B 184 10.99 -11.88 8.68
C LEU B 184 12.37 -11.80 7.99
N LEU B 185 12.50 -10.91 7.01
CA LEU B 185 13.76 -10.70 6.29
C LEU B 185 14.72 -9.76 7.03
N HIS B 186 14.24 -9.06 8.07
CA HIS B 186 15.09 -8.18 8.87
C HIS B 186 16.29 -8.92 9.50
N ARG B 187 17.43 -8.24 9.48
CA ARG B 187 18.63 -8.64 10.21
C ARG B 187 19.08 -7.40 10.98
N ILE B 188 19.10 -7.51 12.30
CA ILE B 188 19.51 -6.43 13.17
C ILE B 188 20.90 -6.70 13.74
N PHE B 189 21.79 -5.72 13.68
CA PHE B 189 23.16 -5.85 14.20
C PHE B 189 23.41 -4.72 15.15
N THR B 190 23.77 -5.03 16.38
CA THR B 190 24.16 -4.01 17.34
C THR B 190 25.67 -3.90 17.37
N SER B 191 26.13 -2.69 17.62
CA SER B 191 27.54 -2.36 17.82
C SER B 191 27.63 -1.27 18.91
N GLU B 192 28.85 -0.81 19.19
CA GLU B 192 29.10 0.09 20.31
C GLU B 192 28.15 1.29 20.33
N TYR B 193 27.98 1.93 19.19
CA TYR B 193 27.19 3.17 19.13
C TYR B 193 25.71 3.01 18.73
N GLY B 194 25.28 1.82 18.33
CA GLY B 194 23.89 1.63 17.94
C GLY B 194 23.52 0.38 17.15
N ILE B 195 22.54 0.56 16.26
CA ILE B 195 21.77 -0.54 15.68
C ILE B 195 21.71 -0.38 14.18
N GLU B 196 22.07 -1.44 13.45
CA GLU B 196 21.94 -1.47 11.99
C GLU B 196 20.87 -2.47 11.62
N VAL B 197 20.05 -2.14 10.63
CA VAL B 197 19.09 -3.09 10.05
C VAL B 197 19.41 -3.26 8.57
N GLN B 198 19.73 -4.48 8.17
CA GLN B 198 20.00 -4.80 6.77
C GLN B 198 19.18 -6.04 6.41
N PRO B 199 18.00 -5.84 5.80
CA PRO B 199 17.24 -7.01 5.35
C PRO B 199 18.05 -7.91 4.45
N ALA B 200 17.84 -9.20 4.56
CA ALA B 200 18.54 -10.18 3.72
C ALA B 200 18.06 -10.09 2.25
N LEU B 201 16.76 -9.86 2.09
CA LEU B 201 16.14 -9.68 0.78
C LEU B 201 15.15 -8.52 0.84
N SER B 202 14.78 -7.99 -0.32
CA SER B 202 13.68 -7.06 -0.48
C SER B 202 12.60 -7.76 -1.32
N PHE B 203 11.35 -7.72 -0.82
CA PHE B 203 10.14 -8.12 -1.60
C PHE B 203 9.36 -6.83 -1.82
N ASP B 204 9.27 -6.38 -3.06
CA ASP B 204 8.48 -5.17 -3.42
C ASP B 204 8.12 -5.24 -4.91
N GLU B 205 7.66 -4.15 -5.52
CA GLU B 205 7.26 -4.18 -6.95
C GLU B 205 8.44 -4.43 -7.91
N ARG B 206 9.68 -4.32 -7.43
CA ARG B 206 10.85 -4.69 -8.25
C ARG B 206 11.05 -6.20 -8.33
N GLY B 207 10.35 -6.96 -7.47
CA GLY B 207 10.49 -8.40 -7.38
C GLY B 207 11.13 -8.82 -6.07
N HIS B 208 11.66 -10.03 -6.05
CA HIS B 208 12.36 -10.58 -4.91
C HIS B 208 13.84 -10.52 -5.21
N ARG B 209 14.57 -9.74 -4.40
CA ARG B 209 15.99 -9.49 -4.65
C ARG B 209 16.84 -9.49 -3.39
N VAL B 210 18.13 -9.72 -3.56
CA VAL B 210 19.11 -9.50 -2.49
C VAL B 210 19.11 -8.02 -2.12
N ASN B 211 19.14 -7.74 -0.84
CA ASN B 211 19.28 -6.37 -0.34
C ASN B 211 20.63 -6.22 0.36
N LYS B 212 21.29 -5.09 0.14
CA LYS B 212 22.44 -4.71 0.95
C LYS B 212 22.21 -3.41 1.73
N VAL B 213 21.14 -2.70 1.42
CA VAL B 213 20.86 -1.41 2.06
C VAL B 213 20.68 -1.55 3.57
N THR B 214 21.33 -0.64 4.29
CA THR B 214 21.39 -0.68 5.72
C THR B 214 20.84 0.62 6.31
N TYR B 215 20.01 0.45 7.32
CA TYR B 215 19.38 1.55 8.01
C TYR B 215 20.01 1.51 9.41
N GLY B 216 20.51 2.66 9.88
CA GLY B 216 21.23 2.75 11.14
C GLY B 216 20.70 3.82 12.09
N VAL B 217 20.63 3.48 13.38
CA VAL B 217 20.36 4.46 14.43
C VAL B 217 21.50 4.37 15.44
N PHE B 218 22.20 5.47 15.66
CA PHE B 218 23.36 5.51 16.54
C PHE B 218 23.26 6.71 17.47
N GLY B 219 23.94 6.63 18.61
CA GLY B 219 23.85 7.68 19.60
C GLY B 219 25.07 7.80 20.49
N ALA B 220 25.16 8.95 21.15
CA ALA B 220 26.19 9.19 22.15
C ALA B 220 25.79 10.33 23.06
N GLU B 221 26.34 10.34 24.26
CA GLU B 221 26.27 11.50 25.12
C GLU B 221 27.05 12.63 24.48
N ALA B 222 26.87 13.84 24.99
CA ALA B 222 27.60 15.02 24.54
C ALA B 222 29.12 14.83 24.48
N GLY B 223 29.69 14.14 25.46
CA GLY B 223 31.14 13.90 25.46
C GLY B 223 31.66 12.81 24.53
N GLY B 224 30.75 12.09 23.86
CA GLY B 224 31.09 10.99 22.93
C GLY B 224 30.99 9.60 23.53
N THR B 225 30.42 9.51 24.75
CA THR B 225 30.26 8.25 25.47
C THR B 225 29.11 7.47 24.87
N ALA B 226 29.36 6.20 24.59
CA ALA B 226 28.41 5.34 23.92
C ALA B 226 27.21 4.99 24.81
N PRO B 227 26.14 4.46 24.20
CA PRO B 227 25.00 4.02 24.99
C PRO B 227 25.39 2.86 25.89
N ALA B 228 24.70 2.75 27.04
CA ALA B 228 24.87 1.61 27.95
C ALA B 228 24.30 0.34 27.34
N GLY B 229 23.35 0.46 26.43
CA GLY B 229 22.81 -0.71 25.79
C GLY B 229 21.61 -0.41 24.94
N PHE B 230 20.98 -1.48 24.45
CA PHE B 230 19.97 -1.39 23.39
C PHE B 230 18.73 -2.28 23.59
N PHE B 231 17.63 -1.84 22.99
CA PHE B 231 16.43 -2.66 22.82
C PHE B 231 16.13 -2.70 21.33
N PRO B 232 16.85 -3.53 20.56
CA PRO B 232 16.74 -3.41 19.10
C PRO B 232 15.46 -4.00 18.48
N VAL B 233 14.73 -4.82 19.24
CA VAL B 233 13.55 -5.54 18.74
C VAL B 233 12.28 -4.87 19.25
N THR B 234 11.43 -4.44 18.31
CA THR B 234 10.32 -3.56 18.63
C THR B 234 9.39 -4.19 19.63
N GLU B 235 9.00 -5.44 19.42
CA GLU B 235 8.04 -6.05 20.35
C GLU B 235 8.58 -6.26 21.79
N ASP B 236 9.90 -6.38 21.91
CA ASP B 236 10.57 -6.47 23.20
C ASP B 236 10.68 -5.11 23.88
N PHE B 237 10.94 -4.08 23.09
CA PHE B 237 11.01 -2.72 23.59
C PHE B 237 9.66 -2.26 24.13
N ILE B 238 8.58 -2.45 23.35
CA ILE B 238 7.24 -2.00 23.78
C ILE B 238 6.64 -2.90 24.85
N GLY B 239 7.01 -4.17 24.84
CA GLY B 239 6.46 -5.13 25.76
C GLY B 239 5.16 -5.74 25.29
N GLU B 240 4.80 -6.86 25.88
CA GLU B 240 3.51 -7.50 25.62
C GLU B 240 2.34 -6.56 25.93
N GLY B 241 1.57 -6.24 24.90
CA GLY B 241 0.49 -5.29 25.03
C GLY B 241 0.91 -3.82 25.11
N GLY B 242 2.16 -3.55 24.76
CA GLY B 242 2.67 -2.18 24.83
C GLY B 242 2.58 -1.50 23.49
N ALA B 243 3.09 -0.28 23.44
CA ALA B 243 3.09 0.55 22.22
C ALA B 243 4.25 1.53 22.24
N LEU B 244 4.59 2.06 21.07
CA LEU B 244 5.74 2.96 20.97
C LEU B 244 5.57 4.29 21.75
N ASP B 245 4.33 4.68 22.08
CA ASP B 245 4.09 5.83 22.95
C ASP B 245 3.88 5.49 24.43
N TRP B 246 4.07 4.21 24.79
CA TRP B 246 4.10 3.80 26.19
C TRP B 246 4.80 2.43 26.28
N PRO B 247 6.11 2.40 25.98
CA PRO B 247 6.81 1.12 25.93
C PRO B 247 7.30 0.63 27.28
N GLU B 248 7.10 -0.65 27.56
CA GLU B 248 7.50 -1.27 28.82
C GLU B 248 8.97 -1.02 29.18
N ALA B 249 9.85 -1.17 28.20
CA ALA B 249 11.28 -0.99 28.43
C ALA B 249 11.58 0.34 29.12
N VAL B 250 10.84 1.37 28.73
CA VAL B 250 10.98 2.70 29.33
C VAL B 250 10.11 2.84 30.56
N VAL B 251 8.83 2.49 30.45
CA VAL B 251 7.87 2.71 31.55
C VAL B 251 8.25 1.95 32.83
N ALA B 252 8.66 0.69 32.69
CA ALA B 252 9.12 -0.14 33.84
C ALA B 252 10.63 -0.05 34.05
N ASN B 253 11.31 0.78 33.27
CA ASN B 253 12.77 1.02 33.42
C ASN B 253 13.58 -0.27 33.46
N ARG B 254 13.40 -1.12 32.45
CA ARG B 254 14.08 -2.42 32.36
C ARG B 254 15.54 -2.24 31.98
N GLU B 255 16.38 -3.22 32.33
CA GLU B 255 17.74 -3.30 31.81
C GLU B 255 17.75 -3.58 30.32
N PRO B 256 18.74 -3.05 29.58
CA PRO B 256 18.91 -3.31 28.15
C PRO B 256 18.84 -4.79 27.76
N ASP B 257 18.19 -5.06 26.62
CA ASP B 257 18.10 -6.41 26.07
C ASP B 257 19.41 -6.87 25.45
N ALA B 258 20.18 -5.96 24.89
CA ALA B 258 21.34 -6.29 24.09
C ALA B 258 22.48 -5.32 24.31
N GLN B 259 23.68 -5.83 24.11
CA GLN B 259 24.88 -5.01 24.11
C GLN B 259 25.48 -5.10 22.72
N ALA B 260 26.58 -4.40 22.49
CA ALA B 260 27.36 -4.50 21.25
C ALA B 260 27.70 -5.95 20.85
N GLY B 261 27.59 -6.25 19.55
CA GLY B 261 27.91 -7.56 18.96
C GLY B 261 26.77 -8.59 18.87
N THR B 262 25.59 -8.21 19.34
CA THR B 262 24.38 -9.03 19.23
C THR B 262 23.82 -8.98 17.80
N ALA B 263 23.45 -10.11 17.23
CA ALA B 263 22.63 -10.11 16.00
C ALA B 263 21.26 -10.67 16.34
N VAL B 264 20.20 -10.10 15.77
CA VAL B 264 18.85 -10.65 15.93
C VAL B 264 18.18 -10.65 14.57
N GLU B 265 17.54 -11.75 14.20
CA GLU B 265 16.90 -11.89 12.89
C GLU B 265 15.40 -12.03 12.99
N GLY B 266 14.68 -11.47 12.01
CA GLY B 266 13.26 -11.79 11.79
C GLY B 266 12.19 -10.94 12.45
N TYR B 267 12.58 -9.82 13.08
CA TYR B 267 11.67 -8.95 13.81
C TYR B 267 11.73 -7.50 13.34
N GLU B 268 10.61 -6.80 13.49
CA GLU B 268 10.57 -5.36 13.30
C GLU B 268 11.54 -4.75 14.31
N ALA B 269 12.20 -3.68 13.91
CA ALA B 269 13.31 -3.12 14.66
C ALA B 269 13.00 -1.73 15.16
N VAL B 270 13.63 -1.36 16.27
CA VAL B 270 13.60 0.00 16.78
C VAL B 270 15.00 0.41 17.24
N GLY B 271 15.43 1.59 16.84
CA GLY B 271 16.69 2.15 17.31
C GLY B 271 16.52 2.70 18.70
N ALA B 272 16.44 1.79 19.67
CA ALA B 272 16.24 2.16 21.07
C ALA B 272 17.58 2.08 21.81
N LEU B 273 18.11 3.24 22.13
CA LEU B 273 19.44 3.39 22.70
C LEU B 273 19.23 3.84 24.11
N ARG B 274 19.64 3.00 25.07
CA ARG B 274 19.59 3.33 26.49
C ARG B 274 20.92 3.95 26.89
N PHE B 275 20.87 5.17 27.42
CA PHE B 275 22.06 5.84 27.91
C PHE B 275 22.21 5.63 29.40
N ALA B 276 23.41 5.88 29.92
CA ALA B 276 23.69 5.76 31.35
C ALA B 276 22.77 6.68 32.15
N PRO B 277 22.30 6.20 33.32
CA PRO B 277 21.60 7.11 34.21
C PRO B 277 22.52 8.26 34.63
N VAL B 278 21.94 9.41 34.90
CA VAL B 278 22.68 10.63 35.12
C VAL B 278 22.03 11.45 36.21
N GLU B 279 22.85 12.04 37.08
CA GLU B 279 22.37 12.99 38.07
C GLU B 279 22.64 14.39 37.55
N LEU B 280 21.58 15.19 37.48
CA LEU B 280 21.60 16.49 36.87
C LEU B 280 21.46 17.56 37.96
N ALA B 281 22.47 18.40 38.13
CA ALA B 281 22.44 19.46 39.15
C ALA B 281 21.41 20.56 38.81
N PRO B 282 20.87 21.27 39.83
CA PRO B 282 19.99 22.40 39.57
C PRO B 282 20.64 23.41 38.64
N GLY B 283 19.95 23.79 37.57
CA GLY B 283 20.48 24.75 36.60
C GLY B 283 21.28 24.19 35.45
N LYS B 284 21.76 22.95 35.56
CA LYS B 284 22.75 22.43 34.61
C LYS B 284 22.07 21.52 33.58
N SER B 285 22.79 21.23 32.50
CA SER B 285 22.25 20.49 31.35
C SER B 285 23.04 19.22 31.05
N VAL B 286 22.40 18.31 30.33
CA VAL B 286 23.06 17.16 29.67
C VAL B 286 22.44 17.00 28.29
N SER B 287 23.26 16.61 27.32
CA SER B 287 22.80 16.48 25.96
C SER B 287 23.15 15.12 25.35
N TYR B 288 22.37 14.74 24.33
CA TYR B 288 22.53 13.46 23.65
C TYR B 288 22.42 13.69 22.15
N VAL B 289 23.23 13.02 21.35
CA VAL B 289 23.15 13.11 19.91
C VAL B 289 22.80 11.76 19.33
N VAL B 290 21.75 11.75 18.48
CA VAL B 290 21.28 10.55 17.79
C VAL B 290 21.40 10.80 16.29
N ALA B 291 21.83 9.77 15.57
CA ALA B 291 22.05 9.86 14.12
C ALA B 291 21.28 8.72 13.44
N MET B 292 20.59 9.05 12.36
CA MET B 292 19.77 8.13 11.60
C MET B 292 20.33 8.08 10.20
N VAL B 293 20.75 6.89 9.76
CA VAL B 293 21.60 6.78 8.58
C VAL B 293 21.01 5.77 7.63
N ILE B 294 21.05 6.11 6.35
CA ILE B 294 20.75 5.17 5.27
C ILE B 294 21.97 5.04 4.39
N SER B 295 22.42 3.81 4.14
CA SER B 295 23.60 3.55 3.31
C SER B 295 23.38 2.35 2.41
N GLY B 296 24.08 2.31 1.28
CA GLY B 296 23.96 1.21 0.32
C GLY B 296 24.50 -0.14 0.76
N ASP B 297 25.30 -0.15 1.82
CA ASP B 297 25.81 -1.39 2.41
C ASP B 297 25.94 -1.20 3.93
N ARG B 298 26.51 -2.18 4.61
CA ARG B 298 26.79 -2.06 6.04
C ARG B 298 27.61 -0.79 6.33
N ILE B 299 27.26 -0.14 7.43
CA ILE B 299 27.77 1.18 7.75
C ILE B 299 29.12 1.05 8.49
N ASP B 300 30.10 1.86 8.09
CA ASP B 300 31.33 2.02 8.86
C ASP B 300 30.99 2.86 10.10
N VAL B 301 30.58 2.18 11.19
CA VAL B 301 29.99 2.87 12.34
C VAL B 301 31.05 3.69 13.08
N GLY B 302 32.29 3.25 13.07
CA GLY B 302 33.41 4.02 13.56
C GLY B 302 33.54 5.36 12.88
N ARG B 303 33.48 5.40 11.55
CA ARG B 303 33.59 6.68 10.83
C ARG B 303 32.42 7.62 11.18
N TYR B 304 31.20 7.08 11.17
CA TYR B 304 30.01 7.90 11.53
C TYR B 304 30.12 8.43 12.98
N ALA B 305 30.63 7.60 13.90
CA ALA B 305 30.79 8.03 15.28
C ALA B 305 31.78 9.18 15.39
N ALA B 306 32.89 9.09 14.67
CA ALA B 306 33.88 10.17 14.62
C ALA B 306 33.33 11.44 13.98
N ASP B 307 32.59 11.30 12.88
CA ASP B 307 32.10 12.48 12.14
C ASP B 307 30.86 13.17 12.72
N TYR B 308 30.02 12.42 13.43
CA TYR B 308 28.72 12.93 13.88
C TYR B 308 28.47 12.89 15.39
N LEU B 309 29.02 11.89 16.09
CA LEU B 309 28.76 11.70 17.53
C LEU B 309 29.85 12.23 18.49
N ALA B 310 31.06 12.46 17.99
CA ALA B 310 32.13 12.99 18.82
C ALA B 310 31.77 14.38 19.33
N ALA B 311 32.40 14.80 20.42
CA ALA B 311 32.07 16.07 21.08
C ALA B 311 32.14 17.28 20.16
N GLY B 312 31.08 18.06 20.12
CA GLY B 312 31.05 19.26 19.29
C GLY B 312 30.80 19.09 17.81
N ARG B 313 30.57 17.86 17.33
CA ARG B 313 30.33 17.62 15.90
C ARG B 313 28.92 18.10 15.50
N PHE B 314 27.91 17.76 16.29
CA PHE B 314 26.54 18.23 16.06
C PHE B 314 26.52 19.76 15.88
N ASP B 315 27.07 20.47 16.86
CA ASP B 315 27.02 21.94 16.88
C ASP B 315 27.76 22.50 15.67
N ALA B 316 28.87 21.89 15.29
CA ALA B 316 29.67 22.37 14.15
C ALA B 316 28.93 22.16 12.84
N LEU B 317 28.33 20.98 12.69
CA LEU B 317 27.59 20.60 11.49
C LEU B 317 26.32 21.45 11.31
N LEU B 318 25.70 21.81 12.43
CA LEU B 318 24.55 22.71 12.45
C LEU B 318 24.92 24.11 11.96
N GLU B 319 26.06 24.63 12.41
CA GLU B 319 26.61 25.89 11.87
C GLU B 319 26.88 25.76 10.36
N GLN B 320 27.47 24.65 9.94
CA GLN B 320 27.73 24.41 8.52
C GLN B 320 26.42 24.41 7.72
N ASN B 321 25.38 23.76 8.27
CA ASN B 321 24.03 23.71 7.66
C ASN B 321 23.43 25.12 7.53
N ARG B 322 23.43 25.87 8.64
CA ARG B 322 22.96 27.26 8.65
C ARG B 322 23.65 28.14 7.61
N ALA B 323 24.97 28.03 7.50
CA ALA B 323 25.73 28.82 6.52
C ALA B 323 25.40 28.39 5.07
N TYR B 324 25.27 27.09 4.81
CA TYR B 324 25.01 26.61 3.46
C TYR B 324 23.67 27.13 2.95
N TRP B 325 22.66 27.04 3.80
CA TRP B 325 21.32 27.50 3.45
C TRP B 325 21.24 29.02 3.36
N ARG B 326 21.89 29.72 4.29
CA ARG B 326 21.98 31.19 4.18
C ARG B 326 22.59 31.59 2.84
N ASP B 327 23.62 30.87 2.42
CA ASP B 327 24.28 31.14 1.14
C ASP B 327 23.36 30.83 -0.07
N LYS B 328 22.60 29.75 -0.02
CA LYS B 328 21.64 29.44 -1.09
C LYS B 328 20.54 30.49 -1.22
N LEU B 329 20.01 30.92 -0.08
CA LEU B 329 18.85 31.82 -0.06
C LEU B 329 19.16 33.32 -0.20
N ASP B 330 20.39 33.72 0.11
CA ASP B 330 20.84 35.12 -0.11
C ASP B 330 20.99 35.57 -1.58
N THR B 331 20.82 34.65 -2.52
CA THR B 331 20.71 34.97 -3.94
C THR B 331 19.49 35.84 -4.31
N VAL B 332 18.43 35.79 -3.49
CA VAL B 332 17.24 36.61 -3.67
C VAL B 332 16.78 37.07 -2.29
N ARG B 333 16.80 38.37 -2.05
CA ARG B 333 16.33 38.97 -0.81
C ARG B 333 15.47 40.19 -1.11
N PHE B 334 14.28 40.22 -0.56
CA PHE B 334 13.35 41.34 -0.74
C PHE B 334 13.33 42.19 0.50
N SER B 335 13.07 43.48 0.33
CA SER B 335 13.07 44.42 1.44
C SER B 335 12.08 45.54 1.13
N SER B 336 11.11 45.73 2.02
CA SER B 336 9.95 46.61 1.75
C SER B 336 9.29 47.09 3.06
N GLY B 337 8.17 47.79 2.92
CA GLY B 337 7.38 48.23 4.06
C GLY B 337 6.60 47.11 4.75
N ASP B 338 6.58 45.92 4.15
CA ASP B 338 5.94 44.73 4.71
C ASP B 338 7.05 43.74 5.11
N GLY B 339 7.58 43.93 6.32
CA GLY B 339 8.69 43.15 6.86
C GLY B 339 8.35 41.69 7.02
N GLU B 340 7.16 41.42 7.56
CA GLU B 340 6.64 40.05 7.70
C GLU B 340 6.57 39.35 6.32
N GLN B 341 6.11 40.04 5.28
CA GLN B 341 6.07 39.42 3.93
C GLN B 341 7.46 39.18 3.31
N ASP B 342 8.40 40.09 3.54
CA ASP B 342 9.77 39.92 3.06
C ASP B 342 10.39 38.62 3.58
N LEU B 343 10.12 38.32 4.85
CA LEU B 343 10.66 37.12 5.51
C LEU B 343 9.87 35.87 5.13
N TRP B 344 8.56 36.03 4.97
CA TRP B 344 7.73 34.98 4.43
C TRP B 344 8.26 34.58 3.05
N MET B 345 8.63 35.56 2.22
CA MET B 345 9.16 35.26 0.88
C MET B 345 10.48 34.52 0.87
N LYS B 346 11.27 34.64 1.94
CA LYS B 346 12.50 33.87 2.09
C LYS B 346 12.17 32.37 2.14
N TRP B 347 11.12 32.02 2.87
CA TRP B 347 10.62 30.64 2.88
C TRP B 347 10.07 30.20 1.50
N VAL B 348 9.39 31.10 0.81
CA VAL B 348 8.93 30.82 -0.56
C VAL B 348 10.14 30.56 -1.47
N THR B 349 11.21 31.33 -1.25
CA THR B 349 12.43 31.19 -2.01
C THR B 349 13.12 29.84 -1.80
N LEU B 350 12.96 29.25 -0.62
CA LEU B 350 13.48 27.91 -0.32
C LEU B 350 12.77 26.81 -1.12
N GLN B 351 11.48 27.02 -1.38
CA GLN B 351 10.62 25.94 -1.87
C GLN B 351 11.04 25.31 -3.20
N PRO B 352 11.52 26.10 -4.16
CA PRO B 352 11.92 25.44 -5.42
C PRO B 352 13.05 24.43 -5.24
N ILE B 353 13.95 24.69 -4.29
CA ILE B 353 15.06 23.79 -3.97
C ILE B 353 14.50 22.50 -3.38
N LEU B 354 13.54 22.63 -2.47
CA LEU B 354 12.87 21.49 -1.85
C LEU B 354 12.18 20.59 -2.88
N ARG B 355 11.48 21.19 -3.85
CA ARG B 355 10.82 20.40 -4.87
C ARG B 355 11.83 19.54 -5.66
N ARG B 356 12.99 20.12 -5.98
CA ARG B 356 14.06 19.38 -6.64
C ARG B 356 14.57 18.25 -5.75
N LEU B 357 14.85 18.57 -4.50
CA LEU B 357 15.50 17.61 -3.62
C LEU B 357 14.56 16.51 -3.11
N TYR B 358 13.25 16.77 -3.09
CA TYR B 358 12.26 15.77 -2.72
C TYR B 358 11.64 15.06 -3.93
N GLY B 359 11.88 15.58 -5.13
CA GLY B 359 11.21 15.08 -6.33
C GLY B 359 9.71 15.08 -6.17
N ASN B 360 9.17 16.20 -5.65
CA ASN B 360 7.73 16.38 -5.42
C ASN B 360 7.05 15.21 -4.66
N SER B 361 7.79 14.63 -3.70
CA SER B 361 7.38 13.41 -2.98
C SER B 361 7.88 13.37 -1.53
N PHE B 362 7.48 12.33 -0.80
CA PHE B 362 8.03 12.00 0.52
C PHE B 362 7.85 13.11 1.57
N LEU B 363 6.76 13.86 1.49
CA LEU B 363 6.24 14.59 2.64
C LEU B 363 4.82 14.09 2.87
N PRO B 364 4.32 14.15 4.11
CA PRO B 364 3.06 13.46 4.43
C PRO B 364 1.88 13.65 3.48
N TYR B 365 1.57 14.86 3.03
CA TYR B 365 0.45 15.05 2.09
C TYR B 365 0.78 14.45 0.72
N HIS B 366 2.03 14.63 0.27
CA HIS B 366 2.49 14.08 -1.03
C HIS B 366 2.72 12.57 -0.92
N ASP B 367 1.65 11.84 -0.66
CA ASP B 367 1.72 10.44 -0.32
C ASP B 367 1.71 9.48 -1.54
N TYR B 368 1.53 10.03 -2.74
CA TYR B 368 1.50 9.22 -3.99
C TYR B 368 2.86 9.29 -4.72
N GLY B 369 3.66 10.30 -4.44
CA GLY B 369 4.92 10.50 -5.18
C GLY B 369 5.98 9.44 -4.92
N ARG B 370 6.74 9.13 -5.99
CA ARG B 370 7.83 8.12 -5.94
C ARG B 370 9.23 8.65 -6.22
N GLY B 371 9.38 9.97 -6.22
CA GLY B 371 10.70 10.60 -6.31
C GLY B 371 11.12 11.10 -7.67
N GLY B 372 10.42 10.68 -8.72
CA GLY B 372 10.78 11.04 -10.09
C GLY B 372 10.45 12.48 -10.50
N ARG B 373 10.73 12.80 -11.76
CA ARG B 373 10.41 14.09 -12.32
C ARG B 373 9.47 13.87 -13.49
N GLY B 374 8.58 14.82 -13.73
CA GLY B 374 7.69 14.82 -14.89
C GLY B 374 8.20 15.84 -15.89
N TRP B 375 7.60 15.83 -17.07
CA TRP B 375 7.97 16.74 -18.15
C TRP B 375 7.96 18.21 -17.72
N ARG B 376 6.89 18.63 -17.04
CA ARG B 376 6.75 20.03 -16.63
C ARG B 376 7.85 20.47 -15.66
N ASP B 377 8.29 19.56 -14.78
CA ASP B 377 9.35 19.83 -13.81
C ASP B 377 10.69 20.16 -14.47
N LEU B 378 10.96 19.53 -15.61
CA LEU B 378 12.20 19.80 -16.34
C LEU B 378 12.31 21.27 -16.71
N TRP B 379 11.16 21.88 -17.01
CA TRP B 379 11.11 23.30 -17.37
C TRP B 379 10.94 24.17 -16.13
N GLN B 380 10.02 23.80 -15.23
CA GLN B 380 9.73 24.62 -14.08
C GLN B 380 10.97 24.77 -13.17
N ASP B 381 11.70 23.68 -12.96
CA ASP B 381 12.93 23.71 -12.15
C ASP B 381 13.97 24.73 -12.68
N CYS B 382 13.97 25.00 -13.98
CA CYS B 382 14.84 26.05 -14.52
C CYS B 382 14.53 27.48 -14.09
N LEU B 383 13.28 27.74 -13.67
CA LEU B 383 12.88 29.11 -13.31
C LEU B 383 13.62 29.59 -12.06
N ALA B 384 13.54 28.80 -10.99
CA ALA B 384 14.26 29.15 -9.77
C ALA B 384 15.78 29.16 -9.98
N LEU B 385 16.25 28.21 -10.81
CA LEU B 385 17.67 28.10 -11.09
C LEU B 385 18.22 29.31 -11.83
N MET B 386 17.50 29.81 -12.84
CA MET B 386 17.92 31.02 -13.57
C MET B 386 18.20 32.24 -12.70
N VAL B 387 17.48 32.34 -11.59
CA VAL B 387 17.53 33.42 -10.61
C VAL B 387 18.50 33.13 -9.44
N MET B 388 18.63 31.85 -9.05
CA MET B 388 19.39 31.45 -7.84
C MET B 388 20.72 30.71 -8.10
N GLU B 389 20.81 30.00 -9.23
CA GLU B 389 21.96 29.15 -9.54
C GLU B 389 22.06 28.96 -11.07
N PRO B 390 22.29 30.07 -11.81
CA PRO B 390 22.11 30.04 -13.26
C PRO B 390 22.96 29.03 -14.04
N ALA B 391 24.20 28.83 -13.61
CA ALA B 391 25.21 28.01 -14.34
C ALA B 391 24.69 26.71 -14.99
N GLU B 392 23.84 25.98 -14.28
CA GLU B 392 23.37 24.66 -14.73
C GLU B 392 22.30 24.73 -15.85
N VAL B 393 21.62 25.88 -16.02
CA VAL B 393 20.38 25.97 -16.81
C VAL B 393 20.50 25.63 -18.31
N ARG B 394 21.51 26.19 -18.97
CA ARG B 394 21.76 25.92 -20.40
C ARG B 394 21.83 24.43 -20.71
N HIS B 395 22.67 23.68 -19.98
CA HIS B 395 22.77 22.23 -20.11
C HIS B 395 21.40 21.55 -19.92
N LEU B 396 20.64 21.96 -18.91
CA LEU B 396 19.34 21.37 -18.62
C LEU B 396 18.33 21.54 -19.75
N LEU B 397 18.27 22.74 -20.31
CA LEU B 397 17.36 23.02 -21.42
C LEU B 397 17.72 22.18 -22.65
N LEU B 398 18.99 22.16 -23.05
CA LEU B 398 19.42 21.39 -24.22
C LEU B 398 18.97 19.95 -24.10
N ASN B 399 19.31 19.35 -22.96
CA ASN B 399 18.96 17.96 -22.67
C ASN B 399 17.46 17.75 -22.71
N ASN B 400 16.69 18.67 -22.12
CA ASN B 400 15.23 18.54 -22.07
C ASN B 400 14.59 18.33 -23.45
N TYR B 401 15.11 19.03 -24.46
CA TYR B 401 14.54 18.97 -25.81
C TYR B 401 14.73 17.62 -26.50
N ALA B 402 15.62 16.77 -25.98
CA ALA B 402 15.76 15.38 -26.45
C ALA B 402 14.46 14.58 -26.33
N GLY B 403 13.63 14.96 -25.36
CA GLY B 403 12.35 14.30 -25.11
C GLY B 403 11.19 14.59 -26.04
N VAL B 404 11.35 15.57 -26.93
CA VAL B 404 10.29 15.92 -27.86
C VAL B 404 10.20 14.86 -28.97
N ARG B 405 8.98 14.47 -29.33
CA ARG B 405 8.73 13.59 -30.48
C ARG B 405 8.54 14.44 -31.72
N MET B 406 8.69 13.81 -32.88
CA MET B 406 8.55 14.50 -34.16
C MET B 406 7.10 14.88 -34.52
N ASP B 407 6.14 14.49 -33.68
CA ASP B 407 4.77 15.04 -33.76
C ASP B 407 4.44 16.13 -32.73
N GLY B 408 5.45 16.66 -32.04
CA GLY B 408 5.25 17.77 -31.09
C GLY B 408 4.98 17.35 -29.64
N SER B 409 4.49 16.12 -29.47
CA SER B 409 4.28 15.54 -28.15
C SER B 409 5.61 15.24 -27.51
N ASN B 410 5.61 14.57 -26.37
CA ASN B 410 6.88 14.32 -25.67
C ASN B 410 6.81 13.14 -24.75
N ALA B 411 7.98 12.59 -24.49
CA ALA B 411 8.15 11.58 -23.47
C ALA B 411 7.56 12.12 -22.17
N THR B 412 6.86 11.24 -21.46
CA THR B 412 6.25 11.59 -20.19
C THR B 412 6.92 10.90 -19.00
N ILE B 413 7.83 9.97 -19.23
CA ILE B 413 8.61 9.33 -18.15
C ILE B 413 10.07 9.76 -18.28
N ILE B 414 10.60 10.39 -17.22
CA ILE B 414 11.99 10.91 -17.19
C ILE B 414 12.91 9.88 -16.55
N GLY B 415 14.14 9.77 -17.07
CA GLY B 415 15.09 8.75 -16.67
C GLY B 415 16.19 9.22 -15.72
N ALA B 416 17.14 8.32 -15.48
CA ALA B 416 18.36 8.63 -14.69
C ALA B 416 19.21 9.71 -15.37
N GLY B 417 19.81 9.39 -16.53
CA GLY B 417 20.80 10.26 -17.18
C GLY B 417 20.35 11.63 -17.67
N PRO B 418 21.31 12.47 -18.09
CA PRO B 418 20.99 13.77 -18.66
C PRO B 418 20.41 13.56 -20.07
N GLY B 419 19.19 14.05 -20.29
CA GLY B 419 18.49 13.80 -21.56
C GLY B 419 18.03 12.37 -21.82
N GLU B 420 18.05 11.51 -20.78
CA GLU B 420 17.50 10.14 -20.87
C GLU B 420 15.98 10.20 -20.65
N PHE B 421 15.22 9.60 -21.56
CA PHE B 421 13.78 9.48 -21.45
C PHE B 421 13.40 8.01 -21.65
N VAL B 422 12.30 7.57 -21.04
CA VAL B 422 11.90 6.16 -21.05
C VAL B 422 10.59 5.94 -21.82
N ALA B 423 10.55 4.89 -22.64
CA ALA B 423 9.33 4.45 -23.34
C ALA B 423 8.49 3.61 -22.39
N ASP B 424 7.17 3.85 -22.36
CA ASP B 424 6.26 3.27 -21.36
C ASP B 424 5.85 1.80 -21.61
N ARG B 425 6.44 0.88 -20.84
CA ARG B 425 6.18 -0.57 -20.96
C ARG B 425 4.76 -1.03 -20.52
N ASN B 426 4.05 -0.18 -19.75
CA ASN B 426 2.72 -0.54 -19.20
C ASN B 426 1.53 0.04 -19.98
N ASN B 427 1.58 -0.01 -21.33
CA ASN B 427 0.49 0.41 -22.22
C ASN B 427 0.06 1.89 -21.99
N ILE B 428 -1.26 2.15 -22.00
CA ILE B 428 -1.87 3.32 -21.36
C ILE B 428 -1.19 4.68 -21.56
N PRO B 429 -1.12 5.17 -22.81
CA PRO B 429 -0.38 6.42 -23.12
C PRO B 429 -1.24 7.69 -22.99
N ARG B 430 -0.73 8.71 -22.29
CA ARG B 430 -1.51 9.91 -22.05
C ARG B 430 -0.73 11.10 -22.59
N VAL B 431 -1.39 11.95 -23.37
CA VAL B 431 -0.80 13.19 -23.84
C VAL B 431 -1.46 14.34 -23.10
N TRP B 432 -0.64 15.23 -22.56
CA TRP B 432 -1.10 16.48 -21.98
C TRP B 432 -0.84 17.59 -23.01
N MET B 433 -1.92 18.21 -23.52
CA MET B 433 -1.81 19.21 -24.59
C MET B 433 -1.03 20.46 -24.23
N ASP B 434 -0.96 20.81 -22.95
CA ASP B 434 -0.13 21.94 -22.51
C ASP B 434 1.38 21.69 -22.50
N HIS B 435 1.80 20.43 -22.61
CA HIS B 435 3.25 20.10 -22.49
C HIS B 435 4.13 20.79 -23.54
N GLY B 436 3.61 21.02 -24.74
CA GLY B 436 4.33 21.77 -25.76
C GLY B 436 4.48 23.28 -25.55
N ALA B 437 3.74 23.85 -24.59
CA ALA B 437 3.68 25.30 -24.43
C ALA B 437 4.76 25.87 -23.49
N TRP B 438 5.01 25.15 -22.40
CA TRP B 438 5.90 25.61 -21.34
C TRP B 438 7.39 25.70 -21.73
N PRO B 439 7.87 24.80 -22.61
CA PRO B 439 9.30 24.89 -23.00
C PRO B 439 9.69 26.26 -23.58
N LEU B 440 8.92 26.76 -24.55
CA LEU B 440 9.18 28.10 -25.10
C LEU B 440 9.15 29.19 -24.04
N MET B 441 8.18 29.13 -23.14
CA MET B 441 8.07 30.18 -22.12
C MET B 441 9.31 30.22 -21.25
N THR B 442 9.75 29.03 -20.82
CA THR B 442 10.96 28.89 -20.01
C THR B 442 12.22 29.27 -20.80
N THR B 443 12.29 28.82 -22.06
CA THR B 443 13.46 29.09 -22.91
C THR B 443 13.61 30.57 -23.22
N LEU B 444 12.51 31.24 -23.54
CA LEU B 444 12.50 32.69 -23.73
C LEU B 444 13.02 33.44 -22.53
N LEU B 445 12.58 33.03 -21.34
CA LEU B 445 13.10 33.62 -20.11
C LEU B 445 14.62 33.48 -20.01
N TYR B 446 15.15 32.29 -20.35
CA TYR B 446 16.60 32.05 -20.38
C TYR B 446 17.29 32.96 -21.39
N LEU B 447 16.72 33.10 -22.58
CA LEU B 447 17.30 33.96 -23.62
C LEU B 447 17.40 35.39 -23.14
N HIS B 448 16.35 35.87 -22.45
CA HIS B 448 16.31 37.26 -21.99
C HIS B 448 17.23 37.52 -20.79
N GLN B 449 17.31 36.56 -19.85
CA GLN B 449 18.22 36.70 -18.69
C GLN B 449 19.71 36.58 -19.08
N SER B 450 20.02 35.67 -20.00
CA SER B 450 21.41 35.33 -20.34
C SER B 450 21.95 36.07 -21.56
N GLY B 451 21.10 36.27 -22.55
CA GLY B 451 21.50 36.82 -23.84
C GLY B 451 22.03 35.78 -24.81
N ASP B 452 21.90 34.51 -24.46
CA ASP B 452 22.52 33.40 -25.21
C ASP B 452 21.58 32.92 -26.33
N LEU B 453 21.42 33.76 -27.33
CA LEU B 453 20.58 33.44 -28.50
C LEU B 453 21.09 32.24 -29.30
N ASP B 454 22.39 31.93 -29.19
CA ASP B 454 22.99 30.79 -29.88
C ASP B 454 22.43 29.42 -29.43
N LEU B 455 21.85 29.33 -28.24
CA LEU B 455 21.19 28.10 -27.78
C LEU B 455 20.18 27.56 -28.76
N LEU B 456 19.45 28.45 -29.43
CA LEU B 456 18.40 28.05 -30.38
C LEU B 456 18.90 27.27 -31.60
N PHE B 457 20.20 27.32 -31.87
CA PHE B 457 20.79 26.63 -33.04
C PHE B 457 21.65 25.43 -32.66
N GLN B 458 21.54 24.97 -31.41
CA GLN B 458 22.21 23.73 -31.01
C GLN B 458 21.47 22.53 -31.61
N PRO B 459 22.20 21.49 -32.00
CA PRO B 459 21.54 20.29 -32.47
C PRO B 459 20.95 19.45 -31.31
N GLN B 460 19.88 18.72 -31.59
CA GLN B 460 19.35 17.77 -30.62
C GLN B 460 18.46 16.74 -31.30
N SER B 461 18.51 15.50 -30.79
CA SER B 461 17.66 14.42 -31.28
C SER B 461 16.19 14.61 -30.89
N TYR B 462 15.36 13.71 -31.39
CA TYR B 462 13.95 13.63 -31.07
C TYR B 462 13.66 12.26 -30.49
N PHE B 463 12.81 12.23 -29.48
CA PHE B 463 12.41 10.99 -28.84
C PHE B 463 11.49 10.18 -29.77
N ARG B 464 11.58 8.87 -29.65
CA ARG B 464 10.79 7.93 -30.45
C ARG B 464 10.48 6.71 -29.61
N ASP B 465 9.21 6.31 -29.57
CA ASP B 465 8.81 5.04 -28.97
C ASP B 465 7.71 4.42 -29.83
N VAL B 466 6.99 3.42 -29.33
CA VAL B 466 5.93 2.76 -30.12
C VAL B 466 4.77 3.68 -30.52
N PHE B 467 4.53 4.75 -29.76
CA PHE B 467 3.36 5.61 -29.95
C PHE B 467 3.60 6.75 -30.93
N VAL B 468 2.67 6.87 -31.90
CA VAL B 468 2.74 7.87 -32.98
C VAL B 468 1.40 8.60 -33.16
N LYS B 469 1.40 9.64 -33.99
CA LYS B 469 0.24 10.52 -34.22
C LYS B 469 -0.31 11.04 -32.88
N ARG B 470 0.62 11.54 -32.06
CA ARG B 470 0.37 12.00 -30.68
C ARG B 470 -0.34 10.92 -29.83
N CYS B 471 0.21 9.71 -29.87
CA CYS B 471 -0.30 8.54 -29.15
C CYS B 471 -1.73 8.14 -29.51
N ARG B 472 -2.15 8.41 -30.74
CA ARG B 472 -3.46 7.95 -31.23
C ARG B 472 -3.36 6.52 -31.76
N GLU B 473 -2.28 6.25 -32.50
CA GLU B 473 -1.99 4.94 -33.08
C GLU B 473 -0.74 4.32 -32.45
N ARG B 474 -0.63 2.99 -32.57
CA ARG B 474 0.61 2.24 -32.33
C ARG B 474 1.33 2.05 -33.66
N ASP B 475 2.66 2.03 -33.65
CA ASP B 475 3.43 1.82 -34.88
C ASP B 475 3.73 0.33 -35.14
N ALA B 476 3.39 -0.13 -36.35
CA ALA B 476 3.55 -1.51 -36.75
C ALA B 476 5.03 -1.88 -36.88
N SER B 477 5.78 -1.09 -37.64
CA SER B 477 7.21 -1.32 -37.86
C SER B 477 8.05 -0.76 -36.70
N TRP B 478 7.90 -1.37 -35.53
CA TRP B 478 8.63 -1.00 -34.32
C TRP B 478 9.03 -2.27 -33.59
N THR B 479 10.29 -2.32 -33.18
CA THR B 479 10.83 -3.40 -32.35
C THR B 479 11.65 -2.75 -31.22
N PRO B 480 12.24 -3.56 -30.30
CA PRO B 480 13.36 -3.02 -29.49
C PRO B 480 14.55 -2.56 -30.39
N GLU B 481 14.70 -3.22 -31.54
CA GLU B 481 15.70 -2.92 -32.57
C GLU B 481 15.73 -1.48 -33.12
N GLN B 482 14.63 -0.73 -33.08
CA GLN B 482 14.71 0.67 -33.58
C GLN B 482 15.34 1.66 -32.58
N GLY B 483 15.31 1.34 -31.28
CA GLY B 483 15.88 2.25 -30.27
C GLY B 483 14.99 3.45 -29.96
N ASN B 484 15.47 4.33 -29.08
CA ASN B 484 14.65 5.42 -28.51
C ASN B 484 14.77 6.79 -29.20
N LYS B 485 15.26 6.81 -30.45
CA LYS B 485 15.48 8.07 -31.17
C LYS B 485 15.01 8.01 -32.60
N LEU B 486 14.56 9.15 -33.11
CA LEU B 486 14.03 9.25 -34.46
C LEU B 486 15.15 9.02 -35.46
N LEU B 487 14.91 8.10 -36.40
CA LEU B 487 15.88 7.76 -37.41
C LEU B 487 15.54 8.42 -38.74
N THR B 488 16.56 8.58 -39.59
CA THR B 488 16.39 9.07 -40.96
C THR B 488 16.13 7.88 -41.91
N ALA B 489 15.88 8.18 -43.17
CA ALA B 489 15.74 7.15 -44.21
C ALA B 489 16.97 6.25 -44.27
N ASP B 490 18.17 6.85 -44.23
CA ASP B 490 19.42 6.08 -44.27
C ASP B 490 19.78 5.30 -42.98
N GLY B 491 19.05 5.54 -41.89
CA GLY B 491 19.26 4.82 -40.63
C GLY B 491 20.11 5.58 -39.62
N GLN B 492 20.32 6.89 -39.84
CA GLN B 492 21.02 7.74 -38.88
C GLN B 492 20.06 8.43 -37.92
N ILE B 493 20.59 8.85 -36.78
CA ILE B 493 19.84 9.58 -35.77
C ILE B 493 19.64 11.00 -36.30
N TYR B 494 18.38 11.42 -36.45
CA TYR B 494 18.08 12.78 -36.89
C TYR B 494 18.35 13.78 -35.76
N GLU B 495 18.95 14.92 -36.13
CA GLU B 495 19.15 16.03 -35.22
C GLU B 495 18.62 17.32 -35.86
N GLY B 496 17.83 18.06 -35.09
CA GLY B 496 17.31 19.35 -35.51
C GLY B 496 17.78 20.42 -34.56
N THR B 497 17.64 21.67 -34.97
CA THR B 497 17.93 22.79 -34.07
C THR B 497 17.00 22.73 -32.87
N ILE B 498 17.42 23.34 -31.77
CA ILE B 498 16.56 23.54 -30.62
C ILE B 498 15.32 24.31 -31.08
N LEU B 499 15.52 25.28 -31.98
CA LEU B 499 14.44 26.09 -32.54
C LEU B 499 13.45 25.29 -33.37
N GLU B 500 13.95 24.29 -34.11
CA GLU B 500 13.09 23.38 -34.86
C GLU B 500 12.15 22.62 -33.91
N HIS B 501 12.68 22.24 -32.75
CA HIS B 501 11.89 21.57 -31.73
C HIS B 501 10.77 22.47 -31.23
N ILE B 502 11.12 23.72 -30.98
CA ILE B 502 10.19 24.72 -30.45
C ILE B 502 9.08 24.98 -31.46
N LEU B 503 9.47 25.22 -32.70
CA LEU B 503 8.49 25.41 -33.78
C LEU B 503 7.48 24.29 -33.81
N LEU B 504 7.99 23.06 -33.78
CA LEU B 504 7.16 21.89 -33.87
C LEU B 504 6.19 21.74 -32.70
N GLN B 505 6.65 22.05 -31.50
CA GLN B 505 5.81 21.98 -30.31
C GLN B 505 4.61 22.94 -30.32
N ASN B 506 4.75 24.06 -31.02
CA ASN B 506 3.73 25.10 -31.04
C ASN B 506 2.86 25.09 -32.31
N ILE B 507 3.47 24.71 -33.44
CA ILE B 507 2.74 24.60 -34.71
C ILE B 507 1.80 23.39 -34.77
N VAL B 508 2.21 22.24 -34.22
CA VAL B 508 1.35 21.04 -34.31
C VAL B 508 0.00 21.26 -33.62
N PRO B 509 0.01 21.73 -32.35
CA PRO B 509 -1.26 22.01 -31.67
C PRO B 509 -2.19 22.97 -32.41
N PHE B 510 -1.62 23.94 -33.13
CA PHE B 510 -2.42 24.86 -33.94
C PHE B 510 -3.38 24.15 -34.89
N PHE B 511 -2.91 23.09 -35.53
CA PHE B 511 -3.75 22.32 -36.44
C PHE B 511 -4.60 21.26 -35.76
N ASN B 512 -4.32 20.96 -34.48
CA ASN B 512 -4.98 19.86 -33.77
C ASN B 512 -6.25 20.35 -33.07
N VAL B 513 -7.26 20.66 -33.88
CA VAL B 513 -8.45 21.35 -33.40
C VAL B 513 -9.66 20.43 -33.29
N GLY B 514 -10.57 20.81 -32.39
CA GLY B 514 -11.81 20.09 -32.17
C GLY B 514 -12.91 20.62 -33.06
N GLU B 515 -14.13 20.16 -32.84
CA GLU B 515 -15.27 20.55 -33.66
C GLU B 515 -15.66 22.03 -33.53
N HIS B 516 -15.27 22.67 -32.41
CA HIS B 516 -15.46 24.10 -32.19
C HIS B 516 -14.24 24.98 -32.52
N GLY B 517 -13.19 24.40 -33.09
CA GLY B 517 -12.07 25.16 -33.68
C GLY B 517 -10.90 25.55 -32.78
N ASN B 518 -11.00 25.20 -31.49
CA ASN B 518 -9.94 25.48 -30.53
C ASN B 518 -9.11 24.22 -30.42
N ILE B 519 -7.98 24.30 -29.73
CA ILE B 519 -7.02 23.19 -29.68
C ILE B 519 -7.54 22.10 -28.73
N LYS B 520 -7.40 20.85 -29.15
CA LYS B 520 -7.93 19.70 -28.41
C LYS B 520 -7.31 19.56 -27.03
N LEU B 521 -8.15 19.12 -26.09
CA LEU B 521 -7.76 18.91 -24.71
C LEU B 521 -6.82 17.72 -24.57
N GLU B 522 -7.01 16.72 -25.42
CA GLU B 522 -6.26 15.48 -25.32
C GLU B 522 -6.44 14.91 -23.89
N GLY B 523 -5.37 14.45 -23.25
CA GLY B 523 -5.48 13.76 -21.95
C GLY B 523 -5.75 14.65 -20.76
N ALA B 524 -5.50 15.96 -20.93
CA ALA B 524 -5.64 17.03 -19.94
C ALA B 524 -4.76 18.22 -20.39
N ASP B 525 -4.94 19.39 -19.79
CA ASP B 525 -4.01 20.51 -19.95
C ASP B 525 -3.25 20.66 -18.61
N TRP B 526 -2.83 21.88 -18.23
CA TRP B 526 -2.27 22.13 -16.91
C TRP B 526 -3.06 21.43 -15.81
N ASN B 527 -4.38 21.53 -15.88
CA ASN B 527 -5.24 20.87 -14.92
C ASN B 527 -5.26 19.36 -15.18
N ASP B 528 -4.49 18.63 -14.36
CA ASP B 528 -4.43 17.17 -14.45
C ASP B 528 -5.76 16.47 -14.26
N GLY B 529 -6.68 17.15 -13.57
CA GLY B 529 -8.03 16.64 -13.32
C GLY B 529 -9.02 16.74 -14.45
N LEU B 530 -8.68 17.44 -15.55
CA LEU B 530 -9.53 17.49 -16.73
C LEU B 530 -9.11 16.38 -17.69
N ASP B 531 -9.32 15.14 -17.25
CA ASP B 531 -8.83 13.93 -17.91
C ASP B 531 -9.90 13.09 -18.60
N LEU B 532 -11.13 13.59 -18.71
CA LEU B 532 -12.24 12.78 -19.23
C LEU B 532 -12.85 13.30 -20.52
N ALA B 533 -12.09 14.11 -21.27
CA ALA B 533 -12.57 14.60 -22.56
C ALA B 533 -11.51 14.51 -23.68
N PRO B 534 -10.81 13.35 -23.79
CA PRO B 534 -9.83 13.21 -24.87
C PRO B 534 -10.42 13.10 -26.26
N GLU B 535 -11.66 12.60 -26.39
CA GLU B 535 -12.29 12.48 -27.72
C GLU B 535 -12.73 13.83 -28.29
N ARG B 536 -13.55 14.59 -27.56
CA ARG B 536 -14.12 15.86 -28.09
C ARG B 536 -13.78 17.12 -27.29
N GLY B 537 -13.07 16.98 -26.19
CA GLY B 537 -12.73 18.13 -25.37
C GLY B 537 -11.79 19.12 -26.06
N GLU B 538 -11.91 20.38 -25.67
CA GLU B 538 -11.04 21.43 -26.15
C GLU B 538 -10.59 22.29 -24.98
N SER B 539 -9.31 22.63 -24.96
CA SER B 539 -8.77 23.59 -24.01
C SER B 539 -8.63 24.93 -24.73
N VAL B 540 -9.70 25.71 -24.69
CA VAL B 540 -9.64 27.09 -25.19
C VAL B 540 -8.57 27.82 -24.38
N ALA B 541 -8.52 27.54 -23.07
CA ALA B 541 -7.56 28.17 -22.17
C ALA B 541 -6.16 28.14 -22.71
N PHE B 542 -5.74 26.98 -23.19
CA PHE B 542 -4.36 26.80 -23.67
C PHE B 542 -4.19 27.08 -25.15
N THR B 543 -5.29 27.25 -25.87
CA THR B 543 -5.27 27.80 -27.22
C THR B 543 -4.74 29.23 -27.22
N ALA B 544 -5.17 30.02 -26.22
CA ALA B 544 -4.68 31.38 -26.07
C ALA B 544 -3.17 31.41 -25.73
N PHE B 545 -2.70 30.41 -25.00
CA PHE B 545 -1.27 30.23 -24.72
C PHE B 545 -0.52 29.90 -26.02
N TYR B 546 -1.00 28.92 -26.78
CA TYR B 546 -0.34 28.58 -28.05
C TYR B 546 -0.39 29.73 -29.06
N ALA B 547 -1.48 30.50 -29.06
CA ALA B 547 -1.62 31.68 -29.93
C ALA B 547 -0.53 32.70 -29.61
N SER B 548 -0.41 32.98 -28.32
CA SER B 548 0.62 33.88 -27.81
C SER B 548 2.06 33.40 -28.05
N ASN B 549 2.28 32.10 -27.89
CA ASN B 549 3.57 31.49 -28.20
C ASN B 549 3.94 31.70 -29.68
N LEU B 550 2.99 31.50 -30.58
CA LEU B 550 3.24 31.65 -32.00
C LEU B 550 3.67 33.09 -32.34
N MET B 551 3.01 34.06 -31.69
CA MET B 551 3.31 35.48 -31.89
C MET B 551 4.68 35.88 -31.35
N GLU B 552 4.99 35.39 -30.15
CA GLU B 552 6.32 35.59 -29.57
C GLU B 552 7.41 34.97 -30.43
N LEU B 553 7.10 33.81 -31.00
CA LEU B 553 8.02 33.14 -31.91
C LEU B 553 8.29 33.98 -33.13
N SER B 554 7.22 34.55 -33.71
CA SER B 554 7.32 35.48 -34.82
C SER B 554 8.20 36.68 -34.47
N GLU B 555 7.90 37.35 -33.36
CA GLU B 555 8.75 38.46 -32.90
C GLU B 555 10.20 38.03 -32.63
N LEU B 556 10.38 36.82 -32.09
CA LEU B 556 11.71 36.30 -31.77
C LEU B 556 12.56 36.12 -33.04
N LEU B 557 12.01 35.47 -34.05
CA LEU B 557 12.71 35.23 -35.31
C LEU B 557 13.15 36.54 -35.97
N LEU B 558 12.25 37.53 -36.01
CA LEU B 558 12.57 38.85 -36.55
C LEU B 558 13.67 39.51 -35.75
N GLU B 559 13.62 39.37 -34.43
CA GLU B 559 14.65 39.97 -33.58
C GLU B 559 16.00 39.21 -33.67
N LEU B 560 15.98 37.91 -33.98
CA LEU B 560 17.21 37.17 -34.29
C LEU B 560 17.92 37.70 -35.52
N GLN B 561 17.17 38.06 -36.55
CA GLN B 561 17.73 38.63 -37.77
C GLN B 561 18.42 39.94 -37.43
N LYS B 562 17.69 40.86 -36.81
CA LYS B 562 18.24 42.18 -36.48
C LYS B 562 19.34 42.19 -35.38
N ARG B 563 19.58 41.08 -34.68
CA ARG B 563 20.63 40.99 -33.67
C ARG B 563 21.75 40.02 -34.02
N THR B 564 21.42 38.79 -34.38
CA THR B 564 22.41 37.83 -34.90
C THR B 564 22.89 38.25 -36.31
N GLY B 565 21.98 38.72 -37.15
CA GLY B 565 22.27 38.99 -38.58
C GLY B 565 21.77 37.90 -39.54
N LYS B 566 21.46 36.72 -39.00
CA LYS B 566 21.16 35.54 -39.84
C LYS B 566 19.75 35.60 -40.44
N ASP B 567 19.66 35.15 -41.69
CA ASP B 567 18.46 35.24 -42.52
C ASP B 567 17.74 33.88 -42.72
N SER B 568 18.32 32.78 -42.23
CA SER B 568 17.87 31.43 -42.56
C SER B 568 17.53 30.59 -41.32
N LEU B 569 16.66 29.61 -41.50
CA LEU B 569 16.37 28.61 -40.50
C LEU B 569 16.47 27.22 -41.09
N ASP B 570 17.30 26.38 -40.47
CA ASP B 570 17.45 24.97 -40.84
C ASP B 570 16.28 24.22 -40.20
N ILE B 571 15.42 23.65 -41.04
CA ILE B 571 14.18 22.95 -40.64
C ILE B 571 14.05 21.71 -41.50
N ALA B 572 13.51 20.63 -40.93
CA ALA B 572 13.31 19.37 -41.69
C ALA B 572 12.29 19.58 -42.80
N GLU B 573 12.54 18.97 -43.97
CA GLU B 573 11.69 19.22 -45.15
C GLU B 573 10.21 18.94 -44.89
N GLU B 574 9.93 17.90 -44.12
CA GLU B 574 8.55 17.51 -43.81
C GLU B 574 7.79 18.57 -43.01
N MET B 575 8.49 19.34 -42.18
CA MET B 575 7.87 20.44 -41.44
C MET B 575 7.35 21.58 -42.31
N ALA B 576 7.89 21.72 -43.52
CA ALA B 576 7.37 22.73 -44.47
C ALA B 576 5.87 22.58 -44.76
N LEU B 577 5.34 21.36 -44.70
CA LEU B 577 3.91 21.14 -44.86
C LEU B 577 3.12 21.95 -43.86
N LEU B 578 3.59 21.96 -42.61
CA LEU B 578 2.97 22.71 -41.52
C LEU B 578 3.14 24.24 -41.61
N LEU B 579 4.14 24.71 -42.34
CA LEU B 579 4.31 26.12 -42.64
C LEU B 579 3.70 26.43 -44.03
N ASP B 580 2.41 26.18 -44.15
CA ASP B 580 1.69 26.23 -45.44
C ASP B 580 1.67 27.58 -46.14
N THR B 581 1.88 28.67 -45.38
CA THR B 581 2.00 30.00 -45.97
C THR B 581 3.18 30.11 -46.96
N LEU B 582 4.22 29.32 -46.77
CA LEU B 582 5.37 29.29 -47.68
C LEU B 582 5.14 28.53 -49.00
N GLY B 583 4.21 27.58 -49.01
CA GLY B 583 3.83 26.80 -50.20
C GLY B 583 2.42 27.18 -50.65
N LYS B 584 1.52 26.19 -50.77
CA LYS B 584 0.10 26.42 -51.08
C LYS B 584 -0.69 26.59 -49.77
N PRO B 585 -1.08 27.84 -49.42
CA PRO B 585 -1.79 28.01 -48.16
C PRO B 585 -3.13 27.26 -48.11
N ILE B 586 -3.45 26.69 -46.94
CA ILE B 586 -4.80 26.18 -46.68
C ILE B 586 -5.62 27.25 -45.98
N SER B 587 -6.93 27.07 -45.90
CA SER B 587 -7.81 27.98 -45.15
C SER B 587 -7.79 27.55 -43.70
N TYR B 588 -7.28 28.44 -42.84
CA TYR B 588 -7.31 28.22 -41.39
C TYR B 588 -8.72 28.28 -40.78
N ASP B 589 -9.72 28.75 -41.52
CA ASP B 589 -11.12 28.69 -41.08
C ASP B 589 -11.70 27.26 -41.18
N SER B 590 -11.07 26.40 -41.97
CA SER B 590 -11.52 25.01 -42.10
C SER B 590 -10.83 24.10 -41.09
N ILE B 591 -11.66 23.46 -40.27
CA ILE B 591 -11.22 22.43 -39.35
C ILE B 591 -10.75 21.20 -40.14
N GLN B 592 -11.59 20.74 -41.07
CA GLN B 592 -11.27 19.59 -41.94
C GLN B 592 -9.88 19.74 -42.60
N GLU B 593 -9.61 20.91 -43.18
CA GLU B 593 -8.33 21.19 -43.84
C GLU B 593 -7.15 21.21 -42.89
N LYS B 594 -7.31 21.80 -41.72
CA LYS B 594 -6.25 21.78 -40.72
C LYS B 594 -5.94 20.36 -40.26
N ARG B 595 -6.97 19.58 -39.96
CA ARG B 595 -6.82 18.17 -39.57
C ARG B 595 -6.12 17.37 -40.66
N SER B 596 -6.56 17.53 -41.91
CA SER B 596 -5.96 16.81 -43.06
C SER B 596 -4.48 17.13 -43.28
N LEU B 597 -4.12 18.38 -43.10
CA LEU B 597 -2.73 18.80 -43.26
C LEU B 597 -1.85 18.21 -42.15
N LEU B 598 -2.40 18.15 -40.94
CA LEU B 598 -1.72 17.49 -39.83
C LEU B 598 -1.55 15.99 -40.03
N ASP B 599 -2.55 15.33 -40.61
CA ASP B 599 -2.46 13.90 -40.94
C ASP B 599 -1.42 13.62 -42.00
N ARG B 600 -1.32 14.50 -42.99
CA ARG B 600 -0.24 14.45 -43.99
C ARG B 600 1.11 14.53 -43.30
N TYR B 601 1.27 15.49 -42.37
CA TYR B 601 2.53 15.65 -41.66
C TYR B 601 2.93 14.40 -40.88
N TYR B 602 1.98 13.85 -40.13
CA TYR B 602 2.20 12.61 -39.39
C TYR B 602 2.68 11.46 -40.32
N ASP B 603 2.03 11.31 -41.48
CA ASP B 603 2.39 10.27 -42.46
C ASP B 603 3.79 10.48 -43.03
N ALA B 604 4.15 11.73 -43.29
CA ALA B 604 5.47 12.08 -43.81
C ALA B 604 6.61 11.72 -42.85
N VAL B 605 6.35 11.80 -41.54
CA VAL B 605 7.38 11.57 -40.51
C VAL B 605 7.27 10.23 -39.74
N THR B 606 6.31 9.37 -40.09
CA THR B 606 6.15 8.06 -39.44
C THR B 606 6.33 6.95 -40.49
N PRO B 607 7.22 5.98 -40.26
CA PRO B 607 8.01 5.82 -39.02
C PRO B 607 9.32 6.65 -38.92
N ARG B 608 9.81 7.17 -40.04
CA ARG B 608 11.11 7.86 -40.11
C ARG B 608 10.96 9.20 -40.86
N VAL B 609 11.98 10.05 -40.77
CA VAL B 609 12.07 11.24 -41.62
C VAL B 609 13.07 10.98 -42.73
N SER B 610 13.07 11.83 -43.75
CA SER B 610 13.98 11.65 -44.88
C SER B 610 15.41 11.98 -44.49
N GLY B 611 15.57 12.94 -43.58
CA GLY B 611 16.88 13.44 -43.19
C GLY B 611 17.21 14.75 -43.89
N LYS B 612 16.63 14.97 -45.09
CA LYS B 612 16.88 16.19 -45.88
C LYS B 612 16.20 17.38 -45.19
N LYS B 613 16.93 18.51 -45.14
CA LYS B 613 16.48 19.73 -44.51
C LYS B 613 16.30 20.81 -45.56
N LEU B 614 15.33 21.70 -45.32
CA LEU B 614 15.11 22.89 -46.11
C LEU B 614 15.68 24.10 -45.36
N LEU B 615 16.16 25.07 -46.11
CA LEU B 615 16.66 26.33 -45.57
C LEU B 615 15.64 27.40 -45.93
N LEU B 616 14.95 27.95 -44.92
CA LEU B 616 13.79 28.84 -45.12
C LEU B 616 14.05 30.26 -44.63
N ASP B 617 13.50 31.24 -45.34
CA ASP B 617 13.64 32.66 -45.00
C ASP B 617 13.05 32.91 -43.61
N ILE B 618 13.87 33.50 -42.74
CA ILE B 618 13.50 33.75 -41.35
C ILE B 618 12.32 34.70 -41.23
N ARG B 619 12.24 35.65 -42.16
CA ARG B 619 11.14 36.63 -42.25
C ARG B 619 9.85 35.97 -42.78
N LYS B 620 9.99 35.07 -43.75
CA LYS B 620 8.82 34.35 -44.28
C LYS B 620 8.26 33.33 -43.26
N VAL B 621 9.11 32.78 -42.40
CA VAL B 621 8.67 31.84 -41.37
C VAL B 621 7.96 32.63 -40.27
N ALA B 622 8.53 33.78 -39.92
CA ALA B 622 7.88 34.71 -38.98
C ALA B 622 6.51 35.18 -39.46
N GLU B 623 6.38 35.39 -40.76
CA GLU B 623 5.10 35.71 -41.38
C GLU B 623 4.08 34.58 -41.22
N ASP B 624 4.51 33.32 -41.40
CA ASP B 624 3.64 32.15 -41.20
C ASP B 624 3.18 32.06 -39.75
N LEU B 625 4.11 32.27 -38.83
CA LEU B 625 3.82 32.21 -37.42
C LEU B 625 2.88 33.32 -36.98
N LYS B 626 3.09 34.52 -37.48
CA LYS B 626 2.20 35.66 -37.24
C LYS B 626 0.78 35.45 -37.80
N ARG B 627 0.68 34.82 -38.97
CA ARG B 627 -0.59 34.53 -39.61
C ARG B 627 -1.45 33.60 -38.74
N LYS B 628 -0.82 32.52 -38.28
CA LYS B 628 -1.45 31.56 -37.35
C LYS B 628 -1.90 32.27 -36.09
N ALA B 629 -0.99 33.04 -35.50
CA ALA B 629 -1.27 33.75 -34.27
C ALA B 629 -2.44 34.70 -34.44
N ASP B 630 -2.40 35.50 -35.50
CA ASP B 630 -3.49 36.43 -35.83
C ASP B 630 -4.82 35.70 -35.99
N TRP B 631 -4.79 34.54 -36.63
CA TRP B 631 -6.00 33.77 -36.84
C TRP B 631 -6.59 33.35 -35.49
N ALA B 632 -5.75 32.80 -34.62
CA ALA B 632 -6.16 32.30 -33.33
C ALA B 632 -6.68 33.42 -32.44
N VAL B 633 -5.97 34.56 -32.46
CA VAL B 633 -6.40 35.74 -31.71
C VAL B 633 -7.78 36.19 -32.17
N ALA B 634 -8.01 36.27 -33.48
CA ALA B 634 -9.32 36.67 -34.03
C ALA B 634 -10.45 35.70 -33.68
N HIS B 635 -10.17 34.40 -33.72
CA HIS B 635 -11.18 33.36 -33.50
C HIS B 635 -11.63 33.33 -32.03
N LEU B 636 -10.65 33.41 -31.13
CA LEU B 636 -10.90 33.43 -29.71
C LEU B 636 -11.76 34.64 -29.30
N ARG B 637 -11.38 35.82 -29.79
CA ARG B 637 -12.14 37.05 -29.51
C ARG B 637 -13.53 37.03 -30.13
N GLY B 638 -13.64 36.44 -31.32
CA GLY B 638 -14.89 36.40 -32.05
C GLY B 638 -15.85 35.31 -31.60
N SER B 639 -15.30 34.20 -31.09
CA SER B 639 -16.11 32.99 -30.82
C SER B 639 -16.14 32.48 -29.38
N GLU B 640 -15.14 32.83 -28.57
CA GLU B 640 -15.06 32.32 -27.21
C GLU B 640 -15.13 33.37 -26.12
N TRP B 641 -15.41 34.62 -26.51
CA TRP B 641 -15.73 35.67 -25.57
C TRP B 641 -17.21 35.48 -25.21
N ILE B 642 -17.51 35.35 -23.92
CA ILE B 642 -18.87 35.05 -23.47
C ILE B 642 -19.34 36.02 -22.41
N GLN B 643 -20.66 36.07 -22.23
CA GLN B 643 -21.32 36.99 -21.31
C GLN B 643 -22.42 36.25 -20.52
N SER B 644 -22.52 36.48 -19.21
CA SER B 644 -23.69 35.99 -18.46
C SER B 644 -24.87 36.95 -18.63
N LYS B 645 -26.07 36.50 -18.29
CA LYS B 645 -27.27 37.38 -18.30
C LYS B 645 -27.13 38.56 -17.36
N GLU B 646 -26.43 38.37 -16.24
CA GLU B 646 -26.14 39.48 -15.33
C GLU B 646 -25.23 40.57 -15.97
N GLY B 647 -24.53 40.25 -17.07
CA GLY B 647 -23.72 41.23 -17.81
C GLY B 647 -22.19 41.14 -17.64
N TYR B 648 -21.71 40.19 -16.84
CA TYR B 648 -20.28 39.94 -16.72
C TYR B 648 -19.78 39.17 -17.95
N ALA B 649 -18.53 39.38 -18.33
CA ALA B 649 -17.98 38.78 -19.53
C ALA B 649 -16.56 38.32 -19.34
N TRP B 650 -16.23 37.20 -19.98
CA TRP B 650 -14.93 36.56 -19.83
C TRP B 650 -14.70 35.56 -20.96
N PHE B 651 -13.59 34.83 -20.95
CA PHE B 651 -13.34 33.81 -21.97
C PHE B 651 -13.76 32.41 -21.50
N ASN B 652 -14.57 31.74 -22.33
CA ASN B 652 -14.79 30.32 -22.15
C ASN B 652 -13.45 29.62 -22.27
N GLY B 653 -13.19 28.71 -21.33
CA GLY B 653 -11.92 28.00 -21.26
C GLY B 653 -11.95 26.57 -21.80
N TYR B 654 -13.14 25.96 -21.90
CA TYR B 654 -13.26 24.52 -22.20
C TYR B 654 -14.50 24.14 -23.00
N TYR B 655 -14.34 23.06 -23.78
CA TYR B 655 -15.46 22.27 -24.31
C TYR B 655 -15.30 20.87 -23.74
N ASN B 656 -16.41 20.27 -23.35
CA ASN B 656 -16.41 18.97 -22.72
C ASN B 656 -16.54 17.85 -23.78
N ASN B 657 -16.58 16.61 -23.31
CA ASN B 657 -16.52 15.44 -24.18
C ASN B 657 -17.82 15.19 -24.96
N ASP B 658 -18.87 15.97 -24.70
CA ASP B 658 -20.06 16.02 -25.56
C ASP B 658 -20.05 17.21 -26.54
N GLY B 659 -18.91 17.89 -26.68
CA GLY B 659 -18.78 19.04 -27.57
C GLY B 659 -19.50 20.29 -27.09
N GLU B 660 -19.83 20.34 -25.80
CA GLU B 660 -20.61 21.42 -25.21
C GLU B 660 -19.66 22.39 -24.54
N ARG B 661 -19.94 23.67 -24.71
CA ARG B 661 -19.26 24.76 -24.03
C ARG B 661 -19.45 24.65 -22.53
N VAL B 662 -18.35 24.77 -21.81
CA VAL B 662 -18.36 24.48 -20.39
C VAL B 662 -18.85 25.68 -19.60
N GLU B 663 -18.36 26.87 -19.98
CA GLU B 663 -18.57 28.06 -19.15
C GLU B 663 -19.79 28.89 -19.57
N GLY B 664 -20.27 29.71 -18.63
CA GLY B 664 -21.42 30.58 -18.83
C GLY B 664 -22.56 30.22 -17.86
N ASP B 665 -23.75 30.74 -18.12
CA ASP B 665 -24.89 30.48 -17.27
C ASP B 665 -25.23 28.98 -17.27
N HIS B 666 -25.73 28.56 -16.11
CA HIS B 666 -26.03 27.17 -15.86
C HIS B 666 -26.98 27.04 -14.66
N PRO B 667 -27.90 26.07 -14.71
CA PRO B 667 -28.66 25.68 -13.52
C PRO B 667 -27.76 25.49 -12.30
N ASP B 668 -28.14 26.11 -11.20
CA ASP B 668 -27.38 26.06 -9.95
C ASP B 668 -26.13 26.95 -9.90
N GLY B 669 -25.91 27.75 -10.95
CA GLY B 669 -24.90 28.81 -10.88
C GLY B 669 -23.95 28.86 -12.07
N VAL B 670 -23.44 30.07 -12.33
CA VAL B 670 -22.51 30.33 -13.41
C VAL B 670 -21.29 29.43 -13.30
N ARG B 671 -20.84 28.92 -14.43
CA ARG B 671 -19.62 28.14 -14.49
C ARG B 671 -18.51 28.97 -15.11
N MET B 672 -17.42 29.13 -14.36
CA MET B 672 -16.29 29.93 -14.79
C MET B 672 -15.03 29.27 -14.26
N THR B 673 -13.95 29.32 -15.04
CA THR B 673 -12.66 28.82 -14.62
C THR B 673 -11.63 29.96 -14.70
N LEU B 674 -10.69 29.96 -13.76
CA LEU B 674 -9.60 30.90 -13.75
C LEU B 674 -8.59 30.61 -14.87
N THR B 675 -8.37 29.33 -15.14
CA THR B 675 -7.40 28.88 -16.15
C THR B 675 -7.75 29.43 -17.54
N GLY B 676 -9.04 29.54 -17.84
CA GLY B 676 -9.51 30.11 -19.10
C GLY B 676 -9.24 31.60 -19.32
N GLN B 677 -8.84 32.28 -18.26
CA GLN B 677 -8.53 33.71 -18.31
C GLN B 677 -7.04 33.99 -18.33
N VAL B 678 -6.26 33.18 -17.62
CA VAL B 678 -4.88 33.52 -17.29
C VAL B 678 -4.00 33.75 -18.51
N PHE B 679 -4.03 32.81 -19.45
CA PHE B 679 -3.13 32.89 -20.60
C PHE B 679 -3.67 33.80 -21.67
N ALA B 680 -5.00 33.98 -21.73
CA ALA B 680 -5.60 35.01 -22.56
C ALA B 680 -5.05 36.40 -22.21
N ILE B 681 -5.02 36.69 -20.90
CA ILE B 681 -4.46 37.94 -20.39
C ILE B 681 -2.94 38.00 -20.64
N MET B 682 -2.22 36.97 -20.22
CA MET B 682 -0.75 36.99 -20.21
C MET B 682 -0.16 37.22 -21.60
N GLY B 683 -0.76 36.57 -22.59
CA GLY B 683 -0.23 36.55 -23.92
C GLY B 683 -0.82 37.52 -24.92
N GLY B 684 -1.86 38.25 -24.52
CA GLY B 684 -2.41 39.32 -25.32
C GLY B 684 -3.67 39.01 -26.14
N VAL B 685 -4.16 37.78 -26.09
CA VAL B 685 -5.43 37.44 -26.73
C VAL B 685 -6.54 38.34 -26.21
N ALA B 686 -6.61 38.51 -24.90
CA ALA B 686 -7.51 39.49 -24.29
C ALA B 686 -6.95 40.88 -24.53
N THR B 687 -7.80 41.77 -25.05
CA THR B 687 -7.49 43.21 -25.13
C THR B 687 -7.48 43.80 -23.72
N ASP B 688 -7.07 45.05 -23.60
CA ASP B 688 -7.11 45.74 -22.32
C ASP B 688 -8.54 45.83 -21.77
N GLU B 689 -9.49 46.11 -22.64
CA GLU B 689 -10.90 46.20 -22.27
C GLU B 689 -11.43 44.81 -21.82
N GLN B 690 -11.08 43.76 -22.54
CA GLN B 690 -11.45 42.40 -22.15
C GLN B 690 -10.76 41.98 -20.84
N THR B 691 -9.53 42.44 -20.62
CA THR B 691 -8.81 42.21 -19.37
C THR B 691 -9.47 42.93 -18.16
N GLU B 692 -9.92 44.17 -18.34
CA GLU B 692 -10.69 44.86 -17.29
C GLU B 692 -11.94 44.03 -16.96
N LYS B 693 -12.66 43.62 -18.00
CA LYS B 693 -13.87 42.83 -17.82
C LYS B 693 -13.61 41.47 -17.19
N ILE B 694 -12.55 40.80 -17.62
CA ILE B 694 -12.21 39.51 -17.04
C ILE B 694 -11.97 39.62 -15.53
N SER B 695 -11.18 40.61 -15.13
N SER B 695 -11.20 40.62 -15.12
CA SER B 695 -10.87 40.82 -13.72
CA SER B 695 -10.87 40.82 -13.71
C SER B 695 -12.11 41.04 -12.85
C SER B 695 -12.09 41.10 -12.83
N GLN B 696 -13.08 41.76 -13.41
CA GLN B 696 -14.36 41.99 -12.75
C GLN B 696 -15.19 40.74 -12.61
N ALA B 697 -15.18 39.90 -13.64
CA ALA B 697 -15.87 38.61 -13.61
C ALA B 697 -15.22 37.63 -12.63
N VAL B 698 -13.89 37.56 -12.68
CA VAL B 698 -13.11 36.80 -11.70
C VAL B 698 -13.47 37.26 -10.28
N ASN B 699 -13.45 38.57 -10.05
CA ASN B 699 -13.74 39.09 -8.70
C ASN B 699 -15.18 38.79 -8.29
N ARG B 700 -16.08 38.79 -9.26
CA ARG B 700 -17.50 38.53 -9.03
C ARG B 700 -17.81 37.05 -8.76
N TYR B 701 -17.23 36.14 -9.55
CA TYR B 701 -17.60 34.71 -9.52
C TYR B 701 -16.63 33.82 -8.79
N LEU B 702 -15.34 34.18 -8.78
CA LEU B 702 -14.29 33.31 -8.27
C LEU B 702 -13.67 33.74 -6.95
N LYS B 703 -13.68 35.03 -6.63
CA LYS B 703 -12.99 35.54 -5.47
C LYS B 703 -13.84 35.32 -4.23
N ASP B 704 -13.38 34.40 -3.41
CA ASP B 704 -14.02 34.09 -2.15
C ASP B 704 -13.46 35.01 -1.06
N GLU B 705 -14.31 35.50 -0.18
N GLU B 705 -14.32 35.53 -0.18
CA GLU B 705 -13.82 36.40 0.86
CA GLU B 705 -13.86 36.37 0.93
C GLU B 705 -13.06 35.64 1.98
C GLU B 705 -12.97 35.59 1.89
N ARG B 706 -13.32 34.34 2.16
CA ARG B 706 -12.59 33.49 3.13
C ARG B 706 -11.35 32.80 2.54
N ILE B 707 -11.42 32.33 1.29
CA ILE B 707 -10.33 31.55 0.71
C ILE B 707 -9.66 32.09 -0.56
N GLY B 708 -10.06 33.25 -1.05
CA GLY B 708 -9.36 33.87 -2.19
C GLY B 708 -9.84 33.41 -3.54
N TYR B 709 -8.94 33.45 -4.51
CA TYR B 709 -9.32 33.29 -5.92
C TYR B 709 -9.43 31.80 -6.26
N ARG B 710 -10.66 31.31 -6.36
CA ARG B 710 -10.91 29.91 -6.65
C ARG B 710 -10.49 29.57 -8.09
N LEU B 711 -10.03 28.34 -8.29
CA LEU B 711 -9.68 27.85 -9.64
C LEU B 711 -10.89 27.72 -10.57
N ASN B 712 -12.08 27.55 -10.00
CA ASN B 712 -13.31 27.45 -10.73
C ASN B 712 -14.47 27.64 -9.77
N SER B 713 -15.63 28.01 -10.32
CA SER B 713 -16.85 28.10 -9.54
C SER B 713 -17.45 26.69 -9.47
N ARG B 714 -18.52 26.55 -8.68
CA ARG B 714 -19.10 25.23 -8.39
C ARG B 714 -19.89 24.65 -9.57
N PHE B 715 -19.53 23.42 -9.94
CA PHE B 715 -20.27 22.58 -10.86
C PHE B 715 -20.90 21.52 -9.95
N GLY B 716 -22.21 21.36 -10.02
CA GLY B 716 -22.89 20.43 -9.11
C GLY B 716 -22.58 18.97 -9.42
N GLY B 717 -21.96 18.28 -8.48
CA GLY B 717 -21.68 16.86 -8.62
C GLY B 717 -20.59 16.52 -9.64
N ILE B 718 -20.43 15.21 -9.87
CA ILE B 718 -19.38 14.70 -10.75
C ILE B 718 -19.68 15.07 -12.20
N GLN B 719 -18.59 15.16 -12.96
CA GLN B 719 -18.63 15.68 -14.31
C GLN B 719 -17.87 14.71 -15.19
N GLN B 720 -18.49 13.55 -15.43
CA GLN B 720 -17.84 12.40 -16.09
C GLN B 720 -17.56 12.56 -17.59
N ASN B 721 -18.07 13.64 -18.20
CA ASN B 721 -17.69 14.05 -19.55
C ASN B 721 -16.62 15.17 -19.54
N LEU B 722 -15.98 15.43 -18.40
CA LEU B 722 -14.99 16.50 -18.34
C LEU B 722 -13.72 16.11 -17.55
N GLY B 723 -13.87 15.77 -16.27
CA GLY B 723 -12.73 15.37 -15.47
C GLY B 723 -13.02 14.78 -14.11
N ARG B 724 -12.08 13.95 -13.64
CA ARG B 724 -12.16 13.35 -12.31
C ARG B 724 -12.03 14.39 -11.19
N ALA B 725 -11.46 15.55 -11.49
CA ALA B 725 -11.39 16.66 -10.53
C ALA B 725 -12.73 17.00 -9.88
N PHE B 726 -13.80 16.87 -10.65
CA PHE B 726 -15.13 17.21 -10.13
C PHE B 726 -15.70 16.15 -9.15
N GLY B 727 -15.00 15.01 -9.01
CA GLY B 727 -15.24 14.07 -7.91
C GLY B 727 -14.74 14.60 -6.57
N PHE B 728 -13.78 15.52 -6.59
CA PHE B 728 -13.32 16.14 -5.35
C PHE B 728 -14.42 17.06 -4.82
N ALA B 729 -14.54 17.10 -3.49
CA ALA B 729 -15.33 18.11 -2.82
C ALA B 729 -14.92 19.49 -3.30
N PHE B 730 -15.94 20.35 -3.49
CA PHE B 730 -15.74 21.72 -3.93
C PHE B 730 -14.85 22.45 -2.92
N GLY B 731 -13.85 23.16 -3.44
CA GLY B 731 -12.87 23.83 -2.62
C GLY B 731 -11.66 22.99 -2.22
N HIS B 732 -11.44 21.87 -2.93
CA HIS B 732 -10.28 21.03 -2.68
C HIS B 732 -9.58 20.65 -3.97
N LYS B 733 -8.26 20.79 -3.99
CA LYS B 733 -7.42 20.34 -5.10
C LYS B 733 -7.84 21.11 -6.36
N GLU B 734 -8.04 20.47 -7.51
CA GLU B 734 -8.35 21.19 -8.73
C GLU B 734 -9.86 21.50 -8.91
N ASN B 735 -10.69 21.17 -7.91
CA ASN B 735 -12.09 21.58 -7.91
C ASN B 735 -12.33 22.74 -6.98
N GLY B 736 -12.03 23.94 -7.47
CA GLY B 736 -12.46 25.17 -6.80
C GLY B 736 -11.73 25.63 -5.54
N ALA B 737 -10.63 24.96 -5.20
CA ALA B 737 -9.76 25.48 -4.16
C ALA B 737 -9.06 26.73 -4.70
N MET B 738 -8.41 27.46 -3.81
CA MET B 738 -7.51 28.53 -4.19
C MET B 738 -6.22 27.81 -4.57
N PHE B 739 -6.01 27.58 -5.87
CA PHE B 739 -4.90 26.77 -6.29
C PHE B 739 -3.74 27.67 -6.65
N SER B 740 -2.76 27.73 -5.75
CA SER B 740 -1.74 28.79 -5.74
C SER B 740 -1.05 29.02 -7.06
N HIS B 741 -0.75 27.95 -7.78
CA HIS B 741 0.01 28.03 -9.03
C HIS B 741 -0.74 28.85 -10.07
N MET B 742 -2.00 28.50 -10.29
CA MET B 742 -2.80 29.20 -11.27
C MET B 742 -3.05 30.64 -10.81
N THR B 743 -3.25 30.83 -9.52
CA THR B 743 -3.54 32.15 -8.98
C THR B 743 -2.34 33.07 -9.10
N VAL B 744 -1.16 32.55 -8.84
CA VAL B 744 0.07 33.31 -9.05
C VAL B 744 0.22 33.70 -10.52
N MET B 745 -0.07 32.77 -11.42
CA MET B 745 0.05 33.05 -12.86
C MET B 745 -0.95 34.10 -13.34
N TYR B 746 -2.13 34.10 -12.73
CA TYR B 746 -3.12 35.14 -12.98
C TYR B 746 -2.53 36.50 -12.60
N ALA B 747 -1.96 36.57 -11.40
CA ALA B 747 -1.31 37.79 -10.92
C ALA B 747 -0.16 38.21 -11.83
N ASN B 748 0.67 37.24 -12.19
CA ASN B 748 1.75 37.49 -13.14
C ASN B 748 1.22 38.15 -14.43
N ALA B 749 0.15 37.57 -14.99
CA ALA B 749 -0.47 38.07 -16.20
C ALA B 749 -0.99 39.53 -16.05
N LEU B 750 -1.66 39.79 -14.93
CA LEU B 750 -2.15 41.13 -14.62
C LEU B 750 -1.02 42.13 -14.57
N TYR B 751 0.04 41.80 -13.84
CA TYR B 751 1.23 42.66 -13.77
C TYR B 751 1.81 42.92 -15.18
N LYS B 752 1.99 41.85 -15.94
CA LYS B 752 2.50 41.94 -17.31
C LYS B 752 1.72 42.96 -18.14
N ARG B 753 0.40 42.98 -17.99
CA ARG B 753 -0.48 43.84 -18.81
C ARG B 753 -0.75 45.23 -18.24
N GLY B 754 -0.17 45.54 -17.08
CA GLY B 754 -0.28 46.86 -16.48
C GLY B 754 -1.38 47.01 -15.46
N PHE B 755 -2.09 45.93 -15.14
CA PHE B 755 -3.14 45.93 -14.14
C PHE B 755 -2.51 45.67 -12.77
N VAL B 756 -1.77 46.67 -12.29
CA VAL B 756 -0.90 46.54 -11.12
C VAL B 756 -1.64 46.48 -9.79
N GLN B 757 -2.64 47.33 -9.60
CA GLN B 757 -3.47 47.27 -8.38
C GLN B 757 -4.18 45.92 -8.25
N GLU B 758 -4.63 45.37 -9.37
CA GLU B 758 -5.39 44.12 -9.39
C GLU B 758 -4.41 43.00 -9.14
N GLY B 759 -3.27 43.05 -9.79
CA GLY B 759 -2.20 42.08 -9.57
C GLY B 759 -1.69 42.07 -8.13
N PHE B 760 -1.54 43.26 -7.54
CA PHE B 760 -1.13 43.37 -6.15
C PHE B 760 -2.15 42.70 -5.21
N GLU B 761 -3.43 42.98 -5.41
CA GLU B 761 -4.51 42.40 -4.62
C GLU B 761 -4.39 40.87 -4.67
N VAL B 762 -4.09 40.32 -5.84
CA VAL B 762 -3.98 38.86 -6.00
C VAL B 762 -2.79 38.31 -5.22
N LEU B 763 -1.61 38.84 -5.47
CA LEU B 763 -0.42 38.39 -4.75
C LEU B 763 -0.57 38.54 -3.22
N ASP B 764 -1.11 39.68 -2.78
CA ASP B 764 -1.31 39.94 -1.35
C ASP B 764 -2.33 38.95 -0.71
N SER B 765 -3.34 38.53 -1.48
N SER B 765 -3.33 38.49 -1.46
CA SER B 765 -4.29 37.50 -1.06
CA SER B 765 -4.28 37.50 -0.95
C SER B 765 -3.62 36.17 -0.70
C SER B 765 -3.60 36.15 -0.68
N ILE B 766 -2.66 35.76 -1.52
CA ILE B 766 -1.94 34.50 -1.31
C ILE B 766 -1.13 34.56 0.01
N TYR B 767 -0.39 35.62 0.19
CA TYR B 767 0.34 35.87 1.43
C TYR B 767 -0.60 35.88 2.64
N ARG B 768 -1.68 36.66 2.58
CA ARG B 768 -2.55 36.82 3.73
C ARG B 768 -3.22 35.53 4.14
N LEU B 769 -3.71 34.77 3.17
CA LEU B 769 -4.31 33.45 3.40
C LEU B 769 -3.30 32.48 3.98
N SER B 770 -2.12 32.40 3.35
CA SER B 770 -1.06 31.49 3.79
C SER B 770 -0.61 31.78 5.22
N ALA B 771 -0.46 33.07 5.56
CA ALA B 771 0.07 33.50 6.87
C ALA B 771 -0.99 33.67 7.97
N ASP B 772 -2.28 33.58 7.64
CA ASP B 772 -3.35 33.62 8.64
C ASP B 772 -3.45 32.26 9.32
N PHE B 773 -2.49 31.98 10.22
CA PHE B 773 -2.29 30.66 10.79
C PHE B 773 -3.53 30.08 11.45
N GLU B 774 -4.32 30.89 12.14
CA GLU B 774 -5.61 30.45 12.70
C GLU B 774 -6.39 29.52 11.74
N ASN B 775 -6.43 29.88 10.46
CA ASN B 775 -7.11 29.12 9.44
C ASN B 775 -6.19 28.23 8.61
N SER B 776 -5.04 28.75 8.20
CA SER B 776 -4.13 28.02 7.30
C SER B 776 -3.43 26.84 7.97
N ARG B 777 -3.03 27.00 9.23
CA ARG B 777 -2.38 25.95 10.02
C ARG B 777 -1.14 25.41 9.33
N ILE B 778 -0.37 26.31 8.72
CA ILE B 778 0.89 25.97 8.11
C ILE B 778 1.99 26.90 8.54
N TYR B 779 3.21 26.40 8.45
CA TYR B 779 4.38 27.18 8.70
C TYR B 779 4.61 28.14 7.51
N PRO B 780 5.52 29.11 7.64
CA PRO B 780 5.80 30.00 6.52
C PRO B 780 6.11 29.26 5.23
N GLY B 781 5.57 29.78 4.13
CA GLY B 781 5.61 29.14 2.83
C GLY B 781 4.26 29.31 2.17
N VAL B 782 4.22 29.06 0.86
CA VAL B 782 2.98 29.06 0.07
C VAL B 782 2.60 27.61 -0.17
N PRO B 783 1.35 27.24 0.13
CA PRO B 783 0.89 25.87 -0.11
C PRO B 783 0.44 25.67 -1.55
N GLU B 784 0.31 24.42 -1.97
CA GLU B 784 -0.31 24.11 -3.25
C GLU B 784 -1.70 24.71 -3.36
N TYR B 785 -2.50 24.55 -2.31
CA TYR B 785 -3.79 25.18 -2.28
C TYR B 785 -4.29 25.55 -0.90
N ILE B 786 -5.15 26.57 -0.87
CA ILE B 786 -5.95 26.89 0.30
C ILE B 786 -7.33 26.28 0.03
N ASN B 787 -7.83 25.51 1.00
CA ASN B 787 -9.03 24.69 0.78
C ASN B 787 -10.29 25.37 1.30
N GLU B 788 -11.41 24.65 1.25
CA GLU B 788 -12.72 25.22 1.55
C GLU B 788 -12.82 25.79 2.96
N ARG B 789 -12.05 25.25 3.90
CA ARG B 789 -12.00 25.77 5.27
C ARG B 789 -10.85 26.73 5.53
N GLY B 790 -10.16 27.17 4.50
CA GLY B 790 -9.03 28.08 4.66
C GLY B 790 -7.72 27.44 5.07
N ARG B 791 -7.64 26.11 5.07
CA ARG B 791 -6.41 25.40 5.46
C ARG B 791 -5.41 25.31 4.31
N GLY B 792 -4.13 25.45 4.64
CA GLY B 792 -3.03 25.26 3.68
C GLY B 792 -2.78 23.77 3.45
N MET B 793 -2.80 23.36 2.18
CA MET B 793 -2.62 21.96 1.83
C MET B 793 -1.46 21.77 0.88
N TYR B 794 -0.81 20.61 1.01
CA TYR B 794 0.32 20.16 0.16
C TYR B 794 1.40 21.23 0.19
N THR B 795 2.03 21.33 1.36
CA THR B 795 2.99 22.36 1.66
C THR B 795 4.32 22.12 0.97
N TYR B 796 5.10 23.18 0.87
CA TYR B 796 6.53 23.17 0.49
C TYR B 796 6.87 22.84 -0.98
N LEU B 797 6.37 21.73 -1.51
CA LEU B 797 6.81 21.23 -2.81
C LEU B 797 6.11 21.86 -4.02
N THR B 798 4.94 22.48 -3.83
CA THR B 798 4.23 23.19 -4.94
C THR B 798 5.10 24.08 -5.84
N GLY B 799 4.89 23.95 -7.16
CA GLY B 799 5.52 24.79 -8.16
C GLY B 799 5.11 26.25 -8.14
N SER B 800 4.04 26.57 -7.43
CA SER B 800 3.62 27.96 -7.29
C SER B 800 4.70 28.86 -6.71
N ALA B 801 5.53 28.33 -5.84
CA ALA B 801 6.63 29.08 -5.23
C ALA B 801 7.59 29.60 -6.28
N SER B 802 7.93 28.78 -7.26
CA SER B 802 8.82 29.23 -8.34
C SER B 802 8.26 30.45 -9.04
N TRP B 803 6.98 30.36 -9.37
CA TRP B 803 6.27 31.46 -9.99
C TRP B 803 6.08 32.68 -9.12
N LEU B 804 5.84 32.45 -7.84
CA LEU B 804 5.72 33.54 -6.90
C LEU B 804 7.03 34.29 -6.81
N LEU B 805 8.13 33.54 -6.63
CA LEU B 805 9.49 34.11 -6.60
C LEU B 805 9.79 34.91 -7.87
N LEU B 806 9.52 34.28 -9.00
CA LEU B 806 9.75 34.89 -10.30
C LEU B 806 8.89 36.11 -10.57
N THR B 807 7.65 36.08 -10.12
CA THR B 807 6.76 37.20 -10.32
C THR B 807 7.15 38.39 -9.45
N GLN B 808 7.53 38.14 -8.20
CA GLN B 808 7.98 39.22 -7.30
C GLN B 808 9.24 39.89 -7.86
N LEU B 809 10.16 39.08 -8.35
CA LEU B 809 11.43 39.59 -8.88
C LEU B 809 11.27 40.31 -10.21
N THR B 810 10.61 39.67 -11.17
CA THR B 810 10.64 40.13 -12.57
C THR B 810 9.50 41.06 -12.95
N GLU B 811 8.40 41.01 -12.20
CA GLU B 811 7.25 41.88 -12.46
C GLU B 811 7.05 42.94 -11.39
N VAL B 812 6.93 42.52 -10.13
CA VAL B 812 6.64 43.46 -9.05
C VAL B 812 7.79 44.44 -8.83
N TYR B 813 8.99 43.94 -8.54
CA TYR B 813 10.20 44.79 -8.47
C TYR B 813 10.76 45.11 -9.87
N GLY B 814 10.36 44.33 -10.87
CA GLY B 814 10.63 44.66 -12.27
C GLY B 814 12.06 44.52 -12.71
N VAL B 815 12.80 43.61 -12.07
CA VAL B 815 14.20 43.37 -12.40
C VAL B 815 14.25 42.13 -13.29
N LYS B 816 14.45 42.34 -14.58
CA LYS B 816 14.36 41.26 -15.57
C LYS B 816 15.31 41.53 -16.72
N GLY B 817 15.62 40.48 -17.46
CA GLY B 817 16.45 40.59 -18.65
C GLY B 817 15.68 41.01 -19.88
N ARG B 818 16.39 41.63 -20.82
CA ARG B 818 15.92 41.87 -22.19
C ARG B 818 17.12 41.60 -23.10
N PHE B 819 17.10 40.44 -23.76
CA PHE B 819 18.22 39.92 -24.55
C PHE B 819 19.56 40.07 -23.86
N GLY B 820 19.57 39.76 -22.56
CA GLY B 820 20.77 39.85 -21.74
C GLY B 820 21.04 41.19 -21.09
N ASP B 821 20.42 42.26 -21.61
CA ASP B 821 20.53 43.58 -20.97
C ASP B 821 19.56 43.63 -19.80
N LEU B 822 19.88 44.41 -18.77
CA LEU B 822 19.09 44.48 -17.55
C LEU B 822 18.02 45.54 -17.72
N ARG B 823 16.74 45.16 -17.64
CA ARG B 823 15.62 46.13 -17.66
C ARG B 823 15.11 46.30 -16.23
N LEU B 824 14.88 47.56 -15.84
CA LEU B 824 14.29 47.94 -14.57
C LEU B 824 12.94 48.59 -14.86
N GLU B 825 11.86 47.97 -14.39
CA GLU B 825 10.51 48.49 -14.61
C GLU B 825 9.63 48.24 -13.37
N PRO B 826 9.84 49.03 -12.32
CA PRO B 826 9.10 48.80 -11.07
C PRO B 826 7.58 48.87 -11.22
N LYS B 827 6.89 47.88 -10.68
CA LYS B 827 5.43 47.92 -10.58
C LYS B 827 5.03 47.78 -9.11
N LEU B 828 5.77 48.51 -8.27
CA LEU B 828 5.52 48.54 -6.84
C LEU B 828 4.45 49.56 -6.57
N VAL B 829 3.49 49.22 -5.72
CA VAL B 829 2.52 50.22 -5.22
C VAL B 829 3.09 51.00 -4.03
N GLN B 830 2.58 52.22 -3.84
CA GLN B 830 3.03 53.15 -2.77
C GLN B 830 3.12 52.48 -1.39
N ALA B 831 2.11 51.70 -1.03
CA ALA B 831 2.10 51.04 0.28
C ALA B 831 3.25 50.04 0.48
N GLN B 832 3.97 49.66 -0.57
CA GLN B 832 5.11 48.74 -0.43
C GLN B 832 6.40 49.44 -0.06
N PHE B 833 6.44 50.76 -0.11
CA PHE B 833 7.67 51.46 0.24
C PHE B 833 7.77 51.59 1.76
N ASP B 834 8.98 51.48 2.30
CA ASP B 834 9.18 51.52 3.76
C ASP B 834 9.20 52.97 4.26
N GLY B 835 9.44 53.11 5.57
CA GLY B 835 9.45 54.41 6.25
C GLY B 835 10.39 55.47 5.70
N SER B 836 11.43 55.06 4.97
CA SER B 836 12.31 56.00 4.23
C SER B 836 12.00 56.05 2.72
N GLY B 837 10.79 55.64 2.33
CA GLY B 837 10.36 55.64 0.94
C GLY B 837 11.20 54.77 0.01
N GLU B 838 11.69 53.65 0.55
CA GLU B 838 12.57 52.76 -0.19
C GLU B 838 11.93 51.38 -0.24
N ALA B 839 12.15 50.68 -1.35
CA ALA B 839 11.96 49.23 -1.42
C ALA B 839 13.07 48.65 -2.28
N ALA B 840 13.60 47.50 -1.91
CA ALA B 840 14.80 46.96 -2.57
C ALA B 840 14.74 45.46 -2.83
N VAL B 841 15.56 45.00 -3.76
CA VAL B 841 15.76 43.58 -3.99
C VAL B 841 17.21 43.28 -4.34
N GLU B 842 17.81 42.33 -3.62
CA GLU B 842 19.14 41.80 -3.97
C GLU B 842 18.96 40.58 -4.86
N THR B 843 19.67 40.53 -5.98
CA THR B 843 19.43 39.50 -6.97
C THR B 843 20.66 39.29 -7.82
N LEU B 844 20.74 38.12 -8.43
CA LEU B 844 21.88 37.73 -9.28
C LEU B 844 21.52 38.08 -10.73
N PHE B 845 22.45 38.73 -11.44
CA PHE B 845 22.27 39.03 -12.86
C PHE B 845 23.63 39.18 -13.55
N ALA B 846 23.79 38.49 -14.69
CA ALA B 846 25.08 38.42 -15.40
C ALA B 846 26.24 38.10 -14.43
N GLY B 847 26.01 37.12 -13.58
CA GLY B 847 26.98 36.66 -12.60
C GLY B 847 27.38 37.65 -11.52
N ARG B 848 26.57 38.67 -11.23
CA ARG B 848 26.88 39.64 -10.15
C ARG B 848 25.69 39.85 -9.24
N MET B 849 25.93 39.95 -7.93
CA MET B 849 24.87 40.35 -7.00
C MET B 849 24.64 41.86 -7.09
N LEU B 850 23.39 42.24 -7.34
CA LEU B 850 22.96 43.63 -7.42
C LEU B 850 21.95 43.89 -6.32
N ARG B 851 22.06 45.01 -5.62
CA ARG B 851 21.03 45.49 -4.69
C ARG B 851 20.29 46.62 -5.40
N VAL B 852 19.17 46.31 -6.05
CA VAL B 852 18.38 47.32 -6.71
C VAL B 852 17.47 48.00 -5.68
N VAL B 853 17.80 49.25 -5.33
CA VAL B 853 17.03 50.06 -4.38
C VAL B 853 16.20 51.09 -5.14
N TYR B 854 14.88 51.04 -4.96
CA TYR B 854 13.98 52.03 -5.54
C TYR B 854 13.64 53.08 -4.49
N ARG B 855 13.97 54.34 -4.76
CA ARG B 855 13.65 55.48 -3.90
C ARG B 855 12.43 56.23 -4.44
N ASN B 856 11.43 56.43 -3.60
CA ASN B 856 10.19 57.11 -3.95
C ASN B 856 9.96 58.20 -2.91
N PRO B 857 10.79 59.26 -2.92
CA PRO B 857 10.63 60.33 -1.94
C PRO B 857 9.30 61.07 -2.10
N GLN B 858 8.87 61.30 -3.35
CA GLN B 858 7.58 61.94 -3.64
C GLN B 858 6.35 61.11 -3.20
N ALA B 859 6.55 59.86 -2.78
CA ALA B 859 5.47 58.99 -2.31
C ALA B 859 4.38 58.77 -3.38
N ALA B 860 4.79 58.75 -4.66
CA ALA B 860 3.88 58.60 -5.77
C ALA B 860 3.36 57.17 -5.88
N GLU B 861 2.11 57.04 -6.31
CA GLU B 861 1.51 55.74 -6.60
C GLU B 861 2.04 55.27 -7.96
N HIS B 862 1.98 53.96 -8.22
CA HIS B 862 2.29 53.42 -9.56
C HIS B 862 1.39 54.05 -10.62
N GLY B 863 1.97 54.33 -11.79
CA GLY B 863 1.27 55.04 -12.84
C GLY B 863 1.55 56.53 -12.77
N GLN B 864 1.68 57.07 -11.56
CA GLN B 864 2.13 58.46 -11.36
C GLN B 864 3.64 58.63 -11.26
N TYR B 865 4.45 57.56 -11.21
CA TYR B 865 5.92 57.71 -11.17
C TYR B 865 6.66 57.19 -12.41
N ARG B 866 7.85 57.75 -12.65
CA ARG B 866 8.77 57.32 -13.68
C ARG B 866 10.17 57.18 -13.06
N VAL B 867 11.14 56.73 -13.87
CA VAL B 867 12.56 56.70 -13.45
C VAL B 867 13.18 58.06 -13.75
N ASP B 868 13.72 58.74 -12.73
CA ASP B 868 14.38 60.05 -12.89
C ASP B 868 15.91 59.97 -12.97
N SER B 869 16.51 59.03 -12.25
CA SER B 869 17.95 58.75 -12.37
C SER B 869 18.33 57.41 -11.76
N VAL B 870 19.48 56.91 -12.19
CA VAL B 870 20.04 55.63 -11.75
C VAL B 870 21.55 55.76 -11.57
N SER B 871 22.03 55.45 -10.37
CA SER B 871 23.47 55.42 -10.08
C SER B 871 23.94 54.03 -9.63
N LEU B 872 25.06 53.58 -10.20
CA LEU B 872 25.61 52.24 -9.95
C LEU B 872 26.87 52.33 -9.10
N ASN B 873 26.74 51.86 -7.86
CA ASN B 873 27.79 51.86 -6.84
C ASN B 873 28.46 53.23 -6.60
N GLY B 874 27.79 54.34 -6.97
CA GLY B 874 28.37 55.69 -6.88
C GLY B 874 28.24 56.56 -8.11
N GLN B 875 28.81 56.12 -9.24
CA GLN B 875 28.78 56.87 -10.52
C GLN B 875 27.44 56.69 -11.26
N SER B 876 27.20 57.57 -12.24
CA SER B 876 25.89 57.68 -12.91
C SER B 876 25.78 56.64 -14.03
N VAL B 877 24.55 56.30 -14.44
CA VAL B 877 24.30 55.30 -15.50
C VAL B 877 23.32 55.78 -16.58
N ASP B 878 23.70 55.55 -17.84
CA ASP B 878 22.83 55.78 -19.00
C ASP B 878 21.78 54.69 -19.04
N CYS B 879 20.51 55.09 -19.19
CA CYS B 879 19.38 54.16 -19.32
C CYS B 879 18.83 54.18 -20.75
N GLN B 880 19.45 53.40 -21.64
CA GLN B 880 19.24 53.54 -23.09
C GLN B 880 17.85 53.11 -23.55
N ASN B 881 16.82 53.85 -23.12
CA ASN B 881 15.41 53.49 -23.29
C ASN B 881 14.55 54.41 -22.43
N ASP B 882 13.66 55.17 -23.04
CA ASP B 882 12.56 55.84 -22.33
C ASP B 882 11.39 54.87 -22.06
N GLY B 883 10.98 54.12 -23.09
CA GLY B 883 9.65 53.46 -23.16
C GLY B 883 9.46 52.22 -22.31
N ALA B 884 8.28 52.14 -21.67
CA ALA B 884 8.03 51.30 -20.46
C ALA B 884 9.03 51.44 -19.27
N GLY B 885 10.25 50.96 -19.45
CA GLY B 885 11.27 51.00 -18.39
C GLY B 885 12.65 51.46 -18.83
N CYS B 886 13.53 51.57 -17.84
CA CYS B 886 14.94 51.90 -18.05
C CYS B 886 15.75 50.64 -18.37
N LEU B 887 16.63 50.71 -19.37
CA LEU B 887 17.35 49.55 -19.90
C LEU B 887 18.87 49.74 -19.80
N ILE B 888 19.54 48.90 -19.01
CA ILE B 888 20.99 48.99 -18.76
C ILE B 888 21.72 47.89 -19.52
N GLY B 889 22.79 48.26 -20.22
CA GLY B 889 23.57 47.32 -21.04
C GLY B 889 24.34 46.31 -20.21
N ARG B 890 24.38 45.07 -20.70
CA ARG B 890 24.96 43.95 -19.96
C ARG B 890 26.42 44.16 -19.51
N SER B 891 27.21 44.78 -20.37
CA SER B 891 28.65 45.00 -20.13
C SER B 891 28.95 45.76 -18.84
N LEU B 892 28.16 46.80 -18.55
CA LEU B 892 28.32 47.61 -17.33
C LEU B 892 28.21 46.75 -16.06
N ILE B 893 27.34 45.74 -16.11
CA ILE B 893 27.17 44.83 -14.98
C ILE B 893 28.34 43.85 -14.96
N GLU B 894 28.66 43.28 -16.13
CA GLU B 894 29.77 42.33 -16.27
C GLU B 894 31.12 42.93 -15.87
N ALA B 895 31.31 44.23 -16.11
CA ALA B 895 32.52 44.96 -15.69
C ALA B 895 32.73 45.10 -14.17
N LEU B 896 31.69 44.86 -13.37
CA LEU B 896 31.77 44.92 -11.90
C LEU B 896 32.68 43.81 -11.32
N PRO B 897 33.24 44.02 -10.10
CA PRO B 897 33.91 42.93 -9.38
C PRO B 897 33.01 41.72 -9.10
N ALA B 898 33.58 40.51 -9.13
CA ALA B 898 32.82 39.27 -8.87
C ALA B 898 32.30 39.23 -7.43
N ASP B 899 33.21 39.39 -6.46
CA ASP B 899 32.82 39.44 -5.04
C ASP B 899 32.04 40.72 -4.72
N GLY B 900 31.27 40.68 -3.64
CA GLY B 900 30.53 41.84 -3.14
C GLY B 900 29.15 42.02 -3.75
N VAL B 901 28.30 42.77 -3.03
CA VAL B 901 26.96 43.14 -3.48
C VAL B 901 26.98 44.61 -3.95
N HIS B 902 26.68 44.84 -5.22
CA HIS B 902 26.81 46.17 -5.84
C HIS B 902 25.47 46.90 -5.88
N GLU B 903 25.43 48.08 -5.26
CA GLU B 903 24.19 48.83 -5.08
C GLU B 903 23.86 49.62 -6.35
N LEU B 904 22.60 49.54 -6.77
CA LEU B 904 22.10 50.24 -7.96
C LEU B 904 20.85 51.00 -7.53
N ILE B 905 21.00 52.31 -7.35
CA ILE B 905 19.96 53.16 -6.78
C ILE B 905 19.14 53.82 -7.89
N VAL B 906 17.85 53.51 -7.94
CA VAL B 906 16.92 54.02 -8.93
C VAL B 906 16.01 55.02 -8.24
N THR B 907 16.11 56.30 -8.64
CA THR B 907 15.31 57.38 -8.06
C THR B 907 14.07 57.61 -8.92
N LEU B 908 12.90 57.57 -8.27
CA LEU B 908 11.60 57.74 -8.92
C LEU B 908 10.96 59.08 -8.58
N GLY B 909 10.40 59.74 -9.59
CA GLY B 909 9.67 60.99 -9.40
C GLY B 909 8.42 61.07 -10.25
N ARG B 910 7.64 62.13 -10.02
CA ARG B 910 6.38 62.40 -10.73
C ARG B 910 6.61 63.09 -12.06
S SO4 C . -25.02 -12.35 26.92
O1 SO4 C . -25.26 -13.48 27.84
O2 SO4 C . -23.81 -12.62 26.09
O3 SO4 C . -26.20 -12.18 26.04
O4 SO4 C . -24.84 -11.13 27.73
C1 G1P D . 0.31 -21.95 3.47
C2 G1P D . -0.44 -22.00 2.13
C3 G1P D . -0.27 -23.35 1.45
C4 G1P D . 1.21 -23.68 1.27
C5 G1P D . 1.99 -23.48 2.58
C6 G1P D . 3.49 -23.63 2.37
O1 G1P D . -0.18 -22.95 4.37
O2 G1P D . -1.83 -21.70 2.32
O3 G1P D . -0.90 -23.32 0.17
O4 G1P D . 1.34 -25.03 0.81
O5 G1P D . 1.69 -22.20 3.18
O6 G1P D . 4.00 -22.64 1.47
P G1P D . -1.43 -22.79 5.39
O1P G1P D . -1.00 -23.67 6.53
O2P G1P D . -2.62 -23.34 4.62
O3P G1P D . -1.58 -21.34 5.75
C1 EDO E . -6.56 18.50 6.61
O1 EDO E . -7.93 18.71 6.20
C2 EDO E . -6.18 17.01 6.67
O2 EDO E . -6.09 16.41 5.39
C1 EDO F . 4.22 -10.30 15.61
O1 EDO F . 4.69 -10.63 14.30
C2 EDO F . 4.63 -11.40 16.60
O2 EDO F . 6.00 -11.82 16.38
C1 EDO G . 2.01 -49.29 17.74
O1 EDO G . 1.01 -49.08 18.74
C2 EDO G . 3.30 -48.58 18.16
O2 EDO G . 3.51 -47.40 17.39
CL CL H . -5.58 -13.42 -3.62
CL CL I . -5.39 7.95 36.31
S SO4 J . 21.06 26.43 18.90
O1 SO4 J . 21.30 25.34 19.85
O2 SO4 J . 22.23 26.55 18.01
O3 SO4 J . 20.84 27.69 19.63
O4 SO4 J . 19.83 26.11 18.10
C1 G1P K . 0.28 20.30 -9.31
C2 G1P K . 1.22 19.66 -10.34
C3 G1P K . 1.22 20.48 -11.64
C4 G1P K . -0.21 20.56 -12.18
C5 G1P K . -1.19 21.03 -11.10
C6 G1P K . -2.66 20.99 -11.54
O1 G1P K . 0.64 21.65 -8.98
O2 G1P K . 2.55 19.48 -9.78
O3 G1P K . 2.10 19.90 -12.62
O4 G1P K . -0.27 21.45 -13.31
O5 G1P K . -1.04 20.24 -9.89
O6 G1P K . -3.05 19.67 -11.91
P G1P K . 1.67 22.09 -7.82
O1P G1P K . 1.59 21.07 -6.72
O2P G1P K . 1.26 23.47 -7.38
O3P G1P K . 3.00 22.04 -8.54
C1 EDO L . 10.15 38.82 -28.49
O1 EDO L . 11.04 39.86 -28.06
C2 EDO L . 10.32 37.56 -27.63
O2 EDO L . 10.29 37.86 -26.23
C1 EDO M . 2.67 41.09 -2.85
O1 EDO M . 2.18 41.67 -1.63
C2 EDO M . 3.70 42.01 -3.51
O2 EDO M . 4.98 41.89 -2.88
C1 EDO N . 5.60 1.08 13.79
O1 EDO N . 4.80 -0.10 13.67
C2 EDO N . 6.04 1.61 12.43
O2 EDO N . 7.35 1.14 12.06
C1 EDO O . -3.09 50.40 -11.77
O1 EDO O . -3.88 49.38 -12.39
C2 EDO O . -2.26 51.18 -12.79
O2 EDO O . -1.03 51.57 -12.16
CL CL P . 6.87 9.76 -9.47
CL CL Q . -0.36 13.86 35.15
#